data_3V07
# 
_entry.id   3V07 
# 
_audit_conform.dict_name       mmcif_pdbx.dic 
_audit_conform.dict_version    5.379 
_audit_conform.dict_location   http://mmcif.pdb.org/dictionaries/ascii/mmcif_pdbx.dic 
# 
loop_
_database_2.database_id 
_database_2.database_code 
_database_2.pdbx_database_accession 
_database_2.pdbx_DOI 
PDB   3V07         pdb_00003v07 10.2210/pdb3v07/pdb 
NDB   NA1503       ?            ?                   
RCSB  RCSB069429   ?            ?                   
WWPDB D_1000069429 ?            ?                   
# 
_pdbx_database_related.db_name        PDB 
_pdbx_database_related.db_id          3V06 
_pdbx_database_related.details        . 
_pdbx_database_related.content_type   unspecified 
# 
_pdbx_database_status.status_code                     REL 
_pdbx_database_status.entry_id                        3V07 
_pdbx_database_status.recvd_initial_deposition_date   2011-12-07 
_pdbx_database_status.deposit_site                    RCSB 
_pdbx_database_status.process_site                    RCSB 
_pdbx_database_status.status_code_sf                  REL 
_pdbx_database_status.status_code_mr                  ? 
_pdbx_database_status.SG_entry                        ? 
_pdbx_database_status.status_code_cs                  ? 
_pdbx_database_status.methods_development_category    ? 
_pdbx_database_status.pdb_format_compatible           Y 
_pdbx_database_status.status_code_nmr_data            ? 
# 
loop_
_audit_author.name 
_audit_author.pdbx_ordinal 
'Pallan, P.S.' 1 
'Egli, M.'     2 
# 
_citation.id                        primary 
_citation.title                     
;Insights from crystal structures into the opposite effects on RNA affinity caused by the s- and R-6'-methyl backbone modifications of 3'-fluoro hexitol nucleic Acid.
;
_citation.journal_abbrev            Biochemistry 
_citation.journal_volume            51 
_citation.page_first                7 
_citation.page_last                 9 
_citation.year                      2012 
_citation.journal_id_ASTM           BICHAW 
_citation.country                   US 
_citation.journal_id_ISSN           0006-2960 
_citation.journal_id_CSD            0033 
_citation.book_publisher            ? 
_citation.pdbx_database_id_PubMed   22229409 
_citation.pdbx_database_id_DOI      10.1021/bi201810r 
# 
loop_
_citation_author.citation_id 
_citation_author.name 
_citation_author.ordinal 
_citation_author.identifier_ORCID 
primary 'Pallan, P.S.'   1 ? 
primary 'Yu, J.'         2 ? 
primary 'Allerson, C.R.' 3 ? 
primary 'Swayze, E.E.'   4 ? 
primary 'Seth, P.'       5 ? 
primary 'Egli, M.'       6 ? 
# 
_cell.entry_id           3V07 
_cell.length_a           27.302 
_cell.length_b           43.481 
_cell.length_c           45.530 
_cell.angle_alpha        90.00 
_cell.angle_beta         90.00 
_cell.angle_gamma        90.00 
_cell.Z_PDB              8 
_cell.pdbx_unique_axis   ? 
_cell.length_a_esd       ? 
_cell.length_b_esd       ? 
_cell.length_c_esd       ? 
_cell.angle_alpha_esd    ? 
_cell.angle_beta_esd     ? 
_cell.angle_gamma_esd    ? 
# 
_symmetry.entry_id                         3V07 
_symmetry.space_group_name_H-M             'P 21 21 21' 
_symmetry.pdbx_full_space_group_name_H-M   ? 
_symmetry.cell_setting                     ? 
_symmetry.Int_Tables_number                19 
_symmetry.space_group_name_Hall            ? 
# 
loop_
_entity.id 
_entity.type 
_entity.src_method 
_entity.pdbx_description 
_entity.formula_weight 
_entity.pdbx_number_of_molecules 
_entity.pdbx_ec 
_entity.pdbx_mutation 
_entity.pdbx_fragment 
_entity.details 
1 polymer syn 
;DNA (5'-D(*GP*CP*GP*TP*AP*(F6H)P*AP*CP*GP*C)-3')
;
3091.049 2  ? ? ? ? 
2 water   nat water                                              18.015   80 ? ? ? ? 
# 
_entity_poly.entity_id                      1 
_entity_poly.type                           polydeoxyribonucleotide 
_entity_poly.nstd_linkage                   no 
_entity_poly.nstd_monomer                   yes 
_entity_poly.pdbx_seq_one_letter_code       '(DG)(DC)(DG)(DT)(DA)(F6H)(DA)(DC)(DG)(DC)' 
_entity_poly.pdbx_seq_one_letter_code_can   GCGTAXACGC 
_entity_poly.pdbx_strand_id                 A,B 
_entity_poly.pdbx_target_identifier         ? 
# 
loop_
_entity_poly_seq.entity_id 
_entity_poly_seq.num 
_entity_poly_seq.mon_id 
_entity_poly_seq.hetero 
1 1  DG  n 
1 2  DC  n 
1 3  DG  n 
1 4  DT  n 
1 5  DA  n 
1 6  F6H n 
1 7  DA  n 
1 8  DC  n 
1 9  DG  n 
1 10 DC  n 
# 
_struct_ref.id                         1 
_struct_ref.db_name                    PDB 
_struct_ref.db_code                    3V07 
_struct_ref.pdbx_db_accession          3V07 
_struct_ref.entity_id                  1 
_struct_ref.pdbx_db_isoform            ? 
_struct_ref.pdbx_seq_one_letter_code   ? 
_struct_ref.pdbx_align_begin           ? 
# 
loop_
_struct_ref_seq.align_id 
_struct_ref_seq.ref_id 
_struct_ref_seq.pdbx_PDB_id_code 
_struct_ref_seq.pdbx_strand_id 
_struct_ref_seq.seq_align_beg 
_struct_ref_seq.pdbx_seq_align_beg_ins_code 
_struct_ref_seq.seq_align_end 
_struct_ref_seq.pdbx_seq_align_end_ins_code 
_struct_ref_seq.pdbx_db_accession 
_struct_ref_seq.db_align_beg 
_struct_ref_seq.pdbx_db_align_beg_ins_code 
_struct_ref_seq.db_align_end 
_struct_ref_seq.pdbx_db_align_end_ins_code 
_struct_ref_seq.pdbx_auth_seq_align_beg 
_struct_ref_seq.pdbx_auth_seq_align_end 
1 1 3V07 A 1 ? 10 ? 3V07 101 ? 110 ? 101 110 
2 1 3V07 B 1 ? 10 ? 3V07 201 ? 210 ? 201 210 
# 
loop_
_chem_comp.id 
_chem_comp.type 
_chem_comp.mon_nstd_flag 
_chem_comp.name 
_chem_comp.pdbx_synonyms 
_chem_comp.formula 
_chem_comp.formula_weight 
DA  'DNA linking' y "2'-DEOXYADENOSINE-5'-MONOPHOSPHATE" ? 'C10 H14 N5 O6 P'   331.222 
DC  'DNA linking' y "2'-DEOXYCYTIDINE-5'-MONOPHOSPHATE" ? 'C9 H14 N3 O7 P'    307.197 
DG  'DNA linking' y "2'-DEOXYGUANOSINE-5'-MONOPHOSPHATE" ? 'C10 H14 N5 O7 P'   347.221 
DT  'DNA linking' y "THYMIDINE-5'-MONOPHOSPHATE" ? 'C10 H15 N2 O8 P'   322.208 
F6H 'DNA linking' . 
'3,7-anhydro-1,5,6-trideoxy-5-fluoro-6-(5-methyl-2,4-dioxo-3,4-dihydropyrimidin-1(2H)-yl)-2-O-phosphono-D-glycero-L-allo-heptitol' 
? 'C12 H18 F N2 O8 P' 368.252 
HOH non-polymer   . WATER ? 'H2 O'              18.015  
# 
_exptl.entry_id          3V07 
_exptl.method            'X-RAY DIFFRACTION' 
_exptl.crystals_number   1 
# 
_exptl_crystal.id                    1 
_exptl_crystal.density_meas          ? 
_exptl_crystal.density_Matthews      2.19 
_exptl_crystal.density_percent_sol   43.73 
_exptl_crystal.description           ? 
_exptl_crystal.F_000                 ? 
_exptl_crystal.preparation           ? 
# 
_exptl_crystal_grow.crystal_id      1 
_exptl_crystal_grow.method          'VAPOR DIFFUSION, HANGING DROP' 
_exptl_crystal_grow.temp            291 
_exptl_crystal_grow.temp_details    ? 
_exptl_crystal_grow.pH              6.0 
_exptl_crystal_grow.pdbx_details    
;40 mM sodium cacodylate, 80 mM sodium chloride, 12 mM spermine tetrahydrochloride, 10% v/v MPD, pH 6.0, VAPOR DIFFUSION, HANGING DROP, temperature 291K
;
_exptl_crystal_grow.pdbx_pH_range   ? 
# 
_diffrn.id                     1 
_diffrn.ambient_temp           100 
_diffrn.ambient_temp_details   ? 
_diffrn.crystal_id             1 
# 
_diffrn_detector.diffrn_id              1 
_diffrn_detector.detector               CCD 
_diffrn_detector.type                   'MARMOSAIC 300 mm CCD' 
_diffrn_detector.pdbx_collection_date   2010-07-01 
_diffrn_detector.details                ? 
# 
_diffrn_radiation.diffrn_id                        1 
_diffrn_radiation.wavelength_id                    1 
_diffrn_radiation.pdbx_monochromatic_or_laue_m_l   M 
_diffrn_radiation.monochromator                    'C(111)' 
_diffrn_radiation.pdbx_diffrn_protocol             'SINGLE WAVELENGTH' 
_diffrn_radiation.pdbx_scattering_type             x-ray 
# 
_diffrn_radiation_wavelength.id           1 
_diffrn_radiation_wavelength.wavelength   0.9785 
_diffrn_radiation_wavelength.wt           1.0 
# 
_diffrn_source.diffrn_id                   1 
_diffrn_source.source                      SYNCHROTRON 
_diffrn_source.type                        'APS BEAMLINE 21-ID-G' 
_diffrn_source.pdbx_synchrotron_site       APS 
_diffrn_source.pdbx_synchrotron_beamline   21-ID-G 
_diffrn_source.pdbx_wavelength             ? 
_diffrn_source.pdbx_wavelength_list        0.9785 
# 
_reflns.entry_id                     3V07 
_reflns.observed_criterion_sigma_I   0 
_reflns.observed_criterion_sigma_F   0 
_reflns.d_resolution_low             31.45 
_reflns.d_resolution_high            1.24 
_reflns.number_obs                   15617 
_reflns.number_all                   15944 
_reflns.percent_possible_obs         97.9 
_reflns.pdbx_Rmerge_I_obs            0.05 
_reflns.pdbx_Rsym_value              ? 
_reflns.pdbx_netI_over_sigmaI        47 
_reflns.B_iso_Wilson_estimate        ? 
_reflns.pdbx_redundancy              6.8 
_reflns.R_free_details               ? 
_reflns.limit_h_max                  ? 
_reflns.limit_h_min                  ? 
_reflns.limit_k_max                  ? 
_reflns.limit_k_min                  ? 
_reflns.limit_l_max                  ? 
_reflns.limit_l_min                  ? 
_reflns.observed_criterion_F_max     ? 
_reflns.observed_criterion_F_min     ? 
_reflns.pdbx_chi_squared             ? 
_reflns.pdbx_scaling_rejects         ? 
_reflns.pdbx_ordinal                 1 
_reflns.pdbx_diffrn_id               1 
# 
_reflns_shell.d_res_high             1.24 
_reflns_shell.d_res_low              1.27 
_reflns_shell.percent_possible_all   88.1 
_reflns_shell.Rmerge_I_obs           ? 
_reflns_shell.pdbx_Rsym_value        ? 
_reflns_shell.meanI_over_sigI_obs    ? 
_reflns_shell.pdbx_redundancy        ? 
_reflns_shell.percent_possible_obs   ? 
_reflns_shell.number_unique_all      ? 
_reflns_shell.number_measured_all    ? 
_reflns_shell.number_measured_obs    ? 
_reflns_shell.number_unique_obs      ? 
_reflns_shell.pdbx_chi_squared       ? 
_reflns_shell.pdbx_ordinal           1 
_reflns_shell.pdbx_diffrn_id         1 
# 
_refine.entry_id                                 3V07 
_refine.ls_number_reflns_obs                     14841 
_refine.ls_number_reflns_all                     15944 
_refine.pdbx_ls_sigma_I                          0 
_refine.pdbx_ls_sigma_F                          0 
_refine.pdbx_data_cutoff_high_absF               ? 
_refine.pdbx_data_cutoff_low_absF                ? 
_refine.pdbx_data_cutoff_high_rms_absF           ? 
_refine.ls_d_res_low                             31.45 
_refine.ls_d_res_high                            1.24 
_refine.ls_percent_reflns_obs                    98.17 
_refine.ls_R_factor_obs                          0.16169 
_refine.ls_R_factor_all                          ? 
_refine.ls_R_factor_R_work                       0.15941 
_refine.ls_R_factor_R_free                       0.20723 
_refine.ls_R_factor_R_free_error                 ? 
_refine.ls_R_factor_R_free_error_details         ? 
_refine.ls_percent_reflns_R_free                 5.0 
_refine.ls_number_reflns_R_free                  776 
_refine.ls_number_parameters                     ? 
_refine.ls_number_restraints                     ? 
_refine.occupancy_min                            ? 
_refine.occupancy_max                            ? 
_refine.correlation_coeff_Fo_to_Fc               0.971 
_refine.correlation_coeff_Fo_to_Fc_free          0.953 
_refine.B_iso_mean                               18.337 
_refine.aniso_B[1][1]                            1.61 
_refine.aniso_B[2][2]                            -1.03 
_refine.aniso_B[3][3]                            -0.58 
_refine.aniso_B[1][2]                            0.00 
_refine.aniso_B[1][3]                            0.00 
_refine.aniso_B[2][3]                            0.00 
_refine.solvent_model_details                    MASK 
_refine.solvent_model_param_ksol                 ? 
_refine.solvent_model_param_bsol                 ? 
_refine.pdbx_solvent_vdw_probe_radii             1.40 
_refine.pdbx_solvent_ion_probe_radii             0.80 
_refine.pdbx_solvent_shrinkage_radii             0.80 
_refine.pdbx_ls_cross_valid_method               THROUGHOUT 
_refine.details                                  ? 
_refine.pdbx_starting_model                      'PDB ENTRY 3EY2' 
_refine.pdbx_method_to_determine_struct          'MOLECULAR REPLACEMENT' 
_refine.pdbx_isotropic_thermal_model             ? 
_refine.pdbx_stereochemistry_target_values       'MAXIMUM LIKELIHOOD' 
_refine.pdbx_stereochem_target_val_spec_case     ? 
_refine.pdbx_R_Free_selection_details            RANDOM 
_refine.pdbx_overall_ESU_R                       0.044 
_refine.pdbx_overall_ESU_R_Free                  0.048 
_refine.overall_SU_ML                            0.027 
_refine.pdbx_overall_phase_error                 ? 
_refine.overall_SU_B                             1.361 
_refine.overall_SU_R_Cruickshank_DPI             ? 
_refine.ls_redundancy_reflns_obs                 ? 
_refine.B_iso_min                                ? 
_refine.B_iso_max                                ? 
_refine.overall_SU_R_free                        ? 
_refine.ls_wR_factor_R_free                      ? 
_refine.ls_wR_factor_R_work                      ? 
_refine.overall_FOM_free_R_set                   ? 
_refine.overall_FOM_work_R_set                   ? 
_refine.pdbx_diffrn_id                           1 
_refine.pdbx_refine_id                           'X-RAY DIFFRACTION' 
_refine.pdbx_TLS_residual_ADP_flag               ? 
_refine.pdbx_overall_SU_R_free_Cruickshank_DPI   ? 
_refine.pdbx_overall_SU_R_Blow_DPI               ? 
_refine.pdbx_overall_SU_R_free_Blow_DPI          ? 
# 
_refine_hist.pdbx_refine_id                   'X-RAY DIFFRACTION' 
_refine_hist.cycle_id                         LAST 
_refine_hist.pdbx_number_atoms_protein        0 
_refine_hist.pdbx_number_atoms_nucleic_acid   410 
_refine_hist.pdbx_number_atoms_ligand         0 
_refine_hist.number_atoms_solvent             80 
_refine_hist.number_atoms_total               490 
_refine_hist.d_res_high                       1.24 
_refine_hist.d_res_low                        31.45 
# 
loop_
_refine_ls_restr.type 
_refine_ls_restr.dev_ideal 
_refine_ls_restr.dev_ideal_target 
_refine_ls_restr.weight 
_refine_ls_restr.number 
_refine_ls_restr.pdbx_restraint_function 
_refine_ls_restr.pdbx_refine_id 
r_bond_refined_d     0.036 0.021 ? 454 ? 'X-RAY DIFFRACTION' 
r_angle_refined_deg  2.608 3.000 ? 688 ? 'X-RAY DIFFRACTION' 
r_chiral_restr       0.411 0.200 ? 82  ? 'X-RAY DIFFRACTION' 
r_gen_planes_refined 0.035 0.020 ? 210 ? 'X-RAY DIFFRACTION' 
r_scbond_it          3.110 3.000 ? 454 ? 'X-RAY DIFFRACTION' 
r_scangle_it         3.896 4.500 ? 688 ? 'X-RAY DIFFRACTION' 
r_rigid_bond_restr   2.778 3.000 ? 454 ? 'X-RAY DIFFRACTION' 
# 
_refine_ls_shell.pdbx_total_number_of_bins_used   20 
_refine_ls_shell.d_res_high                       1.24 
_refine_ls_shell.d_res_low                        1.273 
_refine_ls_shell.number_reflns_R_work             959 
_refine_ls_shell.R_factor_R_work                  0.205 
_refine_ls_shell.percent_reflns_obs               88.12 
_refine_ls_shell.R_factor_R_free                  0.250 
_refine_ls_shell.R_factor_R_free_error            ? 
_refine_ls_shell.percent_reflns_R_free            ? 
_refine_ls_shell.number_reflns_R_free             57 
_refine_ls_shell.number_reflns_all                ? 
_refine_ls_shell.R_factor_all                     ? 
_refine_ls_shell.number_reflns_obs                ? 
_refine_ls_shell.redundancy_reflns_obs            ? 
_refine_ls_shell.pdbx_refine_id                   'X-RAY DIFFRACTION' 
# 
_struct.entry_id                  3V07 
_struct.title                     
;Crystal structure of R-6'-Me-3'-fluoro hexitol nucleic acid
;
_struct.pdbx_model_details        ? 
_struct.pdbx_CASP_flag            ? 
_struct.pdbx_model_type_details   ? 
# 
_struct_keywords.entry_id        3V07 
_struct_keywords.pdbx_keywords   DNA 
_struct_keywords.text            
;A-form DNA, 3'-fluoro hexitol nucleic acid, FHNA, R-6'-Me-FHNA, antisense oligonucleotides, DNA
;
# 
loop_
_struct_asym.id 
_struct_asym.pdbx_blank_PDB_chainid_flag 
_struct_asym.pdbx_modified 
_struct_asym.entity_id 
_struct_asym.details 
A N N 1 ? 
B N N 1 ? 
C N N 2 ? 
D N N 2 ? 
# 
_struct_biol.id        1 
_struct_biol.details   ? 
# 
loop_
_struct_conn.id 
_struct_conn.conn_type_id 
_struct_conn.pdbx_leaving_atom_flag 
_struct_conn.pdbx_PDB_id 
_struct_conn.ptnr1_label_asym_id 
_struct_conn.ptnr1_label_comp_id 
_struct_conn.ptnr1_label_seq_id 
_struct_conn.ptnr1_label_atom_id 
_struct_conn.pdbx_ptnr1_label_alt_id 
_struct_conn.pdbx_ptnr1_PDB_ins_code 
_struct_conn.pdbx_ptnr1_standard_comp_id 
_struct_conn.ptnr1_symmetry 
_struct_conn.ptnr2_label_asym_id 
_struct_conn.ptnr2_label_comp_id 
_struct_conn.ptnr2_label_seq_id 
_struct_conn.ptnr2_label_atom_id 
_struct_conn.pdbx_ptnr2_label_alt_id 
_struct_conn.pdbx_ptnr2_PDB_ins_code 
_struct_conn.ptnr1_auth_asym_id 
_struct_conn.ptnr1_auth_comp_id 
_struct_conn.ptnr1_auth_seq_id 
_struct_conn.ptnr2_auth_asym_id 
_struct_conn.ptnr2_auth_comp_id 
_struct_conn.ptnr2_auth_seq_id 
_struct_conn.ptnr2_symmetry 
_struct_conn.pdbx_ptnr3_label_atom_id 
_struct_conn.pdbx_ptnr3_label_seq_id 
_struct_conn.pdbx_ptnr3_label_comp_id 
_struct_conn.pdbx_ptnr3_label_asym_id 
_struct_conn.pdbx_ptnr3_label_alt_id 
_struct_conn.pdbx_ptnr3_PDB_ins_code 
_struct_conn.details 
_struct_conn.pdbx_dist_value 
_struct_conn.pdbx_value_order 
_struct_conn.pdbx_role 
covale1  covale both ? A DA  5  "O3'" ? ? ? 1_555 A F6H 6  P  ? ? A DA  105 A F6H 106 1_555 ? ? ? ? ? ? ?            1.603 ? ? 
covale2  covale both ? A F6H 6  "O4'" ? ? ? 1_555 A DA  7  P  ? ? A F6H 106 A DA  107 1_555 ? ? ? ? ? ? ?            1.589 ? ? 
covale3  covale both ? B DA  5  "O3'" ? ? ? 1_555 B F6H 6  P  ? ? B DA  205 B F6H 206 1_555 ? ? ? ? ? ? ?            1.614 ? ? 
covale4  covale both ? B F6H 6  "O4'" ? ? ? 1_555 B DA  7  P  ? ? B F6H 206 B DA  207 1_555 ? ? ? ? ? ? ?            1.584 ? ? 
hydrog1  hydrog ?    ? A DG  1  N1    ? ? ? 1_555 B DC  10 N3 ? ? A DG  101 B DC  210 1_555 ? ? ? ? ? ? WATSON-CRICK ?     ? ? 
hydrog2  hydrog ?    ? A DG  1  N2    ? ? ? 1_555 B DC  10 O2 ? ? A DG  101 B DC  210 1_555 ? ? ? ? ? ? WATSON-CRICK ?     ? ? 
hydrog3  hydrog ?    ? A DG  1  O6    ? ? ? 1_555 B DC  10 N4 ? ? A DG  101 B DC  210 1_555 ? ? ? ? ? ? WATSON-CRICK ?     ? ? 
hydrog4  hydrog ?    ? A DC  2  N3    ? ? ? 1_555 B DG  9  N1 ? ? A DC  102 B DG  209 1_555 ? ? ? ? ? ? WATSON-CRICK ?     ? ? 
hydrog5  hydrog ?    ? A DC  2  N4    ? ? ? 1_555 B DG  9  O6 ? ? A DC  102 B DG  209 1_555 ? ? ? ? ? ? WATSON-CRICK ?     ? ? 
hydrog6  hydrog ?    ? A DC  2  O2    ? ? ? 1_555 B DG  9  N2 ? ? A DC  102 B DG  209 1_555 ? ? ? ? ? ? WATSON-CRICK ?     ? ? 
hydrog7  hydrog ?    ? A DG  3  N1    ? ? ? 1_555 B DC  8  N3 ? ? A DG  103 B DC  208 1_555 ? ? ? ? ? ? WATSON-CRICK ?     ? ? 
hydrog8  hydrog ?    ? A DG  3  N2    ? ? ? 1_555 B DC  8  O2 ? ? A DG  103 B DC  208 1_555 ? ? ? ? ? ? WATSON-CRICK ?     ? ? 
hydrog9  hydrog ?    ? A DG  3  O6    ? ? ? 1_555 B DC  8  N4 ? ? A DG  103 B DC  208 1_555 ? ? ? ? ? ? WATSON-CRICK ?     ? ? 
hydrog10 hydrog ?    ? A DT  4  N3    ? ? ? 1_555 B DA  7  N1 ? ? A DT  104 B DA  207 1_555 ? ? ? ? ? ? WATSON-CRICK ?     ? ? 
hydrog11 hydrog ?    ? A DT  4  O4    ? ? ? 1_555 B DA  7  N6 ? ? A DT  104 B DA  207 1_555 ? ? ? ? ? ? WATSON-CRICK ?     ? ? 
hydrog12 hydrog ?    ? A DA  7  N1    ? ? ? 1_555 B DT  4  N3 ? ? A DA  107 B DT  204 1_555 ? ? ? ? ? ? WATSON-CRICK ?     ? ? 
hydrog13 hydrog ?    ? A DA  7  N6    ? ? ? 1_555 B DT  4  O4 ? ? A DA  107 B DT  204 1_555 ? ? ? ? ? ? WATSON-CRICK ?     ? ? 
hydrog14 hydrog ?    ? A DC  8  N3    ? ? ? 1_555 B DG  3  N1 ? ? A DC  108 B DG  203 1_555 ? ? ? ? ? ? WATSON-CRICK ?     ? ? 
hydrog15 hydrog ?    ? A DC  8  N4    ? ? ? 1_555 B DG  3  O6 ? ? A DC  108 B DG  203 1_555 ? ? ? ? ? ? WATSON-CRICK ?     ? ? 
hydrog16 hydrog ?    ? A DC  8  O2    ? ? ? 1_555 B DG  3  N2 ? ? A DC  108 B DG  203 1_555 ? ? ? ? ? ? WATSON-CRICK ?     ? ? 
hydrog17 hydrog ?    ? A DG  9  N1    ? ? ? 1_555 B DC  2  N3 ? ? A DG  109 B DC  202 1_555 ? ? ? ? ? ? WATSON-CRICK ?     ? ? 
hydrog18 hydrog ?    ? A DG  9  N2    ? ? ? 1_555 B DC  2  O2 ? ? A DG  109 B DC  202 1_555 ? ? ? ? ? ? WATSON-CRICK ?     ? ? 
hydrog19 hydrog ?    ? A DG  9  O6    ? ? ? 1_555 B DC  2  N4 ? ? A DG  109 B DC  202 1_555 ? ? ? ? ? ? WATSON-CRICK ?     ? ? 
hydrog20 hydrog ?    ? A DC  10 N3    ? ? ? 1_555 B DG  1  N1 ? ? A DC  110 B DG  201 1_555 ? ? ? ? ? ? WATSON-CRICK ?     ? ? 
hydrog21 hydrog ?    ? A DC  10 N4    ? ? ? 1_555 B DG  1  O6 ? ? A DC  110 B DG  201 1_555 ? ? ? ? ? ? WATSON-CRICK ?     ? ? 
hydrog22 hydrog ?    ? A DC  10 O2    ? ? ? 1_555 B DG  1  N2 ? ? A DC  110 B DG  201 1_555 ? ? ? ? ? ? WATSON-CRICK ?     ? ? 
# 
loop_
_struct_conn_type.id 
_struct_conn_type.criteria 
_struct_conn_type.reference 
covale ? ? 
hydrog ? ? 
# 
_atom_sites.entry_id                    3V07 
_atom_sites.fract_transf_matrix[1][1]   -0.02898716 
_atom_sites.fract_transf_matrix[1][2]   -0.02107159 
_atom_sites.fract_transf_matrix[1][3]   -0.00756768 
_atom_sites.fract_transf_matrix[2][1]   0.00806921 
_atom_sites.fract_transf_matrix[2][2]   -0.00346644 
_atom_sites.fract_transf_matrix[2][3]   -0.02125619 
_atom_sites.fract_transf_matrix[3][1]   0.01099443 
_atom_sites.fract_transf_matrix[3][2]   -0.01765762 
_atom_sites.fract_transf_matrix[3][3]   0.00705326 
_atom_sites.fract_transf_vector[1]      0.131692 
_atom_sites.fract_transf_vector[2]      0.026443 
_atom_sites.fract_transf_vector[3]      0.219432 
# 
loop_
_atom_type.symbol 
C 
F 
N 
O 
P 
# 
loop_
_atom_site.group_PDB 
_atom_site.id 
_atom_site.type_symbol 
_atom_site.label_atom_id 
_atom_site.label_alt_id 
_atom_site.label_comp_id 
_atom_site.label_asym_id 
_atom_site.label_entity_id 
_atom_site.label_seq_id 
_atom_site.pdbx_PDB_ins_code 
_atom_site.Cartn_x 
_atom_site.Cartn_y 
_atom_site.Cartn_z 
_atom_site.occupancy 
_atom_site.B_iso_or_equiv 
_atom_site.pdbx_formal_charge 
_atom_site.auth_seq_id 
_atom_site.auth_comp_id 
_atom_site.auth_asym_id 
_atom_site.auth_atom_id 
_atom_site.pdbx_PDB_model_num 
ATOM   1   O "O5'" . DG  A 1 1  ? 4.329   0.603   11.006  1.00 27.64 ? 101 DG  A "O5'" 1 
ATOM   2   C "C5'" . DG  A 1 1  ? 3.942   -0.110  12.152  1.00 22.80 ? 101 DG  A "C5'" 1 
ATOM   3   C "C4'" . DG  A 1 1  ? 2.718   0.523   12.784  1.00 19.60 ? 101 DG  A "C4'" 1 
ATOM   4   O "O4'" . DG  A 1 1  ? 2.956   1.909   13.129  1.00 19.34 ? 101 DG  A "O4'" 1 
ATOM   5   C "C3'" . DG  A 1 1  ? 1.488   0.562   11.879  1.00 18.29 ? 101 DG  A "C3'" 1 
ATOM   6   O "O3'" . DG  A 1 1  ? 0.767   -0.696  11.898  1.00 19.23 ? 101 DG  A "O3'" 1 
ATOM   7   C "C2'" . DG  A 1 1  ? 0.656   1.671   12.538  1.00 16.48 ? 101 DG  A "C2'" 1 
ATOM   8   C "C1'" . DG  A 1 1  ? 1.728   2.639   12.863  1.00 17.43 ? 101 DG  A "C1'" 1 
ATOM   9   N N9    . DG  A 1 1  ? 2.072   3.634   11.845  1.00 16.82 ? 101 DG  A N9    1 
ATOM   10  C C8    . DG  A 1 1  ? 3.226   3.746   11.127  1.00 18.98 ? 101 DG  A C8    1 
ATOM   11  N N7    . DG  A 1 1  ? 3.202   4.781   10.318  1.00 18.74 ? 101 DG  A N7    1 
ATOM   12  C C5    . DG  A 1 1  ? 1.918   5.385   10.536  1.00 15.86 ? 101 DG  A C5    1 
ATOM   13  C C6    . DG  A 1 1  ? 1.396   6.542   10.020  1.00 15.96 ? 101 DG  A C6    1 
ATOM   14  O O6    . DG  A 1 1  ? 1.899   7.336   9.201   1.00 17.32 ? 101 DG  A O6    1 
ATOM   15  N N1    . DG  A 1 1  ? 0.113   6.819   10.495  1.00 14.87 ? 101 DG  A N1    1 
ATOM   16  C C2    . DG  A 1 1  ? -0.560  6.006   11.408  1.00 14.26 ? 101 DG  A C2    1 
ATOM   17  N N2    . DG  A 1 1  ? -1.769  6.429   11.766  1.00 15.35 ? 101 DG  A N2    1 
ATOM   18  N N3    . DG  A 1 1  ? -0.001  4.973   11.972  1.00 16.36 ? 101 DG  A N3    1 
ATOM   19  C C4    . DG  A 1 1  ? 1.244   4.715   11.491  1.00 15.20 ? 101 DG  A C4    1 
ATOM   20  P P     . DC  A 1 2  ? 0.161   -1.406  10.621  1.00 21.10 ? 102 DC  A P     1 
ATOM   21  O OP1   . DC  A 1 2  ? -0.223  -2.784  11.029  1.00 23.33 ? 102 DC  A OP1   1 
ATOM   22  O OP2   . DC  A 1 2  ? 1.107   -1.250  9.511   1.00 24.31 ? 102 DC  A OP2   1 
ATOM   23  O "O5'" . DC  A 1 2  ? -1.130  -0.556  10.234  1.00 19.53 ? 102 DC  A "O5'" 1 
ATOM   24  C "C5'" . DC  A 1 2  ? -2.343  -0.684  11.013  1.00 19.04 ? 102 DC  A "C5'" 1 
ATOM   25  C "C4'" . DC  A 1 2  ? -3.117  0.581   10.771  1.00 18.07 ? 102 DC  A "C4'" 1 
ATOM   26  O "O4'" . DC  A 1 2  ? -2.404  1.790   11.040  1.00 17.97 ? 102 DC  A "O4'" 1 
ATOM   27  C "C3'" . DC  A 1 2  ? -3.593  0.799   9.328   1.00 18.38 ? 102 DC  A "C3'" 1 
ATOM   28  O "O3'" . DC  A 1 2  ? -4.637  -0.077  9.051   1.00 20.92 ? 102 DC  A "O3'" 1 
ATOM   29  C "C2'" . DC  A 1 2  ? -4.071  2.234   9.461   1.00 16.02 ? 102 DC  A "C2'" 1 
ATOM   30  C "C1'" . DC  A 1 2  ? -2.903  2.838   10.189  1.00 16.30 ? 102 DC  A "C1'" 1 
ATOM   31  N N1    . DC  A 1 2  ? -1.737  3.315   9.356   1.00 15.15 ? 102 DC  A N1    1 
ATOM   32  C C2    . DC  A 1 2  ? -1.875  4.538   8.636   1.00 15.57 ? 102 DC  A C2    1 
ATOM   33  O O2    . DC  A 1 2  ? -2.974  5.108   8.843   1.00 16.33 ? 102 DC  A O2    1 
ATOM   34  N N3    . DC  A 1 2  ? -0.883  5.021   7.885   1.00 15.07 ? 102 DC  A N3    1 
ATOM   35  C C4    . DC  A 1 2  ? 0.211   4.257   7.706   1.00 15.89 ? 102 DC  A C4    1 
ATOM   36  N N4    . DC  A 1 2  ? 1.136   4.809   6.950   1.00 17.25 ? 102 DC  A N4    1 
ATOM   37  C C5    . DC  A 1 2  ? 0.368   3.003   8.402   1.00 16.89 ? 102 DC  A C5    1 
ATOM   38  C C6    . DC  A 1 2  ? -0.659  2.559   9.094   1.00 17.40 ? 102 DC  A C6    1 
ATOM   39  P P     . DG  A 1 3  ? -5.061  -0.400  7.522   1.00 22.41 ? 103 DG  A P     1 
ATOM   40  O OP1   . DG  A 1 3  ? -6.082  -1.434  7.608   1.00 27.25 ? 103 DG  A OP1   1 
ATOM   41  O OP2   . DG  A 1 3  ? -3.785  -0.610  6.779   1.00 23.30 ? 103 DG  A OP2   1 
ATOM   42  O "O5'" . DG  A 1 3  ? -5.666  0.954   6.908   1.00 19.82 ? 103 DG  A "O5'" 1 
ATOM   43  C "C5'" . DG  A 1 3  ? -6.880  1.436   7.368   1.00 21.19 ? 103 DG  A "C5'" 1 
ATOM   44  C "C4'" . DG  A 1 3  ? -7.024  2.868   6.769   1.00 16.88 ? 103 DG  A "C4'" 1 
ATOM   45  O "O4'" . DG  A 1 3  ? -5.899  3.671   7.095   1.00 15.41 ? 103 DG  A "O4'" 1 
ATOM   46  C "C3'" . DG  A 1 3  ? -7.266  3.000   5.261   1.00 16.68 ? 103 DG  A "C3'" 1 
ATOM   47  O "O3'" . DG  A 1 3  ? -8.631  2.783   4.933   1.00 17.18 ? 103 DG  A "O3'" 1 
ATOM   48  C "C2'" . DG  A 1 3  ? -6.913  4.469   5.087   1.00 15.27 ? 103 DG  A "C2'" 1 
ATOM   49  C "C1'" . DG  A 1 3  ? -5.731  4.579   6.031   1.00 14.11 ? 103 DG  A "C1'" 1 
ATOM   50  N N9    . DG  A 1 3  ? -4.438  4.342   5.468   1.00 13.57 ? 103 DG  A N9    1 
ATOM   51  C C8    . DG  A 1 3  ? -3.511  3.371   5.764   1.00 14.50 ? 103 DG  A C8    1 
ATOM   52  N N7    . DG  A 1 3  ? -2.391  3.546   5.133   1.00 14.43 ? 103 DG  A N7    1 
ATOM   53  C C5    . DG  A 1 3  ? -2.555  4.706   4.357   1.00 13.70 ? 103 DG  A C5    1 
ATOM   54  C C6    . DG  A 1 3  ? -1.664  5.380   3.502   1.00 13.41 ? 103 DG  A C6    1 
ATOM   55  O O6    . DG  A 1 3  ? -0.483  5.137   3.206   1.00 14.21 ? 103 DG  A O6    1 
ATOM   56  N N1    . DG  A 1 3  ? -2.256  6.563   2.965   1.00 12.57 ? 103 DG  A N1    1 
ATOM   57  C C2    . DG  A 1 3  ? -3.544  6.938   3.184   1.00 12.57 ? 103 DG  A C2    1 
ATOM   58  N N2    . DG  A 1 3  ? -3.988  8.018   2.503   1.00 12.95 ? 103 DG  A N2    1 
ATOM   59  N N3    . DG  A 1 3  ? -4.375  6.320   4.009   1.00 14.52 ? 103 DG  A N3    1 
ATOM   60  C C4    . DG  A 1 3  ? -3.805  5.219   4.604   1.00 14.56 ? 103 DG  A C4    1 
ATOM   61  P P     . DT  A 1 4  ? -9.063  2.486   3.433   1.00 16.63 ? 104 DT  A P     1 
ATOM   62  O OP1   . DT  A 1 4  ? -10.539 2.236   3.477   1.00 17.84 ? 104 DT  A OP1   1 
ATOM   63  O OP2   . DT  A 1 4  ? -8.177  1.499   2.879   1.00 17.99 ? 104 DT  A OP2   1 
ATOM   64  O "O5'" . DT  A 1 4  ? -8.752  3.791   2.616   1.00 15.32 ? 104 DT  A "O5'" 1 
ATOM   65  C "C5'" . DT  A 1 4  ? -9.732  4.892   2.623   1.00 15.33 ? 104 DT  A "C5'" 1 
ATOM   66  C "C4'" . DT  A 1 4  ? -9.266  5.818   1.477   1.00 15.21 ? 104 DT  A "C4'" 1 
ATOM   67  O "O4'" . DT  A 1 4  ? -7.989  6.416   1.695   1.00 14.67 ? 104 DT  A "O4'" 1 
ATOM   68  C "C3'" . DT  A 1 4  ? -9.131  5.156   0.080   1.00 14.39 ? 104 DT  A "C3'" 1 
ATOM   69  O "O3'" . DT  A 1 4  ? -10.422 4.969   -0.455  1.00 15.70 ? 104 DT  A "O3'" 1 
ATOM   70  C "C2'" . DT  A 1 4  ? -8.242  6.144   -0.627  1.00 14.51 ? 104 DT  A "C2'" 1 
ATOM   71  C "C1'" . DT  A 1 4  ? -7.300  6.587   0.470   1.00 14.05 ? 104 DT  A "C1'" 1 
ATOM   72  N N1    . DT  A 1 4  ? -6.018  5.828   0.536   1.00 13.10 ? 104 DT  A N1    1 
ATOM   73  C C2    . DT  A 1 4  ? -4.940  6.293   -0.190  1.00 12.68 ? 104 DT  A C2    1 
ATOM   74  O O2    . DT  A 1 4  ? -5.018  7.265   -0.898  1.00 13.80 ? 104 DT  A O2    1 
ATOM   75  N N3    . DT  A 1 4  ? -3.751  5.608   -0.016  1.00 12.36 ? 104 DT  A N3    1 
ATOM   76  C C4    . DT  A 1 4  ? -3.638  4.440   0.729   1.00 12.30 ? 104 DT  A C4    1 
ATOM   77  O O4    . DT  A 1 4  ? -2.507  3.922   0.810   1.00 12.80 ? 104 DT  A O4    1 
ATOM   78  C C5    . DT  A 1 4  ? -4.800  3.944   1.405   1.00 12.90 ? 104 DT  A C5    1 
ATOM   79  C C7    . DT  A 1 4  ? -4.717  2.661   2.196   1.00 14.75 ? 104 DT  A C7    1 
ATOM   80  C C6    . DT  A 1 4  ? -5.919  4.664   1.304   1.00 13.65 ? 104 DT  A C6    1 
ATOM   81  P P     . DA  A 1 5  ? -10.661 3.732   -1.428  1.00 16.51 ? 105 DA  A P     1 
ATOM   82  O OP1   . DA  A 1 5  ? -12.087 3.864   -1.848  1.00 19.80 ? 105 DA  A OP1   1 
ATOM   83  O OP2   . DA  A 1 5  ? -10.214 2.488   -0.829  1.00 16.45 ? 105 DA  A OP2   1 
ATOM   84  O "O5'" . DA  A 1 5  ? -9.699  4.046   -2.644  1.00 16.07 ? 105 DA  A "O5'" 1 
ATOM   85  C "C5'" . DA  A 1 5  ? -8.950  3.055   -3.384  1.00 14.73 ? 105 DA  A "C5'" 1 
ATOM   86  C "C4'" . DA  A 1 5  ? -8.008  3.844   -4.225  1.00 14.77 ? 105 DA  A "C4'" 1 
ATOM   87  O "O4'" . DA  A 1 5  ? -7.008  4.544   -3.467  1.00 14.78 ? 105 DA  A "O4'" 1 
ATOM   88  C "C3'" . DA  A 1 5  ? -7.101  2.956   -5.132  1.00 15.72 ? 105 DA  A "C3'" 1 
ATOM   89  O "O3'" . DA  A 1 5  ? -7.896  2.533   -6.291  1.00 16.88 ? 105 DA  A "O3'" 1 
ATOM   90  C "C2'" . DA  A 1 5  ? -5.983  3.900   -5.432  1.00 15.42 ? 105 DA  A "C2'" 1 
ATOM   91  C "C1'" . DA  A 1 5  ? -5.777  4.567   -4.101  1.00 13.68 ? 105 DA  A "C1'" 1 
ATOM   92  N N9    . DA  A 1 5  ? -4.814  3.855   -3.243  1.00 13.78 ? 105 DA  A N9    1 
ATOM   93  C C8    . DA  A 1 5  ? -5.039  3.037   -2.181  1.00 14.29 ? 105 DA  A C8    1 
ATOM   94  N N7    . DA  A 1 5  ? -3.926  2.517   -1.681  1.00 13.87 ? 105 DA  A N7    1 
ATOM   95  C C5    . DA  A 1 5  ? -2.929  3.033   -2.497  1.00 13.29 ? 105 DA  A C5    1 
ATOM   96  C C6    . DA  A 1 5  ? -1.518  2.823   -2.523  1.00 12.47 ? 105 DA  A C6    1 
ATOM   97  N N6    . DA  A 1 5  ? -0.827  2.078   -1.669  1.00 13.28 ? 105 DA  A N6    1 
ATOM   98  N N1    . DA  A 1 5  ? -0.806  3.524   -3.456  1.00 12.59 ? 105 DA  A N1    1 
ATOM   99  C C2    . DA  A 1 5  ? -1.440  4.299   -4.341  1.00 13.74 ? 105 DA  A C2    1 
ATOM   100 N N3    . DA  A 1 5  ? -2.746  4.507   -4.404  1.00 14.09 ? 105 DA  A N3    1 
ATOM   101 C C4    . DA  A 1 5  ? -3.458  3.840   -3.468  1.00 13.34 ? 105 DA  A C4    1 
HETATM 102 P P     . F6H A 1 6  ? -7.884  1.023   -6.830  1.00 18.08 ? 106 F6H A P     1 
HETATM 103 N N1    . F6H A 1 6  ? -2.265  1.625   -7.170  1.00 14.62 ? 106 F6H A N1    1 
HETATM 104 C C2    . F6H A 1 6  ? -0.992  1.370   -6.855  1.00 13.99 ? 106 F6H A C2    1 
HETATM 105 O O2    . F6H A 1 6  ? 0.012   1.668   -7.546  1.00 15.77 ? 106 F6H A O2    1 
HETATM 106 N N3    . F6H A 1 6  ? -0.743  0.724   -5.659  1.00 14.57 ? 106 F6H A N3    1 
HETATM 107 C C4    . F6H A 1 6  ? -1.757  0.283   -4.879  1.00 13.88 ? 106 F6H A C4    1 
HETATM 108 O O4    . F6H A 1 6  ? -1.411  -0.346  -3.798  1.00 14.29 ? 106 F6H A O4    1 
HETATM 109 C C5    . F6H A 1 6  ? -3.082  0.557   -5.177  1.00 14.24 ? 106 F6H A C5    1 
HETATM 110 C C6    . F6H A 1 6  ? -3.281  1.201   -6.370  1.00 15.24 ? 106 F6H A C6    1 
HETATM 111 C C7    . F6H A 1 6  ? -4.209  0.030   -4.352  1.00 14.17 ? 106 F6H A C7    1 
HETATM 112 C "C1'" . F6H A 1 6  ? -3.598  3.447   -8.335  1.00 17.46 ? 106 F6H A "C1'" 1 
HETATM 113 C "C2'" . F6H A 1 6  ? -2.516  2.340   -8.447  1.00 15.91 ? 106 F6H A "C2'" 1 
HETATM 114 C "C3'" . F6H A 1 6  ? -2.883  1.348   -9.550  1.00 16.55 ? 106 F6H A "C3'" 1 
HETATM 115 F "F3'" . F6H A 1 6  ? -2.751  2.006   -10.750 1.00 18.74 ? 106 F6H A "F3'" 1 
HETATM 116 C "C4'" . F6H A 1 6  ? -4.322  0.806   -9.426  1.00 16.28 ? 106 F6H A "C4'" 1 
HETATM 117 O "O4'" . F6H A 1 6  ? -4.694  0.036   -10.649 1.00 21.32 ? 106 F6H A "O4'" 1 
HETATM 118 C "C5'" . F6H A 1 6  ? -5.286  2.028   -9.361  1.00 17.75 ? 106 F6H A "C5'" 1 
HETATM 119 O "O5'" . F6H A 1 6  ? -4.874  2.870   -8.274  1.00 16.39 ? 106 F6H A "O5'" 1 
HETATM 120 C "C6'" . F6H A 1 6  ? -6.754  1.671   -9.119  1.00 18.14 ? 106 F6H A "C6'" 1 
HETATM 121 O "O6'" . F6H A 1 6  ? -6.733  0.908   -7.894  1.00 17.03 ? 106 F6H A "O6'" 1 
HETATM 122 C "C7'" . F6H A 1 6  ? -7.563  0.951   -10.196 1.00 19.92 ? 106 F6H A "C7'" 1 
HETATM 123 O OP1   . F6H A 1 6  ? -9.383  1.014   -7.501  1.00 22.35 ? 106 F6H A OP1   1 
HETATM 124 O OP2   . F6H A 1 6  ? -7.526  0.007   -5.701  1.00 19.17 ? 106 F6H A OP2   1 
ATOM   125 P P     . DA  A 1 7  ? -4.578  -1.548  -10.613 1.00 20.84 ? 107 DA  A P     1 
ATOM   126 O OP1   . DA  A 1 7  ? -5.301  -1.985  -11.845 1.00 24.13 ? 107 DA  A OP1   1 
ATOM   127 O OP2   . DA  A 1 7  ? -4.983  -2.100  -9.330  1.00 21.55 ? 107 DA  A OP2   1 
ATOM   128 O "O5'" . DA  A 1 7  ? -2.941  -1.707  -10.753 1.00 19.56 ? 107 DA  A "O5'" 1 
ATOM   129 C "C5'" . DA  A 1 7  ? -2.280  -1.298  -11.929 1.00 19.88 ? 107 DA  A "C5'" 1 
ATOM   130 C "C4'" . DA  A 1 7  ? -0.785  -1.442  -11.667 1.00 18.50 ? 107 DA  A "C4'" 1 
ATOM   131 O "O4'" . DA  A 1 7  ? -0.381  -0.631  -10.532 1.00 17.23 ? 107 DA  A "O4'" 1 
ATOM   132 C "C3'" . DA  A 1 7  ? -0.326  -2.791  -11.270 1.00 18.78 ? 107 DA  A "C3'" 1 
ATOM   133 O "O3'" . DA  A 1 7  ? -0.196  -3.607  -12.498 1.00 21.77 ? 107 DA  A "O3'" 1 
ATOM   134 C "C2'" . DA  A 1 7  ? 1.044   -2.472  -10.752 1.00 18.87 ? 107 DA  A "C2'" 1 
ATOM   135 C "C1'" . DA  A 1 7  ? 0.704   -1.270  -9.875  1.00 17.04 ? 107 DA  A "C1'" 1 
ATOM   136 N N9    . DA  A 1 7  ? 0.186   -1.760  -8.557  1.00 15.07 ? 107 DA  A N9    1 
ATOM   137 C C8    . DA  A 1 7  ? -1.120  -1.852  -8.102  1.00 15.92 ? 107 DA  A C8    1 
ATOM   138 N N7    . DA  A 1 7  ? -1.212  -2.327  -6.863  1.00 15.20 ? 107 DA  A N7    1 
ATOM   139 C C5    . DA  A 1 7  ? 0.088   -2.549  -6.530  1.00 13.48 ? 107 DA  A C5    1 
ATOM   140 C C6    . DA  A 1 7  ? 0.670   -3.084  -5.329  1.00 13.53 ? 107 DA  A C6    1 
ATOM   141 N N6    . DA  A 1 7  ? -0.042  -3.433  -4.277  1.00 14.69 ? 107 DA  A N6    1 
ATOM   142 N N1    . DA  A 1 7  ? 2.002   -3.250  -5.319  1.00 13.65 ? 107 DA  A N1    1 
ATOM   143 C C2    . DA  A 1 7  ? 2.795   -2.865  -6.379  1.00 13.73 ? 107 DA  A C2    1 
ATOM   144 N N3    . DA  A 1 7  ? 2.322   -2.344  -7.548  1.00 14.86 ? 107 DA  A N3    1 
ATOM   145 C C4    . DA  A 1 7  ? 0.978   -2.227  -7.513  1.00 13.23 ? 107 DA  A C4    1 
ATOM   146 P P     . DC  A 1 8  ? -0.527  -5.138  -12.472 1.00 24.04 ? 108 DC  A P     1 
ATOM   147 O OP1   . DC  A 1 8  ? -0.354  -5.609  -13.830 1.00 28.00 ? 108 DC  A OP1   1 
ATOM   148 O OP2   . DC  A 1 8  ? -1.801  -5.413  -11.836 1.00 27.21 ? 108 DC  A OP2   1 
ATOM   149 O "O5'" . DC  A 1 8  ? 0.565   -5.844  -11.566 1.00 21.49 ? 108 DC  A "O5'" 1 
ATOM   150 C "C5'" . DC  A 1 8  ? 1.942   -5.713  -12.022 1.00 21.07 ? 108 DC  A "C5'" 1 
ATOM   151 C "C4'" . DC  A 1 8  ? 2.867   -6.120  -10.896 1.00 17.91 ? 108 DC  A "C4'" 1 
ATOM   152 O "O4'" . DC  A 1 8  ? 2.659   -5.289  -9.763  1.00 16.10 ? 108 DC  A "O4'" 1 
ATOM   153 C "C3'" . DC  A 1 8  ? 2.726   -7.530  -10.267 1.00 18.16 ? 108 DC  A "C3'" 1 
ATOM   154 O "O3'" . DC  A 1 8  ? 3.267   -8.480  -11.137 1.00 19.35 ? 108 DC  A "O3'" 1 
ATOM   155 C "C2'" . DC  A 1 8  ? 3.537   -7.332  -9.013  1.00 16.20 ? 108 DC  A "C2'" 1 
ATOM   156 C "C1'" . DC  A 1 8  ? 3.049   -5.945  -8.564  1.00 15.60 ? 108 DC  A "C1'" 1 
ATOM   157 N N1    . DC  A 1 8  ? 1.856   -6.024  -7.689  1.00 14.30 ? 108 DC  A N1    1 
ATOM   158 C C2    . DC  A 1 8  ? 2.124   -6.413  -6.365  1.00 14.31 ? 108 DC  A C2    1 
ATOM   159 O O2    . DC  A 1 8  ? 3.285   -6.626  -6.041  1.00 15.86 ? 108 DC  A O2    1 
ATOM   160 N N3    . DC  A 1 8  ? 1.065   -6.497  -5.531  1.00 13.63 ? 108 DC  A N3    1 
ATOM   161 C C4    . DC  A 1 8  ? -0.177  -6.335  -5.876  1.00 14.67 ? 108 DC  A C4    1 
ATOM   162 N N4    . DC  A 1 8  ? -1.158  -6.488  -5.013  1.00 15.83 ? 108 DC  A N4    1 
ATOM   163 C C5    . DC  A 1 8  ? -0.468  -5.973  -7.245  1.00 16.23 ? 108 DC  A C5    1 
ATOM   164 C C6    . DC  A 1 8  ? 0.584   -5.858  -8.069  1.00 15.35 ? 108 DC  A C6    1 
ATOM   165 P P     . DG  A 1 9  ? 2.734   -10.028 -11.102 1.00 20.14 ? 109 DG  A P     1 
ATOM   166 O OP1   . DG  A 1 9  ? 3.260   -10.775 -12.244 1.00 22.67 ? 109 DG  A OP1   1 
ATOM   167 O OP2   . DG  A 1 9  ? 1.256   -10.089 -10.912 1.00 24.25 ? 109 DG  A OP2   1 
ATOM   168 O "O5'" . DG  A 1 9  ? 3.367   -10.532 -9.699  1.00 16.55 ? 109 DG  A "O5'" 1 
ATOM   169 C "C5'" . DG  A 1 9  ? 4.758   -10.590 -9.570  1.00 15.89 ? 109 DG  A "C5'" 1 
ATOM   170 C "C4'" . DG  A 1 9  ? 5.150   -11.027 -8.136  1.00 15.68 ? 109 DG  A "C4'" 1 
ATOM   171 O "O4'" . DG  A 1 9  ? 4.637   -10.043 -7.183  1.00 14.49 ? 109 DG  A "O4'" 1 
ATOM   172 C "C3'" . DG  A 1 9  ? 4.518   -12.269 -7.589  1.00 15.15 ? 109 DG  A "C3'" 1 
ATOM   173 O "O3'" . DG  A 1 9  ? 5.231   -13.428 -8.094  1.00 15.67 ? 109 DG  A "O3'" 1 
ATOM   174 C "C2'" . DG  A 1 9  ? 4.676   -12.145 -6.083  1.00 14.94 ? 109 DG  A "C2'" 1 
ATOM   175 C "C1'" . DG  A 1 9  ? 4.320   -10.672 -5.949  1.00 14.63 ? 109 DG  A "C1'" 1 
ATOM   176 N N9    . DG  A 1 9  ? 2.898   -10.445 -5.648  1.00 13.83 ? 109 DG  A N9    1 
ATOM   177 C C8    . DG  A 1 9  ? 1.875   -9.963  -6.396  1.00 15.29 ? 109 DG  A C8    1 
ATOM   178 N N7    . DG  A 1 9  ? 0.742   -9.821  -5.767  1.00 14.45 ? 109 DG  A N7    1 
ATOM   179 C C5    . DG  A 1 9  ? 1.067   -10.185 -4.417  1.00 13.72 ? 109 DG  A C5    1 
ATOM   180 C C6    . DG  A 1 9  ? 0.332   -10.184 -3.219  1.00 13.80 ? 109 DG  A C6    1 
ATOM   181 O O6    . DG  A 1 9  ? -0.885  -9.840  -3.063  1.00 14.93 ? 109 DG  A O6    1 
ATOM   182 N N1    . DG  A 1 9  ? 1.072   -10.684 -2.146  1.00 13.05 ? 109 DG  A N1    1 
ATOM   183 C C2    . DG  A 1 9  ? 2.353   -11.097 -2.204  1.00 12.50 ? 109 DG  A C2    1 
ATOM   184 N N2    . DG  A 1 9  ? 2.894   -11.613 -1.090  1.00 13.88 ? 109 DG  A N2    1 
ATOM   185 N N3    . DG  A 1 9  ? 3.101   -11.065 -3.334  1.00 12.71 ? 109 DG  A N3    1 
ATOM   186 C C4    . DG  A 1 9  ? 2.385   -10.551 -4.389  1.00 13.63 ? 109 DG  A C4    1 
ATOM   187 P P     . DC  A 1 10 ? 4.539   -14.878 -8.046  1.00 15.83 ? 110 DC  A P     1 
ATOM   188 O OP1   . DC  A 1 10 ? 5.512   -15.798 -8.678  1.00 19.35 ? 110 DC  A OP1   1 
ATOM   189 O OP2   . DC  A 1 10 ? 3.171   -14.857 -8.518  1.00 18.20 ? 110 DC  A OP2   1 
ATOM   190 O "O5'" . DC  A 1 10 ? 4.372   -15.141 -6.503  1.00 16.24 ? 110 DC  A "O5'" 1 
ATOM   191 C "C5'" . DC  A 1 10 ? 5.570   -15.498 -5.714  1.00 15.09 ? 110 DC  A "C5'" 1 
ATOM   192 C "C4'" . DC  A 1 10 ? 5.202   -15.838 -4.266  1.00 14.51 ? 110 DC  A "C4'" 1 
ATOM   193 O "O4'" . DC  A 1 10 ? 4.539   -14.692 -3.663  1.00 14.39 ? 110 DC  A "O4'" 1 
ATOM   194 C "C3'" . DC  A 1 10 ? 4.271   -16.958 -4.118  1.00 15.06 ? 110 DC  A "C3'" 1 
ATOM   195 O "O3'" . DC  A 1 10 ? 4.957   -18.209 -4.099  1.00 16.28 ? 110 DC  A "O3'" 1 
ATOM   196 C "C2'" . DC  A 1 10 ? 3.663   -16.663 -2.728  1.00 13.91 ? 110 DC  A "C2'" 1 
ATOM   197 C "C1'" . DC  A 1 10 ? 3.600   -15.133 -2.700  1.00 13.95 ? 110 DC  A "C1'" 1 
ATOM   198 N N1    . DC  A 1 10 ? 2.274   -14.604 -3.080  1.00 13.31 ? 110 DC  A N1    1 
ATOM   199 C C2    . DC  A 1 10 ? 1.323   -14.499 -2.088  1.00 13.32 ? 110 DC  A C2    1 
ATOM   200 O O2    . DC  A 1 10 ? 1.604   -14.915 -0.959  1.00 13.54 ? 110 DC  A O2    1 
ATOM   201 N N3    . DC  A 1 10 ? 0.126   -13.915 -2.395  1.00 13.88 ? 110 DC  A N3    1 
ATOM   202 C C4    . DC  A 1 10 ? -0.132  -13.531 -3.662  1.00 13.91 ? 110 DC  A C4    1 
ATOM   203 N N4    . DC  A 1 10 ? -1.342  -13.027 -3.915  1.00 15.31 ? 110 DC  A N4    1 
ATOM   204 C C5    . DC  A 1 10 ? 0.789   -13.753 -4.681  1.00 14.27 ? 110 DC  A C5    1 
ATOM   205 C C6    . DC  A 1 10 ? 2.030   -14.250 -4.385  1.00 14.61 ? 110 DC  A C6    1 
ATOM   206 O "O5'" . DG  B 1 1  ? -7.203  -11.062 3.814   1.00 27.95 ? 201 DG  B "O5'" 1 
ATOM   207 C "C5'" . DG  B 1 1  ? -7.295  -11.611 5.106   1.00 26.03 ? 201 DG  B "C5'" 1 
ATOM   208 C "C4'" . DG  B 1 1  ? -6.031  -12.470 5.351   1.00 21.75 ? 201 DG  B "C4'" 1 
ATOM   209 O "O4'" . DG  B 1 1  ? -5.962  -13.595 4.447   1.00 23.10 ? 201 DG  B "O4'" 1 
ATOM   210 C "C3'" . DG  B 1 1  ? -4.681  -11.739 5.205   1.00 20.33 ? 201 DG  B "C3'" 1 
ATOM   211 O "O3'" . DG  B 1 1  ? -4.410  -11.091 6.430   1.00 20.93 ? 201 DG  B "O3'" 1 
ATOM   212 C "C2'" . DG  B 1 1  ? -3.721  -12.901 4.847   1.00 18.94 ? 201 DG  B "C2'" 1 
ATOM   213 C "C1'" . DG  B 1 1  ? -4.638  -13.746 4.014   1.00 21.04 ? 201 DG  B "C1'" 1 
ATOM   214 N N9    . DG  B 1 1  ? -4.618  -13.406 2.597   1.00 20.28 ? 201 DG  B N9    1 
ATOM   215 C C8    . DG  B 1 1  ? -5.664  -12.969 1.839   1.00 21.45 ? 201 DG  B C8    1 
ATOM   216 N N7    . DG  B 1 1  ? -5.319  -12.836 0.538   1.00 21.47 ? 201 DG  B N7    1 
ATOM   217 C C5    . DG  B 1 1  ? -3.973  -13.196 0.496   1.00 17.24 ? 201 DG  B C5    1 
ATOM   218 C C6    . DG  B 1 1  ? -3.042  -13.233 -0.594  1.00 15.97 ? 201 DG  B C6    1 
ATOM   219 O O6    . DG  B 1 1  ? -3.266  -12.945 -1.792  1.00 17.03 ? 201 DG  B O6    1 
ATOM   220 N N1    . DG  B 1 1  ? -1.782  -13.645 -0.218  1.00 13.87 ? 201 DG  B N1    1 
ATOM   221 C C2    . DG  B 1 1  ? -1.448  -13.982 1.076   1.00 14.10 ? 201 DG  B C2    1 
ATOM   222 N N2    . DG  B 1 1  ? -0.201  -14.412 1.257   1.00 15.12 ? 201 DG  B N2    1 
ATOM   223 N N3    . DG  B 1 1  ? -2.284  -13.997 2.123   1.00 16.90 ? 201 DG  B N3    1 
ATOM   224 C C4    . DG  B 1 1  ? -3.541  -13.568 1.723   1.00 18.05 ? 201 DG  B C4    1 
ATOM   225 P P     . DC  B 1 2  ? -3.534  -9.807  6.478   1.00 19.64 ? 202 DC  B P     1 
ATOM   226 O OP1   . DC  B 1 2  ? -3.586  -9.384  7.867   1.00 21.77 ? 202 DC  B OP1   1 
ATOM   227 O OP2   . DC  B 1 2  ? -3.984  -8.850  5.410   1.00 22.16 ? 202 DC  B OP2   1 
ATOM   228 O "O5'" . DC  B 1 2  ? -2.055  -10.272 6.018   1.00 18.14 ? 202 DC  B "O5'" 1 
ATOM   229 C "C5'" . DC  B 1 2  ? -1.362  -11.226 6.833   1.00 19.25 ? 202 DC  B "C5'" 1 
ATOM   230 C "C4'" . DC  B 1 2  ? -0.077  -11.608 6.087   1.00 18.13 ? 202 DC  B "C4'" 1 
ATOM   231 O "O4'" . DC  B 1 2  ? -0.420  -12.290 4.829   1.00 16.65 ? 202 DC  B "O4'" 1 
ATOM   232 C "C3'" . DC  B 1 2  ? 0.814   -10.471 5.695   1.00 18.15 ? 202 DC  B "C3'" 1 
ATOM   233 O "O3'" . DC  B 1 2  ? 1.571   -10.233 6.869   1.00 21.43 ? 202 DC  B "O3'" 1 
ATOM   234 C "C2'" . DC  B 1 2  ? 1.609   -11.054 4.471   1.00 14.81 ? 202 DC  B "C2'" 1 
ATOM   235 C "C1'" . DC  B 1 2  ? 0.579   -11.885 3.827   1.00 14.56 ? 202 DC  B "C1'" 1 
ATOM   236 N N1    . DC  B 1 2  ? -0.141  -11.195 2.735   1.00 13.95 ? 202 DC  B N1    1 
ATOM   237 C C2    . DC  B 1 2  ? 0.420   -11.207 1.494   1.00 13.94 ? 202 DC  B C2    1 
ATOM   238 O O2    . DC  B 1 2  ? 1.615   -11.623 1.388   1.00 13.51 ? 202 DC  B O2    1 
ATOM   239 N N3    . DC  B 1 2  ? -0.264  -10.711 0.413   1.00 14.96 ? 202 DC  B N3    1 
ATOM   240 C C4    . DC  B 1 2  ? -1.467  -10.183 0.595   1.00 14.61 ? 202 DC  B C4    1 
ATOM   241 N N4    . DC  B 1 2  ? -2.110  -9.686  -0.494  1.00 15.33 ? 202 DC  B N4    1 
ATOM   242 C C5    . DC  B 1 2  ? -2.079  -10.146 1.843   1.00 16.37 ? 202 DC  B C5    1 
ATOM   243 C C6    . DC  B 1 2  ? -1.402  -10.641 2.917   1.00 15.80 ? 202 DC  B C6    1 
ATOM   244 P P     . DG  B 1 3  ? 2.288   -8.854  6.998   1.00 20.44 ? 203 DG  B P     1 
ATOM   245 O OP1   . DG  B 1 3  ? 2.989   -8.919  8.349   1.00 22.65 ? 203 DG  B OP1   1 
ATOM   246 O OP2   . DG  B 1 3  ? 1.290   -7.778  6.715   1.00 22.63 ? 203 DG  B OP2   1 
ATOM   247 O "O5'" . DG  B 1 3  ? 3.379   -8.931  5.853   1.00 18.38 ? 203 DG  B "O5'" 1 
ATOM   248 C "C5'" . DG  B 1 3  ? 3.667   -7.745  4.915   1.00 16.42 ? 203 DG  B "C5'" 1 
ATOM   249 C "C4'" . DG  B 1 3  ? 4.555   -8.300  3.819   1.00 16.04 ? 203 DG  B "C4'" 1 
ATOM   250 O "O4'" . DG  B 1 3  ? 3.687   -9.122  2.964   1.00 17.10 ? 203 DG  B "O4'" 1 
ATOM   251 C "C3'" . DG  B 1 3  ? 5.056   -7.219  2.851   1.00 15.73 ? 203 DG  B "C3'" 1 
ATOM   252 O "O3'" . DG  B 1 3  ? 6.291   -6.747  3.307   1.00 17.26 ? 203 DG  B "O3'" 1 
ATOM   253 C "C2'" . DG  B 1 3  ? 5.188   -7.914  1.473   1.00 16.98 ? 203 DG  B "C2'" 1 
ATOM   254 C "C1'" . DG  B 1 3  ? 3.975   -8.865  1.604   1.00 17.43 ? 203 DG  B "C1'" 1 
ATOM   255 N N9    . DG  B 1 3  ? 2.770   -8.299  0.982   1.00 14.73 ? 203 DG  B N9    1 
ATOM   256 C C8    . DG  B 1 3  ? 1.602   -7.975  1.561   1.00 15.57 ? 203 DG  B C8    1 
ATOM   257 N N7    . DG  B 1 3  ? 0.717   -7.488  0.759   1.00 15.23 ? 203 DG  B N7    1 
ATOM   258 C C5    . DG  B 1 3  ? 1.336   -7.528  -0.523  1.00 13.45 ? 203 DG  B C5    1 
ATOM   259 C C6    . DG  B 1 3  ? 0.869   -7.106  -1.800  1.00 14.03 ? 203 DG  B C6    1 
ATOM   260 O O6    . DG  B 1 3  ? -0.230  -6.637  -2.088  1.00 14.99 ? 203 DG  B O6    1 
ATOM   261 N N1    . DG  B 1 3  ? 1.814   -7.305  -2.773  1.00 14.24 ? 203 DG  B N1    1 
ATOM   262 C C2    . DG  B 1 3  ? 3.098   -7.762  -2.530  1.00 14.14 ? 203 DG  B C2    1 
ATOM   263 N N2    . DG  B 1 3  ? 3.954   -7.817  -3.555  1.00 14.06 ? 203 DG  B N2    1 
ATOM   264 N N3    . DG  B 1 3  ? 3.524   -8.175  -1.352  1.00 13.61 ? 203 DG  B N3    1 
ATOM   265 C C4    . DG  B 1 3  ? 2.593   -8.013  -0.411  1.00 14.30 ? 203 DG  B C4    1 
ATOM   266 P P     . DT  B 1 4  ? 6.796   -5.258  2.938   1.00 17.98 ? 204 DT  B P     1 
ATOM   267 O OP1   . DT  B 1 4  ? 8.059   -5.019  3.695   1.00 21.18 ? 204 DT  B OP1   1 
ATOM   268 O OP2   . DT  B 1 4  ? 5.697   -4.327  3.141   1.00 18.68 ? 204 DT  B OP2   1 
ATOM   269 O "O5'" . DT  B 1 4  ? 7.052   -5.265  1.400   1.00 17.50 ? 204 DT  B "O5'" 1 
ATOM   270 C "C5'" . DT  B 1 4  ? 8.203   -5.931  0.876   1.00 18.26 ? 204 DT  B "C5'" 1 
ATOM   271 C "C4'" . DT  B 1 4  ? 8.331   -5.648  -0.632  1.00 15.96 ? 204 DT  B "C4'" 1 
ATOM   272 O "O4'" . DT  B 1 4  ? 7.248   -6.291  -1.321  1.00 17.36 ? 204 DT  B "O4'" 1 
ATOM   273 C "C3'" . DT  B 1 4  ? 8.220   -4.193  -1.117  1.00 15.82 ? 204 DT  B "C3'" 1 
ATOM   274 O "O3'" . DT  B 1 4  ? 9.469   -3.495  -0.904  1.00 17.40 ? 204 DT  B "O3'" 1 
ATOM   275 C "C2'" . DT  B 1 4  ? 7.883   -4.370  -2.593  1.00 16.08 ? 204 DT  B "C2'" 1 
ATOM   276 C "C1'" . DT  B 1 4  ? 6.848   -5.457  -2.427  1.00 15.77 ? 204 DT  B "C1'" 1 
ATOM   277 N N1    . DT  B 1 4  ? 5.433   -5.033  -2.206  1.00 14.40 ? 204 DT  B N1    1 
ATOM   278 C C2    . DT  B 1 4  ? 4.745   -4.621  -3.350  1.00 14.30 ? 204 DT  B C2    1 
ATOM   279 O O2    . DT  B 1 4  ? 5.322   -4.624  -4.433  1.00 15.26 ? 204 DT  B O2    1 
ATOM   280 N N3    . DT  B 1 4  ? 3.457   -4.256  -3.155  1.00 14.40 ? 204 DT  B N3    1 
ATOM   281 C C4    . DT  B 1 4  ? 2.846   -4.158  -1.936  1.00 13.95 ? 204 DT  B C4    1 
ATOM   282 O O4    . DT  B 1 4  ? 1.668   -3.808  -1.889  1.00 14.30 ? 204 DT  B O4    1 
ATOM   283 C C5    . DT  B 1 4  ? 3.599   -4.575  -0.749  1.00 14.23 ? 204 DT  B C5    1 
ATOM   284 C C7    . DT  B 1 4  ? 2.931   -4.484  0.605   1.00 15.51 ? 204 DT  B C7    1 
ATOM   285 C C6    . DT  B 1 4  ? 4.855   -4.962  -0.971  1.00 15.91 ? 204 DT  B C6    1 
ATOM   286 P P     . DA  B 1 5  ? 9.435   -1.947  -0.586  1.00 17.68 ? 205 DA  B P     1 
ATOM   287 O OP1   . DA  B 1 5  ? 10.832  -1.572  -0.378  1.00 19.93 ? 205 DA  B OP1   1 
ATOM   288 O OP2   . DA  B 1 5  ? 8.423   -1.652  0.414   1.00 17.11 ? 205 DA  B OP2   1 
ATOM   289 O "O5'" . DA  B 1 5  ? 8.895   -1.265  -1.938  1.00 15.67 ? 205 DA  B "O5'" 1 
ATOM   290 C "C5'" . DA  B 1 5  ? 9.779   -1.246  -3.097  1.00 18.00 ? 205 DA  B "C5'" 1 
ATOM   291 C "C4'" . DA  B 1 5  ? 9.049   -0.551  -4.193  1.00 16.80 ? 205 DA  B "C4'" 1 
ATOM   292 O "O4'" . DA  B 1 5  ? 7.978   -1.361  -4.658  1.00 16.24 ? 205 DA  B "O4'" 1 
ATOM   293 C "C3'" . DA  B 1 5  ? 8.426   0.796   -3.871  1.00 16.07 ? 205 DA  B "C3'" 1 
ATOM   294 O "O3'" . DA  B 1 5  ? 9.415   1.814   -3.890  1.00 18.45 ? 205 DA  B "O3'" 1 
ATOM   295 C "C2'" . DA  B 1 5  ? 7.438   0.933   -5.041  1.00 16.34 ? 205 DA  B "C2'" 1 
ATOM   296 C "C1'" . DA  B 1 5  ? 6.928   -0.491  -5.150  1.00 15.40 ? 205 DA  B "C1'" 1 
ATOM   297 N N9    . DA  B 1 5  ? 5.735   -0.702  -4.329  1.00 14.25 ? 205 DA  B N9    1 
ATOM   298 C C8    . DA  B 1 5  ? 5.626   -1.266  -3.072  1.00 14.26 ? 205 DA  B C8    1 
ATOM   299 N N7    . DA  B 1 5  ? 4.384   -1.288  -2.608  1.00 14.29 ? 205 DA  B N7    1 
ATOM   300 C C5    . DA  B 1 5  ? 3.631   -0.682  -3.606  1.00 13.27 ? 205 DA  B C5    1 
ATOM   301 C C6    . DA  B 1 5  ? 2.290   -0.345  -3.744  1.00 13.47 ? 205 DA  B C6    1 
ATOM   302 N N6    . DA  B 1 5  ? 1.381   -0.670  -2.856  1.00 14.50 ? 205 DA  B N6    1 
ATOM   303 N N1    . DA  B 1 5  ? 1.899   0.278   -4.863  1.00 13.39 ? 205 DA  B N1    1 
ATOM   304 C C2    . DA  B 1 5  ? 2.826   0.601   -5.786  1.00 14.54 ? 205 DA  B C2    1 
ATOM   305 N N3    . DA  B 1 5  ? 4.145   0.369   -5.801  1.00 14.16 ? 205 DA  B N3    1 
ATOM   306 C C4    . DA  B 1 5  ? 4.469   -0.271  -4.625  1.00 13.36 ? 205 DA  B C4    1 
HETATM 307 P P     . F6H B 1 6  ? 9.335   3.153   -2.994  1.00 18.62 ? 206 F6H B P     1 
HETATM 308 N N1    . F6H B 1 6  ? 3.951   4.182   -4.879  1.00 14.39 ? 206 F6H B N1    1 
HETATM 309 C C2    . F6H B 1 6  ? 2.611   4.239   -4.686  1.00 14.99 ? 206 F6H B C2    1 
HETATM 310 O O2    . F6H B 1 6  ? 1.851   4.866   -5.484  1.00 16.76 ? 206 F6H B O2    1 
HETATM 311 N N3    . F6H B 1 6  ? 2.022   3.571   -3.660  1.00 13.54 ? 206 F6H B N3    1 
HETATM 312 C C4    . F6H B 1 6  ? 2.725   2.887   -2.759  1.00 13.43 ? 206 F6H B C4    1 
HETATM 313 O O4    . F6H B 1 6  ? 2.101   2.341   -1.784  1.00 14.61 ? 206 F6H B O4    1 
HETATM 314 C C5    . F6H B 1 6  ? 4.140   2.878   -2.835  1.00 13.83 ? 206 F6H B C5    1 
HETATM 315 C C6    . F6H B 1 6  ? 4.668   3.468   -3.918  1.00 15.20 ? 206 F6H B C6    1 
HETATM 316 C C7    . F6H B 1 6  ? 4.966   2.145   -1.814  1.00 14.71 ? 206 F6H B C7    1 
HETATM 317 C "C1'" . F6H B 1 6  ? 5.557   3.884   -6.787  1.00 15.86 ? 206 F6H B "C1'" 1 
HETATM 318 C "C2'" . F6H B 1 6  ? 4.599   4.843   -6.069  1.00 15.36 ? 206 F6H B "C2'" 1 
HETATM 319 C "C3'" . F6H B 1 6  ? 5.180   6.144   -5.671  1.00 16.59 ? 206 F6H B "C3'" 1 
HETATM 320 F "F3'" . F6H B 1 6  ? 5.399   6.799   -6.868  1.00 17.89 ? 206 F6H B "F3'" 1 
HETATM 321 C "C4'" . F6H B 1 6  ? 6.525   5.958   -4.954  1.00 16.47 ? 206 F6H B "C4'" 1 
HETATM 322 O "O4'" . F6H B 1 6  ? 7.177   7.260   -4.819  1.00 18.30 ? 206 F6H B "O4'" 1 
HETATM 323 C "C5'" . F6H B 1 6  ? 7.453   5.049   -5.799  1.00 17.54 ? 206 F6H B "C5'" 1 
HETATM 324 O "O5'" . F6H B 1 6  ? 6.775   3.814   -6.067  1.00 16.86 ? 206 F6H B "O5'" 1 
HETATM 325 C "C6'" . F6H B 1 6  ? 8.812   4.691   -5.123  1.00 19.40 ? 206 F6H B "C6'" 1 
HETATM 326 O "O6'" . F6H B 1 6  ? 8.394   4.119   -3.839  1.00 17.63 ? 206 F6H B "O6'" 1 
HETATM 327 C "C7'" . F6H B 1 6  ? 9.786   5.882   -5.067  1.00 20.24 ? 206 F6H B "C7'" 1 
HETATM 328 O OP1   . F6H B 1 6  ? 10.821  3.658   -2.966  1.00 19.61 ? 206 F6H B OP1   1 
HETATM 329 O OP2   . F6H B 1 6  ? 8.549   2.843   -1.708  1.00 17.68 ? 206 F6H B OP2   1 
ATOM   330 P P     . DA  B 1 7  ? 6.953   8.158   -3.533  1.00 19.37 ? 207 DA  B P     1 
ATOM   331 O OP1   . DA  B 1 7  ? 6.832   7.366   -2.284  1.00 20.97 ? 207 DA  B OP1   1 
ATOM   332 O OP2   . DA  B 1 7  ? 8.013   9.198   -3.637  1.00 22.68 ? 207 DA  B OP2   1 
ATOM   333 O "O5'" . DA  B 1 7  ? 5.508   8.835   -3.702  1.00 17.79 ? 207 DA  B "O5'" 1 
ATOM   334 C "C5'" . DA  B 1 7  ? 5.280   9.714   -4.864  1.00 18.30 ? 207 DA  B "C5'" 1 
ATOM   335 C "C4'" . DA  B 1 7  ? 3.778   10.034  -4.935  1.00 18.32 ? 207 DA  B "C4'" 1 
ATOM   336 O "O4'" . DA  B 1 7  ? 3.037   8.790   -5.176  1.00 17.36 ? 207 DA  B "O4'" 1 
ATOM   337 C "C3'" . DA  B 1 7  ? 3.208   10.605  -3.639  1.00 16.85 ? 207 DA  B "C3'" 1 
ATOM   338 O "O3'" . DA  B 1 7  ? 3.555   12.012  -3.503  1.00 20.27 ? 207 DA  B "O3'" 1 
ATOM   339 C "C2'" . DA  B 1 7  ? 1.747   10.326  -3.934  1.00 16.51 ? 207 DA  B "C2'" 1 
ATOM   340 C "C1'" . DA  B 1 7  ? 1.756   8.899   -4.575  1.00 15.86 ? 207 DA  B "C1'" 1 
ATOM   341 N N9    . DA  B 1 7  ? 1.661   7.905   -3.475  1.00 14.67 ? 207 DA  B N9    1 
ATOM   342 C C8    . DA  B 1 7  ? 2.692   7.224   -2.856  1.00 16.74 ? 207 DA  B C8    1 
ATOM   343 N N7    . DA  B 1 7  ? 2.207   6.393   -1.926  1.00 14.94 ? 207 DA  B N7    1 
ATOM   344 C C5    . DA  B 1 7  ? 0.840   6.559   -1.970  1.00 13.63 ? 207 DA  B C5    1 
ATOM   345 C C6    . DA  B 1 7  ? -0.219  5.946   -1.277  1.00 12.21 ? 207 DA  B C6    1 
ATOM   346 N N6    . DA  B 1 7  ? -0.050  5.026   -0.307  1.00 13.48 ? 207 DA  B N6    1 
ATOM   347 N N1    . DA  B 1 7  ? -1.463  6.369   -1.536  1.00 13.57 ? 207 DA  B N1    1 
ATOM   348 C C2    . DA  B 1 7  ? -1.701  7.289   -2.498  1.00 14.13 ? 207 DA  B C2    1 
ATOM   349 N N3    . DA  B 1 7  ? -0.791  7.847   -3.289  1.00 14.84 ? 207 DA  B N3    1 
ATOM   350 C C4    . DA  B 1 7  ? 0.472   7.452   -2.931  1.00 13.63 ? 207 DA  B C4    1 
ATOM   351 P P     . DC  B 1 8  ? 3.808   12.602  -2.021  1.00 22.05 ? 208 DC  B P     1 
ATOM   352 O OP1   . DC  B 1 8  ? 4.317   13.983  -2.253  1.00 27.05 ? 208 DC  B OP1   1 
ATOM   353 O OP2   . DC  B 1 8  ? 4.587   11.621  -1.237  1.00 26.22 ? 208 DC  B OP2   1 
ATOM   354 O "O5'" . DC  B 1 8  ? 2.334   12.660  -1.360  1.00 19.10 ? 208 DC  B "O5'" 1 
ATOM   355 C "C5'" . DC  B 1 8  ? 1.380   13.495  -1.985  1.00 19.26 ? 208 DC  B "C5'" 1 
ATOM   356 C "C4'" . DC  B 1 8  ? 0.009   13.096  -1.435  1.00 17.50 ? 208 DC  B "C4'" 1 
ATOM   357 O "O4'" . DC  B 1 8  ? -0.293  11.704  -1.824  1.00 16.24 ? 208 DC  B "O4'" 1 
ATOM   358 C "C3'" . DC  B 1 8  ? -0.200  13.105  0.065   1.00 16.90 ? 208 DC  B "C3'" 1 
ATOM   359 O "O3'" . DC  B 1 8  ? -0.403  14.523  0.532   1.00 20.68 ? 208 DC  B "O3'" 1 
ATOM   360 C "C2'" . DC  B 1 8  ? -1.422  12.271  0.242   1.00 15.61 ? 208 DC  B "C2'" 1 
ATOM   361 C "C1'" . DC  B 1 8  ? -1.101  11.129  -0.786  1.00 15.31 ? 208 DC  B "C1'" 1 
ATOM   362 N N1    . DC  B 1 8  ? -0.371  10.017  -0.152  1.00 14.42 ? 208 DC  B N1    1 
ATOM   363 C C2    . DC  B 1 8  ? -1.148  9.133   0.567   1.00 14.52 ? 208 DC  B C2    1 
ATOM   364 O O2    . DC  B 1 8  ? -2.365  9.275   0.564   1.00 15.67 ? 208 DC  B O2    1 
ATOM   365 N N3    . DC  B 1 8  ? -0.501  8.143   1.263   1.00 13.94 ? 208 DC  B N3    1 
ATOM   366 C C4    . DC  B 1 8  ? 0.828   8.065   1.256   1.00 14.69 ? 208 DC  B C4    1 
ATOM   367 N N4    . DC  B 1 8  ? 1.356   7.069   1.991   1.00 15.55 ? 208 DC  B N4    1 
ATOM   368 C C5    . DC  B 1 8  ? 1.621   8.980   0.538   1.00 15.37 ? 208 DC  B C5    1 
ATOM   369 C C6    . DC  B 1 8  ? 0.982   9.954   -0.147  1.00 15.52 ? 208 DC  B C6    1 
ATOM   370 P P     . DG  B 1 9  ? -0.227  14.920  2.083   1.00 21.84 ? 209 DG  B P     1 
ATOM   371 O OP1   . DG  B 1 9  ? -0.460  16.388  2.155   1.00 25.06 ? 209 DG  B OP1   1 
ATOM   372 O OP2   . DG  B 1 9  ? 0.996   14.241  2.653   1.00 24.52 ? 209 DG  B OP2   1 
ATOM   373 O "O5'" . DG  B 1 9  ? -1.460  14.212  2.814   1.00 19.40 ? 209 DG  B "O5'" 1 
ATOM   374 C "C5'" . DG  B 1 9  ? -2.853  14.488  2.470   1.00 18.48 ? 209 DG  B "C5'" 1 
ATOM   375 C "C4'" . DG  B 1 9  ? -3.711  13.520  3.246   1.00 15.43 ? 209 DG  B "C4'" 1 
ATOM   376 O "O4'" . DG  B 1 9  ? -3.347  12.192  2.861   1.00 15.29 ? 209 DG  B "O4'" 1 
ATOM   377 C "C3'" . DG  B 1 9  ? -3.685  13.431  4.736   1.00 16.24 ? 209 DG  B "C3'" 1 
ATOM   378 O "O3'" . DG  B 1 9  ? -4.629  14.430  5.282   1.00 18.64 ? 209 DG  B "O3'" 1 
ATOM   379 C "C2'" . DG  B 1 9  ? -4.182  12.043  5.038   1.00 15.76 ? 209 DG  B "C2'" 1 
ATOM   380 C "C1'" . DG  B 1 9  ? -3.528  11.306  3.920   1.00 15.26 ? 209 DG  B "C1'" 1 
ATOM   381 N N9    . DG  B 1 9  ? -2.236  10.691  4.214   1.00 13.55 ? 209 DG  B N9    1 
ATOM   382 C C8    . DG  B 1 9  ? -0.999  10.895  3.697   1.00 14.02 ? 209 DG  B C8    1 
ATOM   383 N N7    . DG  B 1 9  ? -0.146  10.001  4.116   1.00 14.64 ? 209 DG  B N7    1 
ATOM   384 C C5    . DG  B 1 9  ? -0.859  9.153   4.925   1.00 13.92 ? 209 DG  B C5    1 
ATOM   385 C C6    . DG  B 1 9  ? -0.471  7.999   5.648   1.00 14.00 ? 209 DG  B C6    1 
ATOM   386 O O6    . DG  B 1 9  ? 0.662   7.449   5.686   1.00 15.62 ? 209 DG  B O6    1 
ATOM   387 N N1    . DG  B 1 9  ? -1.474  7.418   6.349   1.00 14.33 ? 209 DG  B N1    1 
ATOM   388 C C2    . DG  B 1 9  ? -2.741  7.940   6.477   1.00 13.39 ? 209 DG  B C2    1 
ATOM   389 N N2    . DG  B 1 9  ? -3.638  7.308   7.219   1.00 14.23 ? 209 DG  B N2    1 
ATOM   390 N N3    . DG  B 1 9  ? -3.115  9.001   5.752   1.00 13.51 ? 209 DG  B N3    1 
ATOM   391 C C4    . DG  B 1 9  ? -2.158  9.564   5.030   1.00 13.91 ? 209 DG  B C4    1 
ATOM   392 P P     . DC  B 1 10 ? -4.430  15.144  6.655   1.00 21.28 ? 210 DC  B P     1 
ATOM   393 O OP1   . DC  B 1 10 ? -5.481  16.198  6.689   1.00 24.36 ? 210 DC  B OP1   1 
ATOM   394 O OP2   . DC  B 1 10 ? -3.086  15.456  6.869   1.00 24.19 ? 210 DC  B OP2   1 
ATOM   395 O "O5'" . DC  B 1 10 ? -4.701  13.969  7.706   1.00 18.79 ? 210 DC  B "O5'" 1 
ATOM   396 C "C5'" . DC  B 1 10 ? -5.985  13.482  7.942   1.00 18.44 ? 210 DC  B "C5'" 1 
ATOM   397 C "C4'" . DC  B 1 10 ? -6.016  12.441  9.013   1.00 21.57 ? 210 DC  B "C4'" 1 
ATOM   398 O "O4'" . DC  B 1 10 ? -5.283  11.298  8.353   1.00 16.33 ? 210 DC  B "O4'" 1 
ATOM   399 C "C3'" . DC  B 1 10 ? -5.232  12.667  10.269  1.00 16.90 ? 210 DC  B "C3'" 1 
ATOM   400 O "O3'" . DC  B 1 10 ? -6.104  13.309  11.192  1.00 20.80 ? 210 DC  B "O3'" 1 
ATOM   401 C "C2'" . DC  B 1 10 ? -5.042  11.217  10.704  1.00 17.26 ? 210 DC  B "C2'" 1 
ATOM   402 C "C1'" . DC  B 1 10 ? -4.706  10.508  9.412   1.00 16.49 ? 210 DC  B "C1'" 1 
ATOM   403 N N1    . DC  B 1 10 ? -3.210  10.380  9.103   1.00 16.07 ? 210 DC  B N1    1 
ATOM   404 C C2    . DC  B 1 10 ? -2.554  9.279   9.664   1.00 15.71 ? 210 DC  B C2    1 
ATOM   405 O O2    . DC  B 1 10 ? -3.186  8.520   10.408  1.00 16.50 ? 210 DC  B O2    1 
ATOM   406 N N3    . DC  B 1 10 ? -1.260  9.107   9.326   1.00 15.68 ? 210 DC  B N3    1 
ATOM   407 C C4    . DC  B 1 10 ? -0.670  9.973   8.556   1.00 14.97 ? 210 DC  B C4    1 
ATOM   408 N N4    . DC  B 1 10 ? 0.608   9.724   8.241   1.00 15.57 ? 210 DC  B N4    1 
ATOM   409 C C5    . DC  B 1 10 ? -1.246  11.189  8.025   1.00 14.23 ? 210 DC  B C5    1 
ATOM   410 C C6    . DC  B 1 10 ? -2.543  11.316  8.341   1.00 15.34 ? 210 DC  B C6    1 
HETATM 411 O O     . HOH C 2 .  ? -7.696  1.759   0.044   1.00 17.27 ? 201 HOH A O     1 
HETATM 412 O O     . HOH C 2 .  ? -3.994  -0.064  -0.358  1.00 21.19 ? 202 HOH A O     1 
HETATM 413 O O     . HOH C 2 .  ? -3.613  -3.209  -5.720  1.00 20.37 ? 203 HOH A O     1 
HETATM 414 O O     . HOH C 2 .  ? 6.033   -7.011  -5.984  1.00 17.43 ? 204 HOH A O     1 
HETATM 415 O O     . HOH C 2 .  ? 5.583   -12.076 -2.317  1.00 15.01 ? 205 HOH A O     1 
HETATM 416 O O     . HOH C 2 .  ? -2.352  -1.756  -1.718  1.00 18.94 ? 206 HOH A O     1 
HETATM 417 O O     . HOH C 2 .  ? -1.389  1.623   1.747   1.00 26.36 ? 207 HOH A O     1 
HETATM 418 O O     . HOH C 2 .  ? -0.462  1.589   4.903   1.00 34.53 ? 208 HOH A O     1 
HETATM 419 O O     . HOH C 2 .  ? -3.809  -5.892  -6.036  1.00 24.11 ? 209 HOH A O     1 
HETATM 420 O O     . HOH C 2 .  ? -11.727 1.200   1.186   1.00 29.77 ? 210 HOH A O     1 
HETATM 421 O O     . HOH C 2 .  ? -6.570  -0.316  -1.187  1.00 26.31 ? 211 HOH A O     1 
HETATM 422 O O     . HOH C 2 .  ? -5.858  -2.029  -6.808  1.00 22.07 ? 212 HOH A O     1 
HETATM 423 O O     . HOH C 2 .  ? 3.765   3.317   6.493   1.00 33.09 ? 213 HOH A O     1 
HETATM 424 O O     . HOH C 2 .  ? -8.068  -0.922  -3.369  1.00 29.59 ? 214 HOH A O     1 
HETATM 425 O O     . HOH C 2 .  ? 4.047   7.428   7.417   1.00 24.55 ? 215 HOH A O     1 
HETATM 426 O O     . HOH C 2 .  ? 5.186   4.982   8.403   1.00 28.59 ? 216 HOH A O     1 
HETATM 427 O O     . HOH C 2 .  ? 6.669   1.877   11.207  1.00 35.17 ? 217 HOH A O     1 
HETATM 428 O O     . HOH C 2 .  ? 7.415   3.971   9.000   1.00 54.70 ? 218 HOH A O     1 
HETATM 429 O O     . HOH C 2 .  ? -2.462  -4.000  11.968  1.00 31.33 ? 219 HOH A O     1 
HETATM 430 O O     . HOH C 2 .  ? -6.824  -0.841  3.317   1.00 31.17 ? 220 HOH A O     1 
HETATM 431 O O     . HOH C 2 .  ? 5.208   -0.131  15.402  1.00 27.92 ? 221 HOH A O     1 
HETATM 432 O O     . HOH C 2 .  ? -12.564 2.978   -4.528  1.00 29.48 ? 222 HOH A O     1 
HETATM 433 O O     . HOH C 2 .  ? -1.661  -9.551  -7.119  1.00 29.18 ? 223 HOH A O     1 
HETATM 434 O O     . HOH C 2 .  ? 8.016   -14.752 -8.920  1.00 41.27 ? 224 HOH A O     1 
HETATM 435 O O     . HOH C 2 .  ? 1.811   3.910   3.787   1.00 32.97 ? 225 HOH A O     1 
HETATM 436 O O     . HOH C 2 .  ? -3.299  6.439   -6.470  1.00 20.50 ? 226 HOH A O     1 
HETATM 437 O O     . HOH C 2 .  ? 0.852   -13.422 -8.079  1.00 25.86 ? 227 HOH A O     1 
HETATM 438 O O     . HOH C 2 .  ? -2.292  -6.127  13.729  1.00 32.20 ? 228 HOH A O     1 
HETATM 439 O O     . HOH C 2 .  ? -4.702  6.538   -8.887  1.00 24.64 ? 229 HOH A O     1 
HETATM 440 O O     . HOH C 2 .  ? -13.833 5.515   1.080   1.00 34.23 ? 230 HOH A O     1 
HETATM 441 O O     . HOH C 2 .  ? -3.262  -3.834  -3.027  1.00 27.49 ? 231 HOH A O     1 
HETATM 442 O O     . HOH C 2 .  ? -3.154  -9.329  -4.218  1.00 33.93 ? 232 HOH A O     1 
HETATM 443 O O     . HOH C 2 .  ? 5.700   -18.466 -9.026  1.00 29.27 ? 233 HOH A O     1 
HETATM 444 O O     . HOH C 2 .  ? 1.448   -3.723  13.113  1.00 29.64 ? 234 HOH A O     1 
HETATM 445 O O     . HOH C 2 .  ? -10.569 0.114   -2.318  1.00 33.02 ? 235 HOH A O     1 
HETATM 446 O O     . HOH C 2 .  ? 6.043   -19.025 -6.559  1.00 27.56 ? 236 HOH A O     1 
HETATM 447 O O     . HOH C 2 .  ? -7.772  -2.132  0.850   1.00 41.81 ? 237 HOH A O     1 
HETATM 448 O O     . HOH D 2 .  ? 2.329   11.350  6.314   1.00 20.97 ? 301 HOH B O     1 
HETATM 449 O O     . HOH D 2 .  ? -2.588  -6.982  4.179   1.00 24.23 ? 302 HOH B O     1 
HETATM 450 O O     . HOH D 2 .  ? 4.063   5.215   -0.183  1.00 17.92 ? 303 HOH B O     1 
HETATM 451 O O     . HOH D 2 .  ? 6.726   4.995   -1.094  1.00 21.03 ? 304 HOH B O     1 
HETATM 452 O O     . HOH D 2 .  ? 7.707   1.248   0.350   1.00 23.33 ? 305 HOH B O     1 
HETATM 453 O O     . HOH D 2 .  ? -1.943  -6.569  1.469   1.00 22.62 ? 306 HOH B O     1 
HETATM 454 O O     . HOH D 2 .  ? 5.889   -2.005  1.543   1.00 19.26 ? 307 HOH B O     1 
HETATM 455 O O     . HOH D 2 .  ? 3.829   -1.087  0.090   1.00 20.20 ? 308 HOH B O     1 
HETATM 456 O O     . HOH D 2 .  ? 5.336   -8.117  9.363   1.00 25.84 ? 309 HOH B O     1 
HETATM 457 O O     . HOH D 2 .  ? 2.568   9.867   3.818   1.00 22.33 ? 310 HOH B O     1 
HETATM 458 O O     . HOH D 2 .  ? 2.287   3.549   1.048   1.00 23.24 ? 311 HOH B O     1 
HETATM 459 O O     . HOH D 2 .  ? -2.955  -6.387  -1.952  1.00 26.97 ? 312 HOH B O     1 
HETATM 460 O O     . HOH D 2 .  ? 5.192   8.908   -0.447  1.00 25.05 ? 313 HOH B O     1 
HETATM 461 O O     . HOH D 2 .  ? 6.121   -9.358  -1.915  1.00 20.90 ? 314 HOH B O     1 
HETATM 462 O O     . HOH D 2 .  ? -0.073  -2.538  -0.260  1.00 23.08 ? 315 HOH B O     1 
HETATM 463 O O     . HOH D 2 .  ? 0.766   13.623  5.604   1.00 31.31 ? 316 HOH B O     1 
HETATM 464 O O     . HOH D 2 .  ? -5.697  16.077  11.012  1.00 24.63 ? 317 HOH B O     1 
HETATM 465 O O     . HOH D 2 .  ? -0.908  -4.038  1.964   1.00 31.61 ? 318 HOH B O     1 
HETATM 466 O O     . HOH D 2 .  ? 3.940   11.599  1.855   1.00 29.61 ? 319 HOH B O     1 
HETATM 467 O O     . HOH D 2 .  ? 2.634   1.119   0.476   1.00 24.00 ? 320 HOH B O     1 
HETATM 468 O O     . HOH D 2 .  ? 9.135   9.591   -6.047  1.00 32.77 ? 321 HOH B O     1 
HETATM 469 O O     . HOH D 2 .  ? 1.705   6.721   -7.663  1.00 31.78 ? 322 HOH B O     1 
HETATM 470 O O     . HOH D 2 .  ? 0.111   -7.072  4.435   1.00 24.56 ? 323 HOH B O     1 
HETATM 471 O O     . HOH D 2 .  ? 12.192  2.556   -5.224  1.00 35.74 ? 324 HOH B O     1 
HETATM 472 O O     . HOH D 2 .  ? 3.523   -3.865  4.515   1.00 30.69 ? 325 HOH B O     1 
HETATM 473 O O     . HOH D 2 .  ? 3.782   15.981  -0.464  1.00 46.62 ? 326 HOH B O     1 
HETATM 474 O O     . HOH D 2 .  ? 4.380   7.077   1.765   1.00 24.81 ? 327 HOH B O     1 
HETATM 475 O O     . HOH D 2 .  ? -7.946  16.179  5.060   1.00 32.93 ? 328 HOH B O     1 
HETATM 476 O O     . HOH D 2 .  ? -5.634  -8.711  3.289   1.00 39.16 ? 329 HOH B O     1 
HETATM 477 O O     . HOH D 2 .  ? 3.116   7.441   4.873   1.00 24.53 ? 330 HOH B O     1 
HETATM 478 O O     . HOH D 2 .  ? 1.662   -9.533  10.549  1.00 31.31 ? 331 HOH B O     1 
HETATM 479 O O     . HOH D 2 .  ? -1.770  8.702   -5.767  1.00 20.87 ? 332 HOH B O     1 
HETATM 480 O O     . HOH D 2 .  ? 5.081   1.693   1.825   1.00 32.43 ? 333 HOH B O     1 
HETATM 481 O O     . HOH D 2 .  ? 12.852  -2.874  -1.688  1.00 36.55 ? 334 HOH B O     1 
HETATM 482 O O     . HOH D 2 .  ? 11.664  5.993   -1.846  1.00 38.36 ? 335 HOH B O     1 
HETATM 483 O O     . HOH D 2 .  ? -0.910  14.451  7.820   1.00 26.89 ? 336 HOH B O     1 
HETATM 484 O O     . HOH D 2 .  ? -4.883  -8.429  0.465   1.00 33.68 ? 337 HOH B O     1 
HETATM 485 O O     . HOH D 2 .  ? 1.117   -4.710  3.832   1.00 30.25 ? 338 HOH B O     1 
HETATM 486 O O     . HOH D 2 .  ? -5.472  18.162  8.646   1.00 29.62 ? 339 HOH B O     1 
HETATM 487 O O     . HOH D 2 .  ? -1.896  11.852  11.983  1.00 22.01 ? 340 HOH B O     1 
HETATM 488 O O     . HOH D 2 .  ? -1.742  13.976  10.312  1.00 19.72 ? 341 HOH B O     1 
HETATM 489 O O     . HOH D 2 .  ? -3.033  18.612  9.665   1.00 38.35 ? 342 HOH B O     1 
HETATM 490 O O     . HOH D 2 .  ? -2.949  16.286  11.273  1.00 19.54 ? 343 HOH B O     1 
# 
loop_
_atom_site_anisotrop.id 
_atom_site_anisotrop.type_symbol 
_atom_site_anisotrop.pdbx_label_atom_id 
_atom_site_anisotrop.pdbx_label_alt_id 
_atom_site_anisotrop.pdbx_label_comp_id 
_atom_site_anisotrop.pdbx_label_asym_id 
_atom_site_anisotrop.pdbx_label_seq_id 
_atom_site_anisotrop.pdbx_PDB_ins_code 
_atom_site_anisotrop.U[1][1] 
_atom_site_anisotrop.U[2][2] 
_atom_site_anisotrop.U[3][3] 
_atom_site_anisotrop.U[1][2] 
_atom_site_anisotrop.U[1][3] 
_atom_site_anisotrop.U[2][3] 
_atom_site_anisotrop.pdbx_auth_seq_id 
_atom_site_anisotrop.pdbx_auth_comp_id 
_atom_site_anisotrop.pdbx_auth_asym_id 
_atom_site_anisotrop.pdbx_auth_atom_id 
1   O "O5'" . DG  A 1  ? 0.3538 0.3844 0.3119 0.1447  0.0548  -0.0006 101 DG  A "O5'" 
2   C "C5'" . DG  A 1  ? 0.3183 0.3185 0.2296 0.0827  0.0378  -0.0127 101 DG  A "C5'" 
3   C "C4'" . DG  A 1  ? 0.2570 0.2855 0.2019 0.0430  -0.0186 -0.0375 101 DG  A "C4'" 
4   O "O4'" . DG  A 1  ? 0.2579 0.2850 0.1916 0.0558  -0.0301 -0.0165 101 DG  A "O4'" 
5   C "C3'" . DG  A 1  ? 0.2771 0.2521 0.1655 0.0412  -0.0299 -0.0176 101 DG  A "C3'" 
6   O "O3'" . DG  A 1  ? 0.3368 0.2136 0.1801 0.0570  -0.0186 -0.0303 101 DG  A "O3'" 
7   C "C2'" . DG  A 1  ? 0.2263 0.2236 0.1759 0.0270  -0.0169 -0.0245 101 DG  A "C2'" 
8   C "C1'" . DG  A 1  ? 0.2315 0.2257 0.2051 0.0468  -0.0007 0.0085  101 DG  A "C1'" 
9   N N9    . DG  A 1  ? 0.2133 0.2355 0.1901 0.0110  0.0003  0.0068  101 DG  A N9    
10  C C8    . DG  A 1  ? 0.2688 0.2494 0.2029 0.0512  0.0335  -0.0011 101 DG  A C8    
11  N N7    . DG  A 1  ? 0.2643 0.2489 0.1985 0.0598  0.0349  -0.0003 101 DG  A N7    
12  C C5    . DG  A 1  ? 0.2114 0.2118 0.1791 0.0232  0.0133  0.0012  101 DG  A C5    
13  C C6    . DG  A 1  ? 0.2003 0.2309 0.1750 0.0137  -0.0013 -0.0123 101 DG  A C6    
14  O O6    . DG  A 1  ? 0.2301 0.2369 0.1910 0.0099  0.0241  0.0042  101 DG  A O6    
15  N N1    . DG  A 1  ? 0.1858 0.2185 0.1607 -0.0055 0.0120  -0.0256 101 DG  A N1    
16  C C2    . DG  A 1  ? 0.2066 0.1956 0.1395 0.0089  -0.0078 0.0037  101 DG  A C2    
17  N N2    . DG  A 1  ? 0.1945 0.2225 0.1662 0.0221  0.0001  0.0045  101 DG  A N2    
18  N N3    . DG  A 1  ? 0.2217 0.2348 0.1648 0.0232  -0.0078 -0.0065 101 DG  A N3    
19  C C4    . DG  A 1  ? 0.2076 0.1995 0.1704 0.0197  0.0067  -0.0017 101 DG  A C4    
20  P P     . DC  A 2  ? 0.3661 0.2137 0.2219 0.0563  -0.0138 -0.0363 102 DC  A P     
21  O OP1   . DC  A 2  ? 0.4117 0.2097 0.2647 0.0354  -0.0348 -0.0261 102 DC  A OP1   
22  O OP2   . DC  A 2  ? 0.3697 0.2814 0.2724 0.0858  0.0119  -0.0414 102 DC  A OP2   
23  O "O5'" . DC  A 2  ? 0.3285 0.2161 0.1975 0.0499  -0.0379 -0.0077 102 DC  A "O5'" 
24  C "C5'" . DC  A 2  ? 0.2998 0.2094 0.2140 0.0308  -0.0193 0.0161  102 DC  A "C5'" 
25  C "C4'" . DC  A 2  ? 0.3133 0.1923 0.1808 0.0027  -0.0419 0.0081  102 DC  A "C4'" 
26  O "O4'" . DC  A 2  ? 0.2976 0.1960 0.1890 0.0361  -0.0112 0.0158  102 DC  A "O4'" 
27  C "C3'" . DC  A 2  ? 0.2912 0.2049 0.2021 -0.0198 -0.0523 0.0272  102 DC  A "C3'" 
28  O "O3'" . DC  A 2  ? 0.3463 0.2390 0.2094 -0.0177 -0.0368 -0.0083 102 DC  A "O3'" 
29  C "C2'" . DC  A 2  ? 0.2560 0.1774 0.1751 -0.0022 -0.0288 0.0086  102 DC  A "C2'" 
30  C "C1'" . DC  A 2  ? 0.2647 0.1700 0.1843 0.0199  -0.0178 0.0272  102 DC  A "C1'" 
31  N N1    . DC  A 2  ? 0.2238 0.1970 0.1549 0.0156  -0.0186 0.0075  102 DC  A N1    
32  C C2    . DC  A 2  ? 0.2313 0.2065 0.1538 0.0151  -0.0287 0.0145  102 DC  A C2    
33  O O2    . DC  A 2  ? 0.2576 0.2123 0.1506 0.0342  -0.0215 0.0138  102 DC  A O2    
34  N N3    . DC  A 2  ? 0.2241 0.1927 0.1556 0.0351  -0.0109 0.0055  102 DC  A N3    
35  C C4    . DC  A 2  ? 0.2258 0.2344 0.1433 0.0219  -0.0338 0.0034  102 DC  A C4    
36  N N4    . DC  A 2  ? 0.2359 0.2358 0.1837 0.0399  0.0039  0.0106  102 DC  A N4    
37  C C5    . DC  A 2  ? 0.2643 0.2080 0.1693 0.0420  -0.0057 -0.0102 102 DC  A C5    
38  C C6    . DC  A 2  ? 0.2615 0.2285 0.1711 0.0400  -0.0216 -0.0116 102 DC  A C6    
39  P P     . DG  A 3  ? 0.3614 0.2590 0.2312 -0.0082 -0.0479 0.0037  103 DG  A P     
40  O OP1   . DG  A 3  ? 0.4758 0.2775 0.2819 -0.0145 -0.0636 0.0509  103 DG  A OP1   
41  O OP2   . DG  A 3  ? 0.3435 0.2957 0.2460 0.0259  -0.0896 -0.0168 103 DG  A OP2   
42  O "O5'" . DG  A 3  ? 0.3183 0.2228 0.2118 0.0065  -0.0356 0.0118  103 DG  A "O5'" 
43  C "C5'" . DG  A 3  ? 0.2814 0.2576 0.2658 -0.0222 0.0267  0.0287  103 DG  A "C5'" 
44  C "C4'" . DG  A 3  ? 0.2784 0.1857 0.1769 -0.0483 0.0075  0.0135  103 DG  A "C4'" 
45  O "O4'" . DG  A 3  ? 0.2282 0.1954 0.1616 -0.0196 -0.0117 0.0167  103 DG  A "O4'" 
46  C "C3'" . DG  A 3  ? 0.2338 0.2144 0.1855 -0.0069 -0.0038 0.0261  103 DG  A "C3'" 
47  O "O3'" . DG  A 3  ? 0.2439 0.2411 0.1675 -0.0205 0.0080  -0.0011 103 DG  A "O3'" 
48  C "C2'" . DG  A 3  ? 0.2009 0.2001 0.1792 0.0040  -0.0343 0.0050  103 DG  A "C2'" 
49  C "C1'" . DG  A 3  ? 0.1981 0.1829 0.1552 -0.0009 0.0082  0.0191  103 DG  A "C1'" 
50  N N9    . DG  A 3  ? 0.1819 0.1779 0.1556 0.0068  -0.0005 0.0074  103 DG  A N9    
51  C C8    . DG  A 3  ? 0.2109 0.1862 0.1535 0.0091  -0.0085 -0.0225 103 DG  A C8    
52  N N7    . DG  A 3  ? 0.2042 0.1974 0.1466 0.0133  -0.0147 0.0134  103 DG  A N7    
53  C C5    . DG  A 3  ? 0.2098 0.1686 0.1420 0.0064  -0.0054 -0.0070 103 DG  A C5    
54  C C6    . DG  A 3  ? 0.1732 0.1887 0.1474 -0.0040 -0.0244 -0.0141 103 DG  A C6    
55  O O6    . DG  A 3  ? 0.1790 0.1962 0.1648 0.0035  -0.0051 0.0070  103 DG  A O6    
56  N N1    . DG  A 3  ? 0.1644 0.1650 0.1479 0.0013  -0.0072 -0.0009 103 DG  A N1    
57  C C2    . DG  A 3  ? 0.1659 0.1784 0.1330 0.0170  -0.0096 -0.0062 103 DG  A C2    
58  N N2    . DG  A 3  ? 0.1866 0.1598 0.1456 0.0035  -0.0163 -0.0116 103 DG  A N2    
59  N N3    . DG  A 3  ? 0.2202 0.1730 0.1582 0.0223  0.0015  -0.0040 103 DG  A N3    
60  C C4    . DG  A 3  ? 0.1958 0.1815 0.1760 0.0015  0.0076  -0.0207 103 DG  A C4    
61  P P     . DT  A 4  ? 0.2156 0.2306 0.1856 -0.0200 0.0151  -0.0010 104 DT  A P     
62  O OP1   . DT  A 4  ? 0.2354 0.2366 0.2058 -0.0540 -0.0067 -0.0044 104 DT  A OP1   
63  O OP2   . DT  A 4  ? 0.2610 0.2007 0.2216 -0.0146 -0.0123 0.0383  104 DT  A OP2   
64  O "O5'" . DT  A 4  ? 0.2233 0.2016 0.1568 -0.0098 0.0064  0.0110  104 DT  A "O5'" 
65  C "C5'" . DT  A 4  ? 0.2105 0.1788 0.1930 -0.0081 0.0290  -0.0098 104 DT  A "C5'" 
66  C "C4'" . DT  A 4  ? 0.2049 0.1777 0.1951 -0.0192 0.0351  -0.0186 104 DT  A "C4'" 
67  O "O4'" . DT  A 4  ? 0.1961 0.1859 0.1755 0.0009  0.0370  -0.0091 104 DT  A "O4'" 
68  C "C3'" . DT  A 4  ? 0.1733 0.2117 0.1615 -0.0010 0.0277  -0.0057 104 DT  A "C3'" 
69  O "O3'" . DT  A 4  ? 0.1723 0.2463 0.1777 0.0171  0.0008  0.0032  104 DT  A "O3'" 
70  C "C2'" . DT  A 4  ? 0.1882 0.2231 0.1400 0.0013  0.0007  0.0026  104 DT  A "C2'" 
71  C "C1'" . DT  A 4  ? 0.1716 0.2201 0.1419 0.0233  0.0356  -0.0129 104 DT  A "C1'" 
72  N N1    . DT  A 4  ? 0.1712 0.1715 0.1547 0.0134  0.0085  -0.0027 104 DT  A N1    
73  C C2    . DT  A 4  ? 0.1752 0.1681 0.1383 0.0065  0.0080  -0.0123 104 DT  A C2    
74  O O2    . DT  A 4  ? 0.1769 0.1831 0.1641 0.0166  -0.0056 0.0115  104 DT  A O2    
75  N N3    . DT  A 4  ? 0.1597 0.1614 0.1484 0.0097  -0.0131 -0.0110 104 DT  A N3    
76  C C4    . DT  A 4  ? 0.1713 0.1539 0.1418 0.0117  -0.0047 -0.0131 104 DT  A C4    
77  O O4    . DT  A 4  ? 0.1551 0.1734 0.1578 0.0064  -0.0051 -0.0088 104 DT  A O4    
78  C C5    . DT  A 4  ? 0.1734 0.1638 0.1529 0.0035  -0.0018 -0.0072 104 DT  A C5    
79  C C7    . DT  A 4  ? 0.2177 0.1687 0.1742 0.0144  -0.0049 0.0051  104 DT  A C7    
80  C C6    . DT  A 4  ? 0.1880 0.1669 0.1635 -0.0008 0.0080  -0.0075 104 DT  A C6    
81  P P     . DA  A 5  ? 0.1807 0.2447 0.2018 0.0107  0.0043  0.0084  105 DA  A P     
82  O OP1   . DA  A 5  ? 0.1906 0.3099 0.2516 0.0088  -0.0328 0.0007  105 DA  A OP1   
83  O OP2   . DA  A 5  ? 0.1871 0.2455 0.1922 0.0075  0.0072  0.0064  105 DA  A OP2   
84  O "O5'" . DA  A 5  ? 0.1648 0.2445 0.2010 0.0100  -0.0048 0.0028  105 DA  A "O5'" 
85  C "C5'" . DA  A 5  ? 0.1439 0.2149 0.2007 0.0164  0.0188  -0.0147 105 DA  A "C5'" 
86  C "C4'" . DA  A 5  ? 0.1800 0.1868 0.1941 0.0081  -0.0134 -0.0197 105 DA  A "C4'" 
87  O "O4'" . DA  A 5  ? 0.1720 0.2026 0.1870 0.0072  0.0075  0.0005  105 DA  A "O4'" 
88  C "C3'" . DA  A 5  ? 0.1504 0.2594 0.1874 0.0191  -0.0087 -0.0163 105 DA  A "C3'" 
89  O "O3'" . DA  A 5  ? 0.2007 0.2502 0.1904 0.0197  -0.0387 -0.0487 105 DA  A "O3'" 
90  C "C2'" . DA  A 5  ? 0.1786 0.2193 0.1877 0.0130  -0.0235 -0.0085 105 DA  A "C2'" 
91  C "C1'" . DA  A 5  ? 0.1622 0.2287 0.1288 0.0312  0.0077  -0.0060 105 DA  A "C1'" 
92  N N9    . DA  A 5  ? 0.1731 0.1970 0.1532 0.0225  0.0026  -0.0015 105 DA  A N9    
93  C C8    . DA  A 5  ? 0.2059 0.1924 0.1446 0.0081  0.0012  -0.0202 105 DA  A C8    
94  N N7    . DA  A 5  ? 0.1951 0.1764 0.1554 0.0081  0.0077  -0.0202 105 DA  A N7    
95  C C5    . DA  A 5  ? 0.1766 0.1716 0.1566 0.0202  0.0048  -0.0137 105 DA  A C5    
96  C C6    . DA  A 5  ? 0.1662 0.1321 0.1753 -0.0019 -0.0006 -0.0106 105 DA  A C6    
97  N N6    . DA  A 5  ? 0.1812 0.1473 0.1757 -0.0012 -0.0090 -0.0115 105 DA  A N6    
98  N N1    . DA  A 5  ? 0.1483 0.1580 0.1719 -0.0078 0.0048  -0.0112 105 DA  A N1    
99  C C2    . DA  A 5  ? 0.1756 0.1679 0.1784 0.0199  0.0160  -0.0247 105 DA  A C2    
100 N N3    . DA  A 5  ? 0.1765 0.1986 0.1600 0.0186  0.0087  -0.0050 105 DA  A N3    
101 C C4    . DA  A 5  ? 0.1748 0.1763 0.1556 0.0151  0.0196  -0.0143 105 DA  A C4    
102 P P     . F6H A 6  ? 0.2081 0.2705 0.2083 0.0150  -0.0273 -0.0455 106 F6H A P     
103 N N1    . F6H A 6  ? 0.1970 0.1937 0.1649 0.0270  0.0030  0.0116  106 F6H A N1    
104 C C2    . F6H A 6  ? 0.1693 0.1859 0.1762 0.0013  0.0139  0.0019  106 F6H A C2    
105 O O2    . F6H A 6  ? 0.1995 0.2107 0.1886 0.0249  0.0056  0.0188  106 F6H A O2    
106 N N3    . F6H A 6  ? 0.1972 0.1761 0.1799 0.0211  0.0227  -0.0056 106 F6H A N3    
107 C C4    . F6H A 6  ? 0.1928 0.1684 0.1660 0.0222  0.0118  -0.0047 106 F6H A C4    
108 O O4    . F6H A 6  ? 0.1920 0.1860 0.1651 0.0121  -0.0057 -0.0071 106 F6H A O4    
109 C C5    . F6H A 6  ? 0.1950 0.1616 0.1842 0.0248  0.0158  -0.0177 106 F6H A C5    
110 C C6    . F6H A 6  ? 0.2008 0.1952 0.1827 0.0272  0.0186  -0.0150 106 F6H A C6    
111 C C7    . F6H A 6  ? 0.1629 0.1902 0.1852 -0.0025 -0.0040 -0.0267 106 F6H A C7    
112 C "C1'" . F6H A 6  ? 0.2659 0.1980 0.1995 0.0231  -0.0136 0.0208  106 F6H A "C1'" 
113 C "C2'" . F6H A 6  ? 0.2259 0.1906 0.1881 0.0328  -0.0140 0.0162  106 F6H A "C2'" 
114 C "C3'" . F6H A 6  ? 0.2548 0.2433 0.1305 0.0219  -0.0202 0.0382  106 F6H A "C3'" 
115 F "F3'" . F6H A 6  ? 0.2653 0.2695 0.1773 0.0685  0.0147  0.0056  106 F6H A "F3'" 
116 C "C4'" . F6H A 6  ? 0.2134 0.2374 0.1676 0.0413  -0.0380 -0.0212 106 F6H A "C4'" 
117 O "O4'" . F6H A 6  ? 0.2796 0.3364 0.1939 0.0097  -0.0658 0.0033  106 F6H A "O4'" 
118 C "C5'" . F6H A 6  ? 0.2173 0.2655 0.1915 0.0161  -0.0351 0.0095  106 F6H A "C5'" 
119 O "O5'" . F6H A 6  ? 0.2221 0.2180 0.1828 0.0376  -0.0102 -0.0073 106 F6H A "O5'" 
120 C "C6'" . F6H A 6  ? 0.2297 0.2840 0.1752 0.0165  -0.0136 -0.0082 106 F6H A "C6'" 
121 O "O6'" . F6H A 6  ? 0.2073 0.2595 0.1800 0.0413  0.0016  -0.0376 106 F6H A "O6'" 
122 C "C7'" . F6H A 6  ? 0.2042 0.3559 0.1968 0.0122  -0.0382 -0.0561 106 F6H A "C7'" 
123 O OP1   . F6H A 6  ? 0.2840 0.3018 0.2632 -0.0048 -0.0529 -0.0663 106 F6H A OP1   
124 O OP2   . F6H A 6  ? 0.2522 0.2571 0.2191 0.0461  0.0001  -0.0317 106 F6H A OP2   
125 P P     . DA  A 7  ? 0.2769 0.2917 0.2232 0.0374  -0.0117 -0.0478 107 DA  A P     
126 O OP1   . DA  A 7  ? 0.3049 0.3747 0.2370 0.0181  -0.0234 -0.0785 107 DA  A OP1   
127 O OP2   . DA  A 7  ? 0.2914 0.2544 0.2728 0.0277  0.0322  -0.0458 107 DA  A OP2   
128 O "O5'" . DA  A 7  ? 0.2563 0.2966 0.1903 0.0316  -0.0032 -0.0184 107 DA  A "O5'" 
129 C "C5'" . DA  A 7  ? 0.2550 0.3273 0.1730 0.0289  -0.0255 0.0081  107 DA  A "C5'" 
130 C "C4'" . DA  A 7  ? 0.2769 0.2518 0.1741 0.0263  -0.0201 -0.0252 107 DA  A "C4'" 
131 O "O4'" . DA  A 7  ? 0.2441 0.2449 0.1655 0.0546  -0.0117 0.0040  107 DA  A "O4'" 
132 C "C3'" . DA  A 7  ? 0.3277 0.2366 0.1491 0.0397  -0.0204 -0.0675 107 DA  A "C3'" 
133 O "O3'" . DA  A 7  ? 0.2983 0.3153 0.2135 0.0605  -0.0354 -0.0265 107 DA  A "O3'" 
134 C "C2'" . DA  A 7  ? 0.2870 0.2567 0.1732 0.0254  0.0037  -0.0081 107 DA  A "C2'" 
135 C "C1'" . DA  A 7  ? 0.2491 0.2520 0.1461 0.0639  -0.0001 0.0294  107 DA  A "C1'" 
136 N N9    . DA  A 7  ? 0.1964 0.2015 0.1747 0.0278  0.0010  -0.0026 107 DA  A N9    
137 C C8    . DA  A 7  ? 0.2030 0.2276 0.1740 0.0378  -0.0031 -0.0108 107 DA  A C8    
138 N N7    . DA  A 7  ? 0.2129 0.1956 0.1687 0.0348  0.0032  -0.0142 107 DA  A N7    
139 C C5    . DA  A 7  ? 0.1887 0.1694 0.1537 0.0113  0.0013  -0.0293 107 DA  A C5    
140 C C6    . DA  A 7  ? 0.1946 0.1664 0.1528 0.0125  -0.0017 -0.0062 107 DA  A C6    
141 N N6    . DA  A 7  ? 0.2017 0.1856 0.1708 0.0217  0.0183  -0.0104 107 DA  A N6    
142 N N1    . DA  A 7  ? 0.1807 0.1658 0.1720 0.0115  0.0049  0.0028  107 DA  A N1    
143 C C2    . DA  A 7  ? 0.1955 0.1681 0.1579 0.0172  -0.0064 0.0016  107 DA  A C2    
144 N N3    . DA  A 7  ? 0.1882 0.2051 0.1710 0.0217  0.0188  0.0103  107 DA  A N3    
145 C C4    . DA  A 7  ? 0.1851 0.1603 0.1571 0.0217  -0.0070 0.0016  107 DA  A C4    
146 P P     . DC  A 8  ? 0.3533 0.3293 0.2305 0.0467  -0.0496 -0.0821 108 DC  A P     
147 O OP1   . DC  A 8  ? 0.4040 0.4018 0.2578 0.1009  -0.0636 -0.0788 108 DC  A OP1   
148 O OP2   . DC  A 8  ? 0.3493 0.3370 0.3473 -0.0174 -0.0985 -0.0254 108 DC  A OP2   
149 O "O5'" . DC  A 8  ? 0.3363 0.2820 0.1981 0.0382  -0.0332 -0.0040 108 DC  A "O5'" 
150 C "C5'" . DC  A 8  ? 0.3194 0.2750 0.2059 0.0127  -0.0087 0.0137  108 DC  A "C5'" 
151 C "C4'" . DC  A 8  ? 0.2736 0.2247 0.1823 0.0461  -0.0147 0.0026  108 DC  A "C4'" 
152 O "O4'" . DC  A 8  ? 0.2448 0.1854 0.1813 0.0206  0.0120  0.0126  108 DC  A "O4'" 
153 C "C3'" . DC  A 8  ? 0.2994 0.2274 0.1631 0.0667  0.0376  -0.0306 108 DC  A "C3'" 
154 O "O3'" . DC  A 8  ? 0.3397 0.1998 0.1955 0.0365  0.0068  0.0001  108 DC  A "O3'" 
155 C "C2'" . DC  A 8  ? 0.2302 0.1872 0.1980 0.0028  0.0108  -0.0237 108 DC  A "C2'" 
156 C "C1'" . DC  A 8  ? 0.2260 0.2019 0.1647 0.0363  0.0252  -0.0062 108 DC  A "C1'" 
157 N N1    . DC  A 8  ? 0.2032 0.1636 0.1765 0.0034  0.0110  -0.0035 108 DC  A N1    
158 C C2    . DC  A 8  ? 0.1997 0.1891 0.1548 0.0099  0.0232  -0.0077 108 DC  A C2    
159 O O2    . DC  A 8  ? 0.2168 0.2112 0.1745 0.0181  0.0261  -0.0017 108 DC  A O2    
160 N N3    . DC  A 8  ? 0.1938 0.1630 0.1610 0.0071  0.0114  0.0075  108 DC  A N3    
161 C C4    . DC  A 8  ? 0.1792 0.1977 0.1802 0.0019  0.0056  -0.0095 108 DC  A C4    
162 N N4    . DC  A 8  ? 0.2348 0.1796 0.1872 -0.0130 0.0092  -0.0092 108 DC  A N4    
163 C C5    . DC  A 8  ? 0.2471 0.1943 0.1753 0.0178  -0.0110 -0.0133 108 DC  A C5    
164 C C6    . DC  A 8  ? 0.2283 0.1895 0.1651 -0.0023 -0.0171 -0.0133 108 DC  A C6    
165 P P     . DG  A 9  ? 0.3203 0.2369 0.2081 0.0249  -0.0222 -0.0320 109 DG  A P     
166 O OP1   . DG  A 9  ? 0.3622 0.2764 0.2224 0.0374  -0.0282 -0.0305 109 DG  A OP1   
167 O OP2   . DG  A 9  ? 0.3194 0.2957 0.3059 0.0292  -0.0306 -0.0556 109 DG  A OP2   
168 O "O5'" . DG  A 9  ? 0.2519 0.1928 0.1841 -0.0079 0.0220  0.0035  109 DG  A "O5'" 
169 C "C5'" . DG  A 9  ? 0.2484 0.1879 0.1673 -0.0208 0.0232  0.0094  109 DG  A "C5'" 
170 C "C4'" . DG  A 9  ? 0.2321 0.1758 0.1876 -0.0024 0.0156  -0.0009 109 DG  A "C4'" 
171 O "O4'" . DG  A 9  ? 0.2404 0.1611 0.1487 -0.0180 0.0097  0.0035  109 DG  A "O4'" 
172 C "C3'" . DG  A 9  ? 0.2443 0.1594 0.1718 0.0101  0.0352  -0.0117 109 DG  A "C3'" 
173 O "O3'" . DG  A 9  ? 0.2278 0.1899 0.1776 0.0046  0.0324  -0.0034 109 DG  A "O3'" 
174 C "C2'" . DG  A 9  ? 0.2201 0.1666 0.1806 0.0033  0.0060  -0.0058 109 DG  A "C2'" 
175 C "C1'" . DG  A 9  ? 0.1931 0.1897 0.1730 -0.0024 0.0209  0.0314  109 DG  A "C1'" 
176 N N9    . DG  A 9  ? 0.1960 0.1731 0.1560 0.0045  0.0079  -0.0094 109 DG  A N9    
177 C C8    . DG  A 9  ? 0.1919 0.1780 0.2110 0.0049  0.0000  -0.0056 109 DG  A C8    
178 N N7    . DG  A 9  ? 0.1863 0.1941 0.1685 0.0092  -0.0015 0.0085  109 DG  A N7    
179 C C5    . DG  A 9  ? 0.2222 0.1383 0.1605 0.0044  0.0088  0.0082  109 DG  A C5    
180 C C6    . DG  A 9  ? 0.1850 0.1707 0.1686 -0.0035 -0.0067 0.0007  109 DG  A C6    
181 O O6    . DG  A 9  ? 0.2049 0.1975 0.1646 0.0256  0.0004  0.0052  109 DG  A O6    
182 N N1    . DG  A 9  ? 0.1875 0.1390 0.1694 0.0038  -0.0030 -0.0073 109 DG  A N1    
183 C C2    . DG  A 9  ? 0.1693 0.1539 0.1514 0.0176  0.0093  -0.0020 109 DG  A C2    
184 N N2    . DG  A 9  ? 0.1893 0.1782 0.1596 0.0130  -0.0040 -0.0129 109 DG  A N2    
185 N N3    . DG  A 9  ? 0.1804 0.1312 0.1711 -0.0075 0.0107  -0.0215 109 DG  A N3    
186 C C4    . DG  A 9  ? 0.2081 0.1595 0.1504 -0.0017 0.0216  -0.0033 109 DG  A C4    
187 P P     . DC  A 10 ? 0.2406 0.1862 0.1744 0.0072  0.0267  -0.0041 110 DC  A P     
188 O OP1   . DC  A 10 ? 0.2978 0.2150 0.2224 0.0432  0.0523  -0.0100 110 DC  A OP1   
189 O OP2   . DC  A 10 ? 0.2753 0.2031 0.2130 -0.0219 0.0137  -0.0093 110 DC  A OP2   
190 O "O5'" . DC  A 10 ? 0.2155 0.1940 0.2074 0.0104  -0.0119 0.0280  110 DC  A "O5'" 
191 C "C5'" . DC  A 10 ? 0.2028 0.1900 0.1803 0.0234  -0.0106 0.0406  110 DC  A "C5'" 
192 C "C4'" . DC  A 10 ? 0.2055 0.1808 0.1651 0.0291  0.0108  -0.0128 110 DC  A "C4'" 
193 O "O4'" . DC  A 10 ? 0.2000 0.1766 0.1701 0.0041  0.0106  -0.0097 110 DC  A "O4'" 
194 C "C3'" . DC  A 10 ? 0.2365 0.1705 0.1650 0.0269  0.0138  0.0134  110 DC  A "C3'" 
195 O "O3'" . DC  A 10 ? 0.2550 0.1825 0.1807 0.0350  0.0050  -0.0012 110 DC  A "O3'" 
196 C "C2'" . DC  A 10 ? 0.2066 0.1574 0.1645 0.0125  0.0151  -0.0060 110 DC  A "C2'" 
197 C "C1'" . DC  A 10 ? 0.1739 0.1704 0.1857 0.0169  0.0206  -0.0113 110 DC  A "C1'" 
198 N N1    . DC  A 10 ? 0.1871 0.1518 0.1665 0.0069  -0.0022 -0.0185 110 DC  A N1    
199 C C2    . DC  A 10 ? 0.1862 0.1630 0.1566 0.0030  0.0158  0.0100  110 DC  A C2    
200 O O2    . DC  A 10 ? 0.1993 0.1674 0.1475 0.0191  0.0032  -0.0060 110 DC  A O2    
201 N N3    . DC  A 10 ? 0.1908 0.1539 0.1825 0.0045  -0.0135 -0.0113 110 DC  A N3    
202 C C4    . DC  A 10 ? 0.1939 0.1502 0.1842 -0.0030 -0.0019 0.0092  110 DC  A C4    
203 N N4    . DC  A 10 ? 0.2091 0.1722 0.2002 0.0206  -0.0082 0.0064  110 DC  A N4    
204 C C5    . DC  A 10 ? 0.1958 0.1656 0.1804 0.0024  0.0028  0.0049  110 DC  A C5    
205 C C6    . DC  A 10 ? 0.2248 0.1570 0.1733 0.0185  0.0028  -0.0050 110 DC  A C6    
206 O "O5'" . DG  B 1  ? 0.3140 0.3596 0.3884 0.0771  0.0308  -0.0120 201 DG  B "O5'" 
207 C "C5'" . DG  B 1  ? 0.2833 0.3619 0.3436 0.0843  0.0641  0.0042  201 DG  B "C5'" 
208 C "C4'" . DG  B 1  ? 0.2666 0.2913 0.2686 0.0374  0.0359  -0.0230 201 DG  B "C4'" 
209 O "O4'" . DG  B 1  ? 0.2666 0.2935 0.3176 0.0221  0.0512  -0.0028 201 DG  B "O4'" 
210 C "C3'" . DG  B 1  ? 0.2769 0.2725 0.2228 0.0327  0.0355  -0.0144 201 DG  B "C3'" 
211 O "O3'" . DG  B 1  ? 0.2608 0.3186 0.2156 0.0552  0.0629  -0.0225 201 DG  B "O3'" 
212 C "C2'" . DG  B 1  ? 0.2667 0.2215 0.2312 0.0591  0.0293  -0.0254 201 DG  B "C2'" 
213 C "C1'" . DG  B 1  ? 0.2297 0.3556 0.2141 0.0333  0.0420  0.0121  201 DG  B "C1'" 
214 N N9    . DG  B 1  ? 0.2562 0.2737 0.2407 0.0524  0.0324  0.0153  201 DG  B N9    
215 C C8    . DG  B 1  ? 0.2404 0.3093 0.2654 0.0446  0.0181  -0.0023 201 DG  B C8    
216 N N7    . DG  B 1  ? 0.2184 0.3504 0.2466 0.0708  0.0038  -0.0070 201 DG  B N7    
217 C C5    . DG  B 1  ? 0.2066 0.2054 0.2430 0.0104  0.0271  0.0024  201 DG  B C5    
218 C C6    . DG  B 1  ? 0.2037 0.2104 0.1926 -0.0004 0.0082  -0.0117 201 DG  B C6    
219 O O6    . DG  B 1  ? 0.2291 0.2250 0.1930 0.0578  0.0051  -0.0090 201 DG  B O6    
220 N N1    . DG  B 1  ? 0.1796 0.1676 0.1796 0.0131  0.0020  -0.0062 201 DG  B N1    
221 C C2    . DG  B 1  ? 0.1987 0.1618 0.1751 0.0013  0.0310  -0.0102 201 DG  B C2    
222 N N2    . DG  B 1  ? 0.2115 0.1738 0.1892 0.0209  0.0112  -0.0292 201 DG  B N2    
223 N N3    . DG  B 1  ? 0.2053 0.2404 0.1964 0.0274  0.0238  -0.0067 201 DG  B N3    
224 C C4    . DG  B 1  ? 0.2286 0.2416 0.2152 0.0313  0.0325  -0.0075 201 DG  B C4    
225 P P     . DC  B 2  ? 0.2651 0.2693 0.2117 0.0580  0.0338  -0.0219 202 DC  B P     
226 O OP1   . DC  B 2  ? 0.3121 0.2857 0.2294 0.0598  0.0270  -0.0558 202 DC  B OP1   
227 O OP2   . DC  B 2  ? 0.2794 0.2993 0.2631 0.1058  0.0088  -0.0120 202 DC  B OP2   
228 O "O5'" . DC  B 2  ? 0.2473 0.2451 0.1966 0.0661  0.0372  -0.0030 202 DC  B "O5'" 
229 C "C5'" . DC  B 2  ? 0.2347 0.2748 0.2217 0.0789  0.0274  0.0168  202 DC  B "C5'" 
230 C "C4'" . DC  B 2  ? 0.2459 0.2197 0.2230 0.0430  0.0200  -0.0307 202 DC  B "C4'" 
231 O "O4'" . DC  B 2  ? 0.2473 0.1891 0.1963 0.0256  0.0302  -0.0001 202 DC  B "O4'" 
232 C "C3'" . DC  B 2  ? 0.2364 0.2283 0.2246 0.0292  -0.0094 -0.0781 202 DC  B "C3'" 
233 O "O3'" . DC  B 2  ? 0.2927 0.2817 0.2395 0.0305  0.0206  -0.0339 202 DC  B "O3'" 
234 C "C2'" . DC  B 2  ? 0.1816 0.1976 0.1834 0.0056  -0.0015 -0.0030 202 DC  B "C2'" 
235 C "C1'" . DC  B 2  ? 0.1683 0.1998 0.1848 0.0062  0.0344  0.0241  202 DC  B "C1'" 
236 N N1    . DC  B 2  ? 0.1905 0.1701 0.1690 0.0257  0.0093  -0.0051 202 DC  B N1    
237 C C2    . DC  B 2  ? 0.1956 0.1685 0.1656 0.0176  0.0211  -0.0091 202 DC  B C2    
238 O O2    . DC  B 2  ? 0.1934 0.1611 0.1586 0.0175  0.0098  0.0052  202 DC  B O2    
239 N N3    . DC  B 2  ? 0.2064 0.1797 0.1823 0.0184  0.0122  0.0002  202 DC  B N3    
240 C C4    . DC  B 2  ? 0.2122 0.1639 0.1789 0.0254  0.0115  -0.0006 202 DC  B C4    
241 N N4    . DC  B 2  ? 0.2063 0.1904 0.1856 0.0113  0.0113  0.0017  202 DC  B N4    
242 C C5    . DC  B 2  ? 0.2438 0.1983 0.1800 0.0318  0.0173  -0.0102 202 DC  B C5    
243 C C6    . DC  B 2  ? 0.2186 0.2047 0.1769 0.0338  0.0306  -0.0030 202 DC  B C6    
244 P P     . DG  B 3  ? 0.3142 0.2368 0.2256 0.0321  0.0032  -0.0048 203 DG  B P     
245 O OP1   . DG  B 3  ? 0.3706 0.2726 0.2171 0.0296  -0.0147 -0.0355 203 DG  B OP1   
246 O OP2   . DG  B 3  ? 0.3645 0.2260 0.2691 0.0465  -0.0526 -0.0285 203 DG  B OP2   
247 O "O5'" . DG  B 3  ? 0.2559 0.2146 0.2278 0.0235  0.0126  0.0012  203 DG  B "O5'" 
248 C "C5'" . DG  B 3  ? 0.2759 0.1827 0.1651 -0.0012 0.0410  0.0002  203 DG  B "C5'" 
249 C "C4'" . DG  B 3  ? 0.2394 0.1495 0.2206 -0.0285 -0.0151 -0.0185 203 DG  B "C4'" 
250 O "O4'" . DG  B 3  ? 0.2896 0.1650 0.1952 -0.0194 -0.0245 0.0174  203 DG  B "O4'" 
251 C "C3'" . DG  B 3  ? 0.2499 0.1481 0.1993 -0.0375 -0.0279 -0.0016 203 DG  B "C3'" 
252 O "O3'" . DG  B 3  ? 0.2693 0.1611 0.2253 -0.0175 -0.0310 0.0101  203 DG  B "O3'" 
253 C "C2'" . DG  B 3  ? 0.2410 0.2068 0.1973 0.0046  -0.0051 0.0015  203 DG  B "C2'" 
254 C "C1'" . DG  B 3  ? 0.2567 0.2170 0.1885 0.0237  -0.0096 0.0030  203 DG  B "C1'" 
255 N N9    . DG  B 3  ? 0.2129 0.1633 0.1834 0.0189  -0.0127 -0.0048 203 DG  B N9    
256 C C8    . DG  B 3  ? 0.2445 0.1414 0.2054 0.0062  0.0189  -0.0158 203 DG  B C8    
257 N N7    . DG  B 3  ? 0.2082 0.1877 0.1826 0.0209  0.0068  -0.0277 203 DG  B N7    
258 C C5    . DG  B 3  ? 0.1905 0.1630 0.1573 -0.0059 0.0030  -0.0038 203 DG  B C5    
259 C C6    . DG  B 3  ? 0.2024 0.1570 0.1736 0.0140  0.0032  -0.0002 203 DG  B C6    
260 O O6    . DG  B 3  ? 0.2075 0.1876 0.1744 0.0051  0.0060  -0.0096 203 DG  B O6    
261 N N1    . DG  B 3  ? 0.1980 0.1669 0.1759 0.0122  0.0035  -0.0199 203 DG  B N1    
262 C C2    . DG  B 3  ? 0.2119 0.1574 0.1677 0.0129  -0.0053 -0.0096 203 DG  B C2    
263 N N2    . DG  B 3  ? 0.1988 0.1477 0.1876 -0.0064 0.0138  -0.0131 203 DG  B N2    
264 N N3    . DG  B 3  ? 0.1889 0.1590 0.1689 -0.0054 -0.0089 -0.0204 203 DG  B N3    
265 C C4    . DG  B 3  ? 0.2235 0.1679 0.1516 0.0122  0.0025  -0.0094 203 DG  B C4    
266 P P     . DT  B 4  ? 0.2947 0.1808 0.2074 -0.0085 -0.0453 0.0010  204 DT  B P     
267 O OP1   . DT  B 4  ? 0.3222 0.2106 0.2717 -0.0206 -0.0462 0.0093  204 DT  B OP1   
268 O OP2   . DT  B 4  ? 0.3235 0.1880 0.1980 -0.0061 -0.0147 -0.0103 204 DT  B OP2   
269 O "O5'" . DT  B 4  ? 0.2611 0.1961 0.2075 0.0260  -0.0291 0.0086  204 DT  B "O5'" 
270 C "C5'" . DT  B 4  ? 0.2811 0.1776 0.2348 0.0375  -0.0181 0.0201  204 DT  B "C5'" 
271 C "C4'" . DT  B 4  ? 0.2273 0.1408 0.2381 -0.0004 -0.0462 0.0091  204 DT  B "C4'" 
272 O "O4'" . DT  B 4  ? 0.2412 0.1880 0.2303 0.0177  -0.0281 0.0075  204 DT  B "O4'" 
273 C "C3'" . DT  B 4  ? 0.2260 0.1513 0.2236 0.0289  0.0034  0.0289  204 DT  B "C3'" 
274 O "O3'" . DT  B 4  ? 0.2282 0.1801 0.2529 0.0209  -0.0108 0.0079  204 DT  B "O3'" 
275 C "C2'" . DT  B 4  ? 0.2010 0.1906 0.2190 0.0268  0.0222  0.0158  204 DT  B "C2'" 
276 C "C1'" . DT  B 4  ? 0.2019 0.2136 0.1836 0.0126  -0.0267 0.0376  204 DT  B "C1'" 
277 N N1    . DT  B 4  ? 0.2016 0.1600 0.1854 0.0044  0.0033  0.0099  204 DT  B N1    
278 C C2    . DT  B 4  ? 0.2060 0.1619 0.1750 0.0153  -0.0114 0.0078  204 DT  B C2    
279 O O2    . DT  B 4  ? 0.2003 0.1899 0.1893 0.0187  -0.0014 0.0043  204 DT  B O2    
280 N N3    . DT  B 4  ? 0.1997 0.1711 0.1763 0.0222  0.0030  -0.0002 204 DT  B N3    
281 C C4    . DT  B 4  ? 0.2021 0.1623 0.1655 0.0089  -0.0089 -0.0117 204 DT  B C4    
282 O O4    . DT  B 4  ? 0.2071 0.1704 0.1655 0.0112  0.0004  0.0069  204 DT  B O4    
283 C C5    . DT  B 4  ? 0.2323 0.1349 0.1732 0.0102  -0.0028 -0.0096 204 DT  B C5    
284 C C7    . DT  B 4  ? 0.2354 0.1621 0.1917 0.0185  0.0068  -0.0094 204 DT  B C7    
285 C C6    . DT  B 4  ? 0.2475 0.1676 0.1892 0.0261  -0.0184 0.0100  204 DT  B C6    
286 P P     . DA  B 5  ? 0.2264 0.2053 0.2401 0.0118  -0.0131 0.0076  205 DA  B P     
287 O OP1   . DA  B 5  ? 0.2725 0.2360 0.2489 -0.0109 -0.0235 0.0223  205 DA  B OP1   
288 O OP2   . DA  B 5  ? 0.2404 0.2008 0.2088 0.0015  -0.0125 0.0264  205 DA  B OP2   
289 O "O5'" . DA  B 5  ? 0.1999 0.1932 0.2022 0.0009  0.0085  0.0075  205 DA  B "O5'" 
290 C "C5'" . DA  B 5  ? 0.2396 0.2247 0.2193 0.0285  0.0336  0.0192  205 DA  B "C5'" 
291 C "C4'" . DA  B 5  ? 0.2050 0.1846 0.2488 0.0077  0.0083  -0.0089 205 DA  B "C4'" 
292 O "O4'" . DA  B 5  ? 0.1993 0.2072 0.2103 0.0305  -0.0008 0.0061  205 DA  B "O4'" 
293 C "C3'" . DA  B 5  ? 0.1515 0.2243 0.2343 0.0090  0.0190  -0.0102 205 DA  B "C3'" 
294 O "O3'" . DA  B 5  ? 0.1897 0.2416 0.2695 0.0235  0.0235  0.0062  205 DA  B "O3'" 
295 C "C2'" . DA  B 5  ? 0.1813 0.2341 0.2051 0.0032  0.0033  0.0294  205 DA  B "C2'" 
296 C "C1'" . DA  B 5  ? 0.1684 0.1937 0.2226 0.0301  0.0147  0.0228  205 DA  B "C1'" 
297 N N9    . DA  B 5  ? 0.1778 0.1888 0.1748 0.0046  0.0068  0.0069  205 DA  B N9    
298 C C8    . DA  B 5  ? 0.1951 0.1707 0.1760 0.0150  0.0080  0.0292  205 DA  B C8    
299 N N7    . DA  B 5  ? 0.1907 0.1711 0.1811 -0.0116 -0.0010 0.0310  205 DA  B N7    
300 C C5    . DA  B 5  ? 0.1691 0.1481 0.1869 0.0023  0.0032  0.0135  205 DA  B C5    
301 C C6    . DA  B 5  ? 0.1886 0.1543 0.1687 0.0059  0.0084  -0.0092 205 DA  B C6    
302 N N6    . DA  B 5  ? 0.1888 0.1829 0.1792 -0.0069 0.0074  0.0085  205 DA  B N6    
303 N N1    . DA  B 5  ? 0.1708 0.1627 0.1751 0.0034  0.0002  0.0142  205 DA  B N1    
304 C C2    . DA  B 5  ? 0.1938 0.1864 0.1719 0.0217  -0.0080 -0.0028 205 DA  B C2    
305 N N3    . DA  B 5  ? 0.1870 0.1783 0.1725 0.0220  0.0187  0.0164  205 DA  B N3    
306 C C4    . DA  B 5  ? 0.1748 0.1539 0.1790 0.0130  -0.0071 0.0149  205 DA  B C4    
307 P P     . F6H B 6  ? 0.2314 0.1929 0.2829 0.0055  0.0129  0.0084  206 F6H B P     
308 N N1    . F6H B 6  ? 0.1739 0.1817 0.1911 0.0228  0.0196  0.0222  206 F6H B N1    
309 C C2    . F6H B 6  ? 0.1895 0.1931 0.1869 0.0148  0.0185  0.0154  206 F6H B C2    
310 O O2    . F6H B 6  ? 0.1906 0.2338 0.2124 0.0184  0.0194  0.0266  206 F6H B O2    
311 N N3    . F6H B 6  ? 0.1711 0.1659 0.1771 0.0045  0.0177  0.0006  206 F6H B N3    
312 C C4    . F6H B 6  ? 0.1601 0.1631 0.1869 0.0037  0.0157  0.0133  206 F6H B C4    
313 O O4    . F6H B 6  ? 0.1690 0.1900 0.1961 0.0081  0.0106  0.0111  206 F6H B O4    
314 C C5    . F6H B 6  ? 0.1685 0.1662 0.1904 0.0107  0.0126  0.0142  206 F6H B C5    
315 C C6    . F6H B 6  ? 0.2207 0.1617 0.1950 0.0273  0.0244  -0.0001 206 F6H B C6    
316 C C7    . F6H B 6  ? 0.1791 0.1765 0.2031 -0.0052 0.0127  0.0225  206 F6H B C7    
317 C "C1'" . F6H B 6  ? 0.1465 0.2487 0.2071 0.0175  0.0382  -0.0269 206 F6H B "C1'" 
318 C "C2'" . F6H B 6  ? 0.1775 0.2348 0.1712 0.0128  0.0123  0.0060  206 F6H B "C2'" 
319 C "C3'" . F6H B 6  ? 0.2384 0.2101 0.1816 0.0018  0.0156  0.0268  206 F6H B "C3'" 
320 F "F3'" . F6H B 6  ? 0.2166 0.2200 0.2430 0.0185  0.0580  0.0444  206 F6H B "F3'" 
321 C "C4'" . F6H B 6  ? 0.1674 0.2205 0.2376 0.0000  0.0175  0.0080  206 F6H B "C4'" 
322 O "O4'" . F6H B 6  ? 0.1941 0.2324 0.2688 -0.0053 0.0386  0.0173  206 F6H B "O4'" 
323 C "C5'" . F6H B 6  ? 0.1713 0.2411 0.2540 0.0096  0.0209  0.0090  206 F6H B "C5'" 
324 O "O5'" . F6H B 6  ? 0.1778 0.2217 0.2410 0.0045  0.0350  0.0137  206 F6H B "O5'" 
325 C "C6'" . F6H B 6  ? 0.2313 0.2311 0.2745 0.0187  0.0298  0.0355  206 F6H B "C6'" 
326 O "O6'" . F6H B 6  ? 0.2061 0.2176 0.2461 0.0086  0.0310  0.0311  206 F6H B "O6'" 
327 C "C7'" . F6H B 6  ? 0.2058 0.2717 0.2915 0.0217  0.0233  0.0380  206 F6H B "C7'" 
328 O OP1   . F6H B 6  ? 0.2084 0.2014 0.3353 -0.0245 0.0146  0.0217  206 F6H B OP1   
329 O OP2   . F6H B 6  ? 0.2163 0.2224 0.2330 0.0194  0.0142  -0.0101 206 F6H B OP2   
330 P P     . DA  B 7  ? 0.2213 0.2190 0.2957 -0.0085 0.0544  0.0212  207 DA  B P     
331 O OP1   . DA  B 7  ? 0.2653 0.2479 0.2833 0.0003  0.0328  0.0015  207 DA  B OP1   
332 O OP2   . DA  B 7  ? 0.2147 0.2694 0.3775 0.0041  0.0428  -0.0048 207 DA  B OP2   
333 O "O5'" . DA  B 7  ? 0.2005 0.2037 0.2716 -0.0137 0.0522  0.0285  207 DA  B "O5'" 
334 C "C5'" . DA  B 7  ? 0.2100 0.2121 0.2731 -0.0039 0.0662  0.0394  207 DA  B "C5'" 
335 C "C4'" . DA  B 7  ? 0.2324 0.2254 0.2379 0.0019  0.0468  0.0445  207 DA  B "C4'" 
336 O "O4'" . DA  B 7  ? 0.2310 0.1944 0.2342 0.0250  0.0500  0.0091  207 DA  B "O4'" 
337 C "C3'" . DA  B 7  ? 0.2057 0.1768 0.2578 -0.0187 0.0464  -0.0123 207 DA  B "C3'" 
338 O "O3'" . DA  B 7  ? 0.2365 0.2544 0.2793 0.0065  0.0580  0.0314  207 DA  B "O3'" 
339 C "C2'" . DA  B 7  ? 0.2206 0.1764 0.2300 -0.0179 0.0257  0.0050  207 DA  B "C2'" 
340 C "C1'" . DA  B 7  ? 0.2120 0.1826 0.2077 0.0095  0.0306  0.0179  207 DA  B "C1'" 
341 N N9    . DA  B 7  ? 0.1921 0.1875 0.1778 0.0034  0.0087  0.0101  207 DA  B N9    
342 C C8    . DA  B 7  ? 0.2582 0.1891 0.1886 0.0242  0.0172  0.0011  207 DA  B C8    
343 N N7    . DA  B 7  ? 0.2094 0.1666 0.1913 -0.0045 0.0103  0.0039  207 DA  B N7    
344 C C5    . DA  B 7  ? 0.1766 0.1784 0.1627 0.0128  0.0119  -0.0024 207 DA  B C5    
345 C C6    . DA  B 7  ? 0.1686 0.1482 0.1468 -0.0026 0.0150  -0.0026 207 DA  B C6    
346 N N6    . DA  B 7  ? 0.1893 0.1581 0.1646 0.0265  -0.0085 0.0041  207 DA  B N6    
347 N N1    . DA  B 7  ? 0.1964 0.1561 0.1628 0.0003  -0.0036 0.0045  207 DA  B N1    
348 C C2    . DA  B 7  ? 0.2024 0.1833 0.1510 0.0161  0.0072  0.0029  207 DA  B C2    
349 N N3    . DA  B 7  ? 0.2001 0.1915 0.1721 0.0172  0.0142  0.0200  207 DA  B N3    
350 C C4    . DA  B 7  ? 0.1672 0.1711 0.1795 -0.0048 0.0108  -0.0017 207 DA  B C4    
351 P P     . DC  B 8  ? 0.2788 0.2435 0.3154 -0.0354 0.0197  -0.0063 208 DC  B P     
352 O OP1   . DC  B 8  ? 0.3467 0.2862 0.3948 -0.0539 0.0658  -0.0244 208 DC  B OP1   
353 O OP2   . DC  B 8  ? 0.2979 0.3212 0.3770 0.0150  0.0000  -0.0302 208 DC  B OP2   
354 O "O5'" . DC  B 8  ? 0.2302 0.2345 0.2609 -0.0132 0.0557  0.0190  208 DC  B "O5'" 
355 C "C5'" . DC  B 8  ? 0.2711 0.2089 0.2516 -0.0345 0.0237  0.0121  208 DC  B "C5'" 
356 C "C4'" . DC  B 8  ? 0.2384 0.2009 0.2255 -0.0216 0.0461  0.0214  208 DC  B "C4'" 
357 O "O4'" . DC  B 8  ? 0.2433 0.1690 0.2046 0.0011  0.0416  0.0156  208 DC  B "O4'" 
358 C "C3'" . DC  B 8  ? 0.2408 0.1621 0.2392 0.0058  0.0327  -0.0191 208 DC  B "C3'" 
359 O "O3'" . DC  B 8  ? 0.2812 0.2347 0.2698 -0.0379 -0.0003 -0.0030 208 DC  B "O3'" 
360 C "C2'" . DC  B 8  ? 0.2228 0.1685 0.2017 -0.0217 0.0217  -0.0222 208 DC  B "C2'" 
361 C "C1'" . DC  B 8  ? 0.2178 0.1923 0.1717 0.0165  0.0175  0.0189  208 DC  B "C1'" 
362 N N1    . DC  B 8  ? 0.1883 0.1852 0.1742 -0.0028 0.0052  0.0088  208 DC  B N1    
363 C C2    . DC  B 8  ? 0.1968 0.1900 0.1648 0.0097  0.0177  -0.0102 208 DC  B C2    
364 O O2    . DC  B 8  ? 0.1938 0.2168 0.1845 0.0111  0.0109  0.0271  208 DC  B O2    
365 N N3    . DC  B 8  ? 0.1959 0.1849 0.1487 0.0045  0.0014  0.0011  208 DC  B N3    
366 C C4    . DC  B 8  ? 0.1939 0.1937 0.1701 0.0005  -0.0271 -0.0077 208 DC  B C4    
367 N N4    . DC  B 8  ? 0.2290 0.2018 0.1598 0.0355  -0.0067 -0.0147 208 DC  B N4    
368 C C5    . DC  B 8  ? 0.2186 0.1952 0.1699 -0.0102 0.0026  -0.0038 208 DC  B C5    
369 C C6    . DC  B 8  ? 0.1875 0.2091 0.1928 -0.0029 0.0087  -0.0040 208 DC  B C6    
370 P P     . DG  B 9  ? 0.3141 0.2493 0.2662 -0.0095 0.0159  -0.0422 209 DG  B P     
371 O OP1   . DG  B 9  ? 0.3751 0.2680 0.3088 -0.0305 0.0429  -0.0111 209 DG  B OP1   
372 O OP2   . DG  B 9  ? 0.2784 0.3218 0.3311 0.0004  -0.0182 -0.0294 209 DG  B OP2   
373 O "O5'" . DG  B 9  ? 0.2580 0.2370 0.2417 -0.0235 0.0011  -0.0167 209 DG  B "O5'" 
374 C "C5'" . DG  B 9  ? 0.2369 0.1916 0.2734 0.0173  -0.0069 -0.0052 209 DG  B "C5'" 
375 C "C4'" . DG  B 9  ? 0.2188 0.1783 0.1891 0.0230  -0.0092 -0.0088 209 DG  B "C4'" 
376 O "O4'" . DG  B 9  ? 0.2255 0.1884 0.1670 0.0205  0.0105  0.0005  209 DG  B "O4'" 
377 C "C3'" . DG  B 9  ? 0.1911 0.2248 0.2008 0.0113  -0.0124 -0.0529 209 DG  B "C3'" 
378 O "O3'" . DG  B 9  ? 0.2746 0.2183 0.2150 0.0523  -0.0396 -0.0491 209 DG  B "O3'" 
379 C "C2'" . DG  B 9  ? 0.2207 0.1971 0.1809 0.0347  0.0088  -0.0275 209 DG  B "C2'" 
380 C "C1'" . DG  B 9  ? 0.2113 0.1988 0.1697 0.0202  0.0030  0.0196  209 DG  B "C1'" 
381 N N9    . DG  B 9  ? 0.1775 0.1870 0.1500 0.0150  -0.0006 0.0053  209 DG  B N9    
382 C C8    . DG  B 9  ? 0.1828 0.1776 0.1724 0.0218  -0.0126 -0.0224 209 DG  B C8    
383 N N7    . DG  B 9  ? 0.1929 0.2006 0.1628 0.0216  -0.0138 -0.0290 209 DG  B N7    
384 C C5    . DG  B 9  ? 0.1988 0.1916 0.1382 0.0126  -0.0090 -0.0107 209 DG  B C5    
385 C C6    . DG  B 9  ? 0.1779 0.1922 0.1615 0.0249  -0.0040 -0.0222 209 DG  B C6    
386 O O6    . DG  B 9  ? 0.2059 0.2164 0.1709 0.0312  -0.0246 -0.0141 209 DG  B O6    
387 N N1    . DG  B 9  ? 0.1889 0.2073 0.1482 0.0108  -0.0201 -0.0138 209 DG  B N1    
388 C C2    . DG  B 9  ? 0.1927 0.1593 0.1566 0.0135  -0.0096 -0.0180 209 DG  B C2    
389 N N2    . DG  B 9  ? 0.2071 0.1852 0.1482 0.0078  0.0041  0.0055  209 DG  B N2    
390 N N3    . DG  B 9  ? 0.1916 0.1740 0.1478 0.0183  -0.0153 -0.0054 209 DG  B N3    
391 C C4    . DG  B 9  ? 0.1769 0.1898 0.1614 0.0277  0.0022  0.0079  209 DG  B C4    
392 P P     . DC  B 10 ? 0.3010 0.2410 0.2665 0.0365  -0.0124 -0.0522 210 DC  B P     
393 O OP1   . DC  B 10 ? 0.3666 0.2673 0.2915 0.0726  0.0178  -0.0701 210 DC  B OP1   
394 O OP2   . DC  B 10 ? 0.2911 0.3519 0.2759 0.0167  -0.0516 -0.1290 210 DC  B OP2   
395 O "O5'" . DC  B 10 ? 0.2639 0.2563 0.1937 0.0233  -0.0186 -0.0695 210 DC  B "O5'" 
396 C "C5'" . DC  B 10 ? 0.2257 0.2471 0.2276 0.0193  0.0144  -0.0354 210 DC  B "C5'" 
397 C "C4'" . DC  B 10 ? 0.2176 0.3118 0.2899 -0.0138 0.0033  -0.0704 210 DC  B "C4'" 
398 O "O4'" . DC  B 10 ? 0.2033 0.2118 0.2051 0.0159  -0.0118 -0.0385 210 DC  B "O4'" 
399 C "C3'" . DC  B 10 ? 0.2184 0.2401 0.1833 0.0231  -0.0191 -0.0577 210 DC  B "C3'" 
400 O "O3'" . DC  B 10 ? 0.2219 0.3315 0.2369 0.0570  -0.0156 -0.0789 210 DC  B "O3'" 
401 C "C2'" . DC  B 10 ? 0.2245 0.2494 0.1819 0.0009  -0.0006 -0.0150 210 DC  B "C2'" 
402 C "C1'" . DC  B 10 ? 0.1947 0.2200 0.2116 0.0247  0.0016  -0.0193 210 DC  B "C1'" 
403 N N1    . DC  B 10 ? 0.2110 0.2288 0.1709 0.0120  -0.0076 -0.0424 210 DC  B N1    
404 C C2    . DC  B 10 ? 0.1990 0.2176 0.1800 -0.0046 -0.0204 0.0022  210 DC  B C2    
405 O O2    . DC  B 10 ? 0.2304 0.2173 0.1792 0.0008  -0.0059 -0.0146 210 DC  B O2    
406 N N3    . DC  B 10 ? 0.2169 0.2200 0.1586 0.0089  -0.0199 -0.0153 210 DC  B N3    
407 C C4    . DC  B 10 ? 0.1992 0.2024 0.1672 0.0205  -0.0175 -0.0485 210 DC  B C4    
408 N N4    . DC  B 10 ? 0.1900 0.2420 0.1594 0.0221  -0.0160 -0.0263 210 DC  B N4    
409 C C5    . DC  B 10 ? 0.1911 0.2148 0.1346 -0.0011 -0.0102 -0.0324 210 DC  B C5    
410 C C6    . DC  B 10 ? 0.2186 0.2201 0.1440 0.0033  -0.0022 -0.0074 210 DC  B C6    
411 O O     . HOH C .  ? 0.2252 0.2413 0.1895 0.0177  -0.0099 -0.0029 201 HOH A O     
412 O O     . HOH C .  ? 0.3340 0.2252 0.2461 0.0278  0.0567  -0.0198 202 HOH A O     
413 O O     . HOH C .  ? 0.2734 0.2437 0.2567 0.0016  0.0141  -0.0326 203 HOH A O     
414 O O     . HOH C .  ? 0.2371 0.2284 0.1966 0.0142  0.0378  0.0048  204 HOH A O     
415 O O     . HOH C .  ? 0.1883 0.2125 0.1695 -0.0025 0.0146  0.0144  205 HOH A O     
416 O O     . HOH C .  ? 0.2484 0.2271 0.2441 0.0248  0.0091  0.0311  206 HOH A O     
417 O O     . HOH C .  ? 0.3180 0.2637 0.4196 0.0840  0.0804  0.0762  207 HOH A O     
418 O O     . HOH C .  ? 0.5152 0.3429 0.4537 0.1419  0.0430  -0.0792 208 HOH A O     
419 O O     . HOH C .  ? 0.2702 0.2983 0.3474 -0.0119 -0.0171 0.0450  209 HOH A O     
420 O O     . HOH C .  ? 0.4003 0.4589 0.2718 -0.1268 -0.0563 0.0243  210 HOH A O     
421 O O     . HOH C .  ? 0.3537 0.3199 0.3257 0.0597  0.0263  -0.0636 211 HOH A O     
422 O O     . HOH C .  ? 0.2872 0.2785 0.2725 0.0606  -0.0554 -0.0516 212 HOH A O     
423 O O     . HOH C .  ? 0.3779 0.5262 0.3529 0.2494  0.0089  -0.0216 213 HOH A O     
424 O O     . HOH C .  ? 0.4743 0.3670 0.2828 -0.0457 0.0238  -0.0146 214 HOH A O     
425 O O     . HOH C .  ? 0.2293 0.4524 0.2508 0.0595  0.0182  0.0089  215 HOH A O     
426 O O     . HOH C .  ? 0.3215 0.4718 0.2928 0.0812  0.0826  -0.0285 216 HOH A O     
427 O O     . HOH C .  ? 0.4149 0.4403 0.4810 0.0699  0.0233  -0.1064 217 HOH A O     
428 O O     . HOH C .  ? 0.5903 0.8856 0.6022 0.1774  0.0330  -0.2487 218 HOH A O     
429 O O     . HOH C .  ? 0.5465 0.2647 0.3790 0.0818  0.0182  -0.0181 219 HOH A O     
430 O O     . HOH C .  ? 0.5125 0.3019 0.3698 0.1156  0.0031  0.0645  220 HOH A O     
431 O O     . HOH C .  ? 0.5411 0.2724 0.2471 0.1183  -0.0489 -0.0474 221 HOH A O     
432 O O     . HOH C .  ? 0.3485 0.4044 0.3670 -0.0373 -0.1089 -0.0511 222 HOH A O     
433 O O     . HOH C .  ? 0.2762 0.4015 0.4307 -0.0012 -0.1028 0.0513  223 HOH A O     
434 O O     . HOH C .  ? 0.4184 0.6000 0.5497 -0.0109 0.1093  -0.1919 224 HOH A O     
435 O O     . HOH C .  ? 0.4904 0.5348 0.2274 0.2502  0.0457  0.0741  225 HOH A O     
436 O O     . HOH C .  ? 0.3349 0.2309 0.2128 0.0231  -0.0304 0.0113  226 HOH A O     
437 O O     . HOH C .  ? 0.3571 0.3691 0.2563 0.0401  0.0257  -0.0474 227 HOH A O     
438 O O     . HOH C .  ? 0.5093 0.2949 0.4193 -0.0031 0.0681  0.0302  228 HOH A O     
439 O O     . HOH C .  ? 0.4189 0.2815 0.2356 0.0965  -0.0553 -0.0310 229 HOH A O     
440 O O     . HOH C .  ? 0.4526 0.3169 0.5310 -0.0911 -0.1012 0.1218  230 HOH A O     
441 O O     . HOH C .  ? 0.5377 0.2708 0.2357 0.0275  -0.0283 0.0162  231 HOH A O     
442 O O     . HOH C .  ? 0.2923 0.5948 0.4019 0.0201  -0.0562 0.2431  232 HOH A O     
443 O O     . HOH C .  ? 0.3986 0.2651 0.4482 -0.0320 0.1454  -0.0725 233 HOH A O     
444 O O     . HOH C .  ? 0.5276 0.2949 0.3036 0.0724  -0.0038 -0.0254 234 HOH A O     
445 O O     . HOH C .  ? 0.4949 0.3833 0.3762 -0.1049 -0.0127 -0.0655 235 HOH A O     
446 O O     . HOH C .  ? 0.4074 0.3756 0.2639 0.0824  0.0592  -0.0367 236 HOH A O     
447 O O     . HOH C .  ? 0.7948 0.4744 0.3190 -0.1111 -0.0400 -0.0797 237 HOH A O     
448 O O     . HOH D .  ? 0.3022 0.3123 0.1822 -0.0128 0.0053  0.0044  301 HOH B O     
449 O O     . HOH D .  ? 0.3425 0.2677 0.3103 0.0475  0.0296  0.0106  302 HOH B O     
450 O O     . HOH D .  ? 0.2368 0.2250 0.2187 -0.0014 -0.0031 -0.0121 303 HOH B O     
451 O O     . HOH D .  ? 0.2466 0.2522 0.2999 -0.0023 0.0381  0.0052  304 HOH B O     
452 O O     . HOH D .  ? 0.3280 0.2471 0.3111 0.0128  0.0315  0.0156  305 HOH B O     
453 O O     . HOH D .  ? 0.3066 0.2712 0.2817 0.0556  0.0500  0.0050  306 HOH B O     
454 O O     . HOH D .  ? 0.2653 0.2179 0.2483 -0.0170 0.0038  0.0273  307 HOH B O     
455 O O     . HOH D .  ? 0.3191 0.2245 0.2234 0.0257  0.0255  0.0275  308 HOH B O     
456 O O     . HOH D .  ? 0.3679 0.3251 0.2888 0.0211  -0.0099 0.0021  309 HOH B O     
457 O O     . HOH D .  ? 0.2451 0.3468 0.2564 -0.0150 -0.0277 -0.0543 310 HOH B O     
458 O O     . HOH D .  ? 0.3183 0.3075 0.2569 0.0204  0.0053  -0.0130 311 HOH B O     
459 O O     . HOH D .  ? 0.2985 0.3184 0.4075 0.0461  0.0400  0.0546  312 HOH B O     
460 O O     . HOH D .  ? 0.3702 0.2859 0.2954 -0.0329 0.0279  0.0405  313 HOH B O     
461 O O     . HOH D .  ? 0.2342 0.2595 0.3005 0.0091  0.0124  -0.0156 314 HOH B O     
462 O O     . HOH D .  ? 0.3213 0.3208 0.2345 0.0636  0.0257  0.0064  315 HOH B O     
463 O O     . HOH D .  ? 0.5330 0.3782 0.2781 0.0843  0.0514  0.0003  316 HOH B O     
464 O O     . HOH D .  ? 0.3440 0.3172 0.2746 0.0107  -0.0063 -0.0570 317 HOH B O     
465 O O     . HOH D .  ? 0.5016 0.4473 0.2520 0.0386  0.0542  0.0122  318 HOH B O     
466 O O     . HOH D .  ? 0.3611 0.3813 0.3826 -0.0943 0.0323  -0.0271 319 HOH B O     
467 O O     . HOH D .  ? 0.2751 0.3255 0.3110 0.0559  -0.0070 0.0771  320 HOH B O     
468 O O     . HOH D .  ? 0.3767 0.3582 0.5102 -0.0676 0.1237  0.0736  321 HOH B O     
469 O O     . HOH D .  ? 0.3706 0.3956 0.4409 0.0984  -0.0638 -0.0035 322 HOH B O     
470 O O     . HOH D .  ? 0.4011 0.2744 0.2574 0.0414  0.0166  -0.0102 323 HOH B O     
471 O O     . HOH D .  ? 0.3541 0.4516 0.5522 -0.0149 0.1628  -0.0342 324 HOH B O     
472 O O     . HOH D .  ? 0.4226 0.3559 0.3874 0.0731  0.0606  -0.0327 325 HOH B O     
473 O O     . HOH D .  ? 0.5995 0.4945 0.6771 -0.1545 0.2264  -0.1957 326 HOH B O     
474 O O     . HOH D .  ? 0.2469 0.3915 0.3041 0.0550  -0.0420 -0.0813 327 HOH B O     
475 O O     . HOH D .  ? 0.4506 0.3639 0.4367 0.0404  -0.0318 -0.1607 328 HOH B O     
476 O O     . HOH D .  ? 0.5299 0.4221 0.5357 0.0577  -0.1739 0.0771  329 HOH B O     
477 O O     . HOH D .  ? 0.2810 0.4065 0.2442 0.0687  0.0125  0.0210  330 HOH B O     
478 O O     . HOH D .  ? 0.4688 0.3854 0.3352 -0.0393 0.0661  0.0634  331 HOH B O     
479 O O     . HOH D .  ? 0.2582 0.3105 0.2239 0.0548  0.0063  0.0485  332 HOH B O     
480 O O     . HOH D .  ? 0.4502 0.3686 0.4130 0.1045  -0.0741 0.0066  333 HOH B O     
481 O O     . HOH D .  ? 0.3904 0.5799 0.4182 0.0135  -0.0257 0.0264  334 HOH B O     
482 O O     . HOH D .  ? 0.5589 0.3374 0.5610 -0.1504 -0.1140 -0.0376 335 HOH B O     
483 O O     . HOH D .  ? 0.3664 0.3081 0.3471 0.0303  -0.0319 0.0132  336 HOH B O     
484 O O     . HOH D .  ? 0.3340 0.4513 0.4943 0.1277  0.0249  0.1126  337 HOH B O     
485 O O     . HOH D .  ? 0.4798 0.3392 0.3304 -0.0495 -0.0163 0.0382  338 HOH B O     
486 O O     . HOH D .  ? 0.5071 0.3022 0.3161 0.0378  -0.0017 -0.0377 339 HOH B O     
487 O O     . HOH D .  ? 0.2626 0.2284 0.3452 0.0166  -0.0528 -0.0720 340 HOH B O     
488 O O     . HOH D .  ? 0.2335 0.2519 0.2638 0.0197  -0.0234 -0.0779 341 HOH B O     
489 O O     . HOH D .  ? 0.4544 0.4837 0.5187 0.1150  -0.1781 0.1506  342 HOH B O     
490 O O     . HOH D .  ? 0.2810 0.2527 0.2087 0.0451  -0.0114 -0.0435 343 HOH B O     
# 
loop_
_pdbx_poly_seq_scheme.asym_id 
_pdbx_poly_seq_scheme.entity_id 
_pdbx_poly_seq_scheme.seq_id 
_pdbx_poly_seq_scheme.mon_id 
_pdbx_poly_seq_scheme.ndb_seq_num 
_pdbx_poly_seq_scheme.pdb_seq_num 
_pdbx_poly_seq_scheme.auth_seq_num 
_pdbx_poly_seq_scheme.pdb_mon_id 
_pdbx_poly_seq_scheme.auth_mon_id 
_pdbx_poly_seq_scheme.pdb_strand_id 
_pdbx_poly_seq_scheme.pdb_ins_code 
_pdbx_poly_seq_scheme.hetero 
A 1 1  DG  1  101 101 DG  DG  A . n 
A 1 2  DC  2  102 102 DC  DC  A . n 
A 1 3  DG  3  103 103 DG  DG  A . n 
A 1 4  DT  4  104 104 DT  DT  A . n 
A 1 5  DA  5  105 105 DA  DA  A . n 
A 1 6  F6H 6  106 106 F6H F6H A . n 
A 1 7  DA  7  107 107 DA  DA  A . n 
A 1 8  DC  8  108 108 DC  DC  A . n 
A 1 9  DG  9  109 109 DG  DG  A . n 
A 1 10 DC  10 110 110 DC  DC  A . n 
B 1 1  DG  1  201 201 DG  DG  B . n 
B 1 2  DC  2  202 202 DC  DC  B . n 
B 1 3  DG  3  203 203 DG  DG  B . n 
B 1 4  DT  4  204 204 DT  DT  B . n 
B 1 5  DA  5  205 205 DA  DA  B . n 
B 1 6  F6H 6  206 206 F6H F6H B . n 
B 1 7  DA  7  207 207 DA  DA  B . n 
B 1 8  DC  8  208 208 DC  DC  B . n 
B 1 9  DG  9  209 209 DG  DG  B . n 
B 1 10 DC  10 210 210 DC  DC  B . n 
# 
loop_
_pdbx_nonpoly_scheme.asym_id 
_pdbx_nonpoly_scheme.entity_id 
_pdbx_nonpoly_scheme.mon_id 
_pdbx_nonpoly_scheme.ndb_seq_num 
_pdbx_nonpoly_scheme.pdb_seq_num 
_pdbx_nonpoly_scheme.auth_seq_num 
_pdbx_nonpoly_scheme.pdb_mon_id 
_pdbx_nonpoly_scheme.auth_mon_id 
_pdbx_nonpoly_scheme.pdb_strand_id 
_pdbx_nonpoly_scheme.pdb_ins_code 
C 2 HOH 1  201 1  HOH HOH A . 
C 2 HOH 2  202 4  HOH HOH A . 
C 2 HOH 3  203 5  HOH HOH A . 
C 2 HOH 4  204 6  HOH HOH A . 
C 2 HOH 5  205 8  HOH HOH A . 
C 2 HOH 6  206 13 HOH HOH A . 
C 2 HOH 7  207 14 HOH HOH A . 
C 2 HOH 8  208 21 HOH HOH A . 
C 2 HOH 9  209 26 HOH HOH A . 
C 2 HOH 10 210 27 HOH HOH A . 
C 2 HOH 11 211 29 HOH HOH A . 
C 2 HOH 12 212 30 HOH HOH A . 
C 2 HOH 13 213 34 HOH HOH A . 
C 2 HOH 14 214 35 HOH HOH A . 
C 2 HOH 15 215 38 HOH HOH A . 
C 2 HOH 16 216 41 HOH HOH A . 
C 2 HOH 17 217 46 HOH HOH A . 
C 2 HOH 18 218 47 HOH HOH A . 
C 2 HOH 19 219 48 HOH HOH A . 
C 2 HOH 20 220 49 HOH HOH A . 
C 2 HOH 21 221 52 HOH HOH A . 
C 2 HOH 22 222 53 HOH HOH A . 
C 2 HOH 23 223 54 HOH HOH A . 
C 2 HOH 24 224 55 HOH HOH A . 
C 2 HOH 25 225 56 HOH HOH A . 
C 2 HOH 26 226 57 HOH HOH A . 
C 2 HOH 27 227 59 HOH HOH A . 
C 2 HOH 28 228 60 HOH HOH A . 
C 2 HOH 29 229 61 HOH HOH A . 
C 2 HOH 30 230 64 HOH HOH A . 
C 2 HOH 31 231 67 HOH HOH A . 
C 2 HOH 32 232 68 HOH HOH A . 
C 2 HOH 33 233 69 HOH HOH A . 
C 2 HOH 34 234 70 HOH HOH A . 
C 2 HOH 35 235 71 HOH HOH A . 
C 2 HOH 36 236 72 HOH HOH A . 
C 2 HOH 37 237 80 HOH HOH A . 
D 2 HOH 1  301 2  HOH HOH B . 
D 2 HOH 2  302 3  HOH HOH B . 
D 2 HOH 3  303 7  HOH HOH B . 
D 2 HOH 4  304 9  HOH HOH B . 
D 2 HOH 5  305 10 HOH HOH B . 
D 2 HOH 6  306 11 HOH HOH B . 
D 2 HOH 7  307 12 HOH HOH B . 
D 2 HOH 8  308 15 HOH HOH B . 
D 2 HOH 9  309 16 HOH HOH B . 
D 2 HOH 10 310 17 HOH HOH B . 
D 2 HOH 11 311 18 HOH HOH B . 
D 2 HOH 12 312 19 HOH HOH B . 
D 2 HOH 13 313 20 HOH HOH B . 
D 2 HOH 14 314 22 HOH HOH B . 
D 2 HOH 15 315 23 HOH HOH B . 
D 2 HOH 16 316 24 HOH HOH B . 
D 2 HOH 17 317 25 HOH HOH B . 
D 2 HOH 18 318 28 HOH HOH B . 
D 2 HOH 19 319 31 HOH HOH B . 
D 2 HOH 20 320 32 HOH HOH B . 
D 2 HOH 21 321 33 HOH HOH B . 
D 2 HOH 22 322 36 HOH HOH B . 
D 2 HOH 23 323 37 HOH HOH B . 
D 2 HOH 24 324 39 HOH HOH B . 
D 2 HOH 25 325 40 HOH HOH B . 
D 2 HOH 26 326 42 HOH HOH B . 
D 2 HOH 27 327 43 HOH HOH B . 
D 2 HOH 28 328 44 HOH HOH B . 
D 2 HOH 29 329 45 HOH HOH B . 
D 2 HOH 30 330 50 HOH HOH B . 
D 2 HOH 31 331 51 HOH HOH B . 
D 2 HOH 32 332 58 HOH HOH B . 
D 2 HOH 33 333 62 HOH HOH B . 
D 2 HOH 34 334 63 HOH HOH B . 
D 2 HOH 35 335 65 HOH HOH B . 
D 2 HOH 36 336 66 HOH HOH B . 
D 2 HOH 37 337 73 HOH HOH B . 
D 2 HOH 38 338 74 HOH HOH B . 
D 2 HOH 39 339 75 HOH HOH B . 
D 2 HOH 40 340 76 HOH HOH B . 
D 2 HOH 41 341 77 HOH HOH B . 
D 2 HOH 42 342 78 HOH HOH B . 
D 2 HOH 43 343 79 HOH HOH B . 
# 
_pdbx_struct_assembly.id                   1 
_pdbx_struct_assembly.details              author_and_software_defined_assembly 
_pdbx_struct_assembly.method_details       PISA 
_pdbx_struct_assembly.oligomeric_details   dimeric 
_pdbx_struct_assembly.oligomeric_count     2 
# 
_pdbx_struct_assembly_gen.assembly_id       1 
_pdbx_struct_assembly_gen.oper_expression   1 
_pdbx_struct_assembly_gen.asym_id_list      A,B,C,D 
# 
loop_
_pdbx_struct_assembly_prop.biol_id 
_pdbx_struct_assembly_prop.type 
_pdbx_struct_assembly_prop.value 
_pdbx_struct_assembly_prop.details 
1 'ABSA (A^2)' 970  ? 
1 MORE         -2   ? 
1 'SSA (A^2)'  3770 ? 
# 
_pdbx_struct_oper_list.id                   1 
_pdbx_struct_oper_list.type                 'identity operation' 
_pdbx_struct_oper_list.name                 1_555 
_pdbx_struct_oper_list.symmetry_operation   x,y,z 
_pdbx_struct_oper_list.matrix[1][1]         1.0000000000 
_pdbx_struct_oper_list.matrix[1][2]         0.0000000000 
_pdbx_struct_oper_list.matrix[1][3]         0.0000000000 
_pdbx_struct_oper_list.vector[1]            0.0000000000 
_pdbx_struct_oper_list.matrix[2][1]         0.0000000000 
_pdbx_struct_oper_list.matrix[2][2]         1.0000000000 
_pdbx_struct_oper_list.matrix[2][3]         0.0000000000 
_pdbx_struct_oper_list.vector[2]            0.0000000000 
_pdbx_struct_oper_list.matrix[3][1]         0.0000000000 
_pdbx_struct_oper_list.matrix[3][2]         0.0000000000 
_pdbx_struct_oper_list.matrix[3][3]         1.0000000000 
_pdbx_struct_oper_list.vector[3]            0.0000000000 
# 
loop_
_pdbx_audit_revision_history.ordinal 
_pdbx_audit_revision_history.data_content_type 
_pdbx_audit_revision_history.major_revision 
_pdbx_audit_revision_history.minor_revision 
_pdbx_audit_revision_history.revision_date 
1 'Structure model' 1 0 2012-02-08 
2 'Structure model' 1 1 2023-09-13 
# 
_pdbx_audit_revision_details.ordinal             1 
_pdbx_audit_revision_details.revision_ordinal    1 
_pdbx_audit_revision_details.data_content_type   'Structure model' 
_pdbx_audit_revision_details.provider            repository 
_pdbx_audit_revision_details.type                'Initial release' 
_pdbx_audit_revision_details.description         ? 
_pdbx_audit_revision_details.details             ? 
# 
loop_
_pdbx_audit_revision_group.ordinal 
_pdbx_audit_revision_group.revision_ordinal 
_pdbx_audit_revision_group.data_content_type 
_pdbx_audit_revision_group.group 
1 2 'Structure model' 'Data collection'        
2 2 'Structure model' 'Database references'    
3 2 'Structure model' 'Derived calculations'   
4 2 'Structure model' 'Refinement description' 
# 
loop_
_pdbx_audit_revision_category.ordinal 
_pdbx_audit_revision_category.revision_ordinal 
_pdbx_audit_revision_category.data_content_type 
_pdbx_audit_revision_category.category 
1 2 'Structure model' chem_comp_atom                
2 2 'Structure model' chem_comp_bond                
3 2 'Structure model' database_2                    
4 2 'Structure model' pdbx_initial_refinement_model 
5 2 'Structure model' struct_conn                   
# 
loop_
_pdbx_audit_revision_item.ordinal 
_pdbx_audit_revision_item.revision_ordinal 
_pdbx_audit_revision_item.data_content_type 
_pdbx_audit_revision_item.item 
1 2 'Structure model' '_database_2.pdbx_DOI'                
2 2 'Structure model' '_database_2.pdbx_database_accession' 
3 2 'Structure model' '_struct_conn.pdbx_leaving_atom_flag' 
# 
loop_
_software.name 
_software.classification 
_software.version 
_software.citation_id 
_software.pdbx_ordinal 
MD2      'data collection' 'diffractometer software from EMBL (with LS-CAT developed extensions)' ? 1 
CCP4     'model building'  .                                                                      ? 2 
MOLREP   phasing           .                                                                      ? 3 
REFMAC   refinement        5.5.0109                                                               ? 4 
HKL-2000 'data reduction'  .                                                                      ? 5 
HKL-2000 'data scaling'    .                                                                      ? 6 
CCP4     phasing           .                                                                      ? 7 
# 
loop_
_pdbx_validate_rmsd_bond.id 
_pdbx_validate_rmsd_bond.PDB_model_num 
_pdbx_validate_rmsd_bond.auth_atom_id_1 
_pdbx_validate_rmsd_bond.auth_asym_id_1 
_pdbx_validate_rmsd_bond.auth_comp_id_1 
_pdbx_validate_rmsd_bond.auth_seq_id_1 
_pdbx_validate_rmsd_bond.PDB_ins_code_1 
_pdbx_validate_rmsd_bond.label_alt_id_1 
_pdbx_validate_rmsd_bond.auth_atom_id_2 
_pdbx_validate_rmsd_bond.auth_asym_id_2 
_pdbx_validate_rmsd_bond.auth_comp_id_2 
_pdbx_validate_rmsd_bond.auth_seq_id_2 
_pdbx_validate_rmsd_bond.PDB_ins_code_2 
_pdbx_validate_rmsd_bond.label_alt_id_2 
_pdbx_validate_rmsd_bond.bond_value 
_pdbx_validate_rmsd_bond.bond_target_value 
_pdbx_validate_rmsd_bond.bond_deviation 
_pdbx_validate_rmsd_bond.bond_standard_deviation 
_pdbx_validate_rmsd_bond.linker_flag 
1 1 C5    A DG 101 ? ? N7    A DG 101 ? ? 1.436 1.388 0.048 0.006 N 
2 1 "C5'" A DG 103 ? ? "C4'" A DG 103 ? ? 1.558 1.512 0.046 0.007 N 
3 1 C5    A DG 109 ? ? N7    A DG 109 ? ? 1.436 1.388 0.048 0.006 N 
4 1 N7    B DG 201 ? ? C8    B DG 201 ? ? 1.352 1.305 0.047 0.006 N 
5 1 "O5'" B DG 203 ? ? "C5'" B DG 203 ? ? 1.539 1.440 0.099 0.016 N 
6 1 C5    B DG 203 ? ? N7    B DG 203 ? ? 1.424 1.388 0.036 0.006 N 
7 1 N9    B DG 203 ? ? C4    B DG 203 ? ? 1.433 1.375 0.058 0.008 N 
8 1 "O4'" B DC 210 ? ? "C4'" B DC 210 ? ? 1.509 1.449 0.060 0.009 N 
# 
loop_
_pdbx_validate_rmsd_angle.id 
_pdbx_validate_rmsd_angle.PDB_model_num 
_pdbx_validate_rmsd_angle.auth_atom_id_1 
_pdbx_validate_rmsd_angle.auth_asym_id_1 
_pdbx_validate_rmsd_angle.auth_comp_id_1 
_pdbx_validate_rmsd_angle.auth_seq_id_1 
_pdbx_validate_rmsd_angle.PDB_ins_code_1 
_pdbx_validate_rmsd_angle.label_alt_id_1 
_pdbx_validate_rmsd_angle.auth_atom_id_2 
_pdbx_validate_rmsd_angle.auth_asym_id_2 
_pdbx_validate_rmsd_angle.auth_comp_id_2 
_pdbx_validate_rmsd_angle.auth_seq_id_2 
_pdbx_validate_rmsd_angle.PDB_ins_code_2 
_pdbx_validate_rmsd_angle.label_alt_id_2 
_pdbx_validate_rmsd_angle.auth_atom_id_3 
_pdbx_validate_rmsd_angle.auth_asym_id_3 
_pdbx_validate_rmsd_angle.auth_comp_id_3 
_pdbx_validate_rmsd_angle.auth_seq_id_3 
_pdbx_validate_rmsd_angle.PDB_ins_code_3 
_pdbx_validate_rmsd_angle.label_alt_id_3 
_pdbx_validate_rmsd_angle.angle_value 
_pdbx_validate_rmsd_angle.angle_target_value 
_pdbx_validate_rmsd_angle.angle_deviation 
_pdbx_validate_rmsd_angle.angle_standard_deviation 
_pdbx_validate_rmsd_angle.linker_flag 
1  1 C6    A DC 102 ? ? N1    A DC  102 ? ? C2    A DC  102 ? ? 117.55 120.30 -2.75  0.40 N 
2  1 N1    A DC 102 ? ? C2    A DC  102 ? ? O2    A DC  102 ? ? 113.06 118.90 -5.84  0.60 N 
3  1 C5    A DC 102 ? ? C4    A DC  102 ? ? N4    A DC  102 ? ? 124.45 120.20 4.25   0.70 N 
4  1 C4    A DG 103 ? ? C5    A DG  103 ? ? N7    A DG  103 ? ? 108.36 110.80 -2.44  0.40 N 
5  1 "O5'" A DT 104 ? ? "C5'" A DT  104 ? ? "C4'" A DT  104 ? ? 104.12 109.40 -5.28  0.80 N 
6  1 "O4'" A DA 105 ? ? "C4'" A DA  105 ? ? "C3'" A DA  105 ? ? 100.35 104.50 -4.15  0.40 N 
7  1 N1    A DA 105 ? ? C2    A DA  105 ? ? N3    A DA  105 ? ? 126.20 129.30 -3.10  0.50 N 
8  1 C2    A DA 105 ? ? N3    A DA  105 ? ? C4    A DA  105 ? ? 114.12 110.60 3.52   0.50 N 
9  1 "O3'" A DA 105 ? ? P     A F6H 106 ? ? "O5'" A F6H 106 ? ? 71.16  104.00 -32.84 1.90 Y 
10 1 N1    A DA 107 ? ? C2    A DA  107 ? ? N3    A DA  107 ? ? 124.48 129.30 -4.82  0.50 N 
11 1 C4    A DA 107 ? ? C5    A DA  107 ? ? N7    A DA  107 ? ? 114.11 110.70 3.41   0.50 N 
12 1 "O4'" A DC 108 ? ? "C4'" A DC  108 ? ? "C3'" A DC  108 ? ? 101.29 104.50 -3.21  0.40 N 
13 1 C2    A DC 108 ? ? N3    A DC  108 ? ? C4    A DC  108 ? ? 125.31 119.90 5.41   0.50 N 
14 1 N3    A DC 108 ? ? C4    A DC  108 ? ? C5    A DC  108 ? ? 118.33 121.90 -3.57  0.40 N 
15 1 C5    A DC 108 ? ? C6    A DC  108 ? ? N1    A DC  108 ? ? 124.08 121.00 3.08   0.50 N 
16 1 "O4'" A DG 109 ? ? "C4'" A DG  109 ? ? "C3'" A DG  109 ? ? 99.94  104.50 -4.56  0.40 N 
17 1 C4    A DG 109 ? ? C5    A DG  109 ? ? N7    A DG  109 ? ? 107.76 110.80 -3.04  0.40 N 
18 1 N9    A DG 109 ? ? C4    A DG  109 ? ? C5    A DG  109 ? ? 108.87 105.40 3.47   0.40 N 
19 1 C6    A DC 110 ? ? N1    A DC  110 ? ? C2    A DC  110 ? ? 122.80 120.30 2.50   0.40 N 
20 1 C5    A DC 110 ? ? C6    A DC  110 ? ? N1    A DC  110 ? ? 117.35 121.00 -3.65  0.50 N 
21 1 "O4'" B DG 201 ? ? "C1'" B DG  201 ? ? "C2'" B DG  201 ? ? 110.16 106.80 3.36   0.50 N 
22 1 "O4'" B DG 203 ? ? "C1'" B DG  203 ? ? "C2'" B DG  203 ? ? 110.66 106.80 3.86   0.50 N 
23 1 "C3'" B DT 204 ? ? "C2'" B DT  204 ? ? "C1'" B DT  204 ? ? 97.39  102.40 -5.01  0.80 N 
24 1 "O3'" B DA 205 ? ? P     B F6H 206 ? ? "O5'" B F6H 206 ? ? 75.26  104.00 -28.74 1.90 Y 
25 1 "C4'" B DA 207 ? ? "C3'" B DA  207 ? ? "C2'" B DA  207 ? ? 97.20  102.20 -5.00  0.70 N 
26 1 N1    B DA 207 ? ? C2    B DA  207 ? ? N3    B DA  207 ? ? 126.04 129.30 -3.26  0.50 N 
27 1 N7    B DA 207 ? ? C8    B DA  207 ? ? N9    B DA  207 ? ? 110.28 113.80 -3.52  0.50 N 
28 1 "O4'" B DG 209 ? ? "C4'" B DG  209 ? ? "C3'" B DG  209 ? ? 102.08 104.50 -2.42  0.40 N 
29 1 C2    B DG 209 ? ? N3    B DG  209 ? ? C4    B DG  209 ? ? 115.49 111.90 3.59   0.50 N 
30 1 N3    B DC 210 ? ? C4    B DC  210 ? ? C5    B DC  210 ? ? 126.60 121.90 4.70   0.40 N 
31 1 C4    B DC 210 ? ? C5    B DC  210 ? ? C6    B DC  210 ? ? 112.23 117.40 -5.17  0.50 N 
# 
_pdbx_validate_planes.id              1 
_pdbx_validate_planes.PDB_model_num   1 
_pdbx_validate_planes.auth_comp_id    DG 
_pdbx_validate_planes.auth_asym_id    B 
_pdbx_validate_planes.auth_seq_id     209 
_pdbx_validate_planes.PDB_ins_code    ? 
_pdbx_validate_planes.label_alt_id    ? 
_pdbx_validate_planes.rmsd            0.054 
_pdbx_validate_planes.type            'SIDE CHAIN' 
# 
loop_
_chem_comp_atom.comp_id 
_chem_comp_atom.atom_id 
_chem_comp_atom.type_symbol 
_chem_comp_atom.pdbx_aromatic_flag 
_chem_comp_atom.pdbx_stereo_config 
_chem_comp_atom.pdbx_ordinal 
DA  OP3    O N N 1   
DA  P      P N N 2   
DA  OP1    O N N 3   
DA  OP2    O N N 4   
DA  "O5'"  O N N 5   
DA  "C5'"  C N N 6   
DA  "C4'"  C N R 7   
DA  "O4'"  O N N 8   
DA  "C3'"  C N S 9   
DA  "O3'"  O N N 10  
DA  "C2'"  C N N 11  
DA  "C1'"  C N R 12  
DA  N9     N Y N 13  
DA  C8     C Y N 14  
DA  N7     N Y N 15  
DA  C5     C Y N 16  
DA  C6     C Y N 17  
DA  N6     N N N 18  
DA  N1     N Y N 19  
DA  C2     C Y N 20  
DA  N3     N Y N 21  
DA  C4     C Y N 22  
DA  HOP3   H N N 23  
DA  HOP2   H N N 24  
DA  "H5'"  H N N 25  
DA  "H5''" H N N 26  
DA  "H4'"  H N N 27  
DA  "H3'"  H N N 28  
DA  "HO3'" H N N 29  
DA  "H2'"  H N N 30  
DA  "H2''" H N N 31  
DA  "H1'"  H N N 32  
DA  H8     H N N 33  
DA  H61    H N N 34  
DA  H62    H N N 35  
DA  H2     H N N 36  
DC  OP3    O N N 37  
DC  P      P N N 38  
DC  OP1    O N N 39  
DC  OP2    O N N 40  
DC  "O5'"  O N N 41  
DC  "C5'"  C N N 42  
DC  "C4'"  C N R 43  
DC  "O4'"  O N N 44  
DC  "C3'"  C N S 45  
DC  "O3'"  O N N 46  
DC  "C2'"  C N N 47  
DC  "C1'"  C N R 48  
DC  N1     N N N 49  
DC  C2     C N N 50  
DC  O2     O N N 51  
DC  N3     N N N 52  
DC  C4     C N N 53  
DC  N4     N N N 54  
DC  C5     C N N 55  
DC  C6     C N N 56  
DC  HOP3   H N N 57  
DC  HOP2   H N N 58  
DC  "H5'"  H N N 59  
DC  "H5''" H N N 60  
DC  "H4'"  H N N 61  
DC  "H3'"  H N N 62  
DC  "HO3'" H N N 63  
DC  "H2'"  H N N 64  
DC  "H2''" H N N 65  
DC  "H1'"  H N N 66  
DC  H41    H N N 67  
DC  H42    H N N 68  
DC  H5     H N N 69  
DC  H6     H N N 70  
DG  OP3    O N N 71  
DG  P      P N N 72  
DG  OP1    O N N 73  
DG  OP2    O N N 74  
DG  "O5'"  O N N 75  
DG  "C5'"  C N N 76  
DG  "C4'"  C N R 77  
DG  "O4'"  O N N 78  
DG  "C3'"  C N S 79  
DG  "O3'"  O N N 80  
DG  "C2'"  C N N 81  
DG  "C1'"  C N R 82  
DG  N9     N Y N 83  
DG  C8     C Y N 84  
DG  N7     N Y N 85  
DG  C5     C Y N 86  
DG  C6     C N N 87  
DG  O6     O N N 88  
DG  N1     N N N 89  
DG  C2     C N N 90  
DG  N2     N N N 91  
DG  N3     N N N 92  
DG  C4     C Y N 93  
DG  HOP3   H N N 94  
DG  HOP2   H N N 95  
DG  "H5'"  H N N 96  
DG  "H5''" H N N 97  
DG  "H4'"  H N N 98  
DG  "H3'"  H N N 99  
DG  "HO3'" H N N 100 
DG  "H2'"  H N N 101 
DG  "H2''" H N N 102 
DG  "H1'"  H N N 103 
DG  H8     H N N 104 
DG  H1     H N N 105 
DG  H21    H N N 106 
DG  H22    H N N 107 
DT  OP3    O N N 108 
DT  P      P N N 109 
DT  OP1    O N N 110 
DT  OP2    O N N 111 
DT  "O5'"  O N N 112 
DT  "C5'"  C N N 113 
DT  "C4'"  C N R 114 
DT  "O4'"  O N N 115 
DT  "C3'"  C N S 116 
DT  "O3'"  O N N 117 
DT  "C2'"  C N N 118 
DT  "C1'"  C N R 119 
DT  N1     N N N 120 
DT  C2     C N N 121 
DT  O2     O N N 122 
DT  N3     N N N 123 
DT  C4     C N N 124 
DT  O4     O N N 125 
DT  C5     C N N 126 
DT  C7     C N N 127 
DT  C6     C N N 128 
DT  HOP3   H N N 129 
DT  HOP2   H N N 130 
DT  "H5'"  H N N 131 
DT  "H5''" H N N 132 
DT  "H4'"  H N N 133 
DT  "H3'"  H N N 134 
DT  "HO3'" H N N 135 
DT  "H2'"  H N N 136 
DT  "H2''" H N N 137 
DT  "H1'"  H N N 138 
DT  H3     H N N 139 
DT  H71    H N N 140 
DT  H72    H N N 141 
DT  H73    H N N 142 
DT  H6     H N N 143 
F6H P      P N N 144 
F6H N1     N N N 145 
F6H C2     C N N 146 
F6H O2     O N N 147 
F6H N3     N N N 148 
F6H C4     C N N 149 
F6H O4     O N N 150 
F6H C5     C N N 151 
F6H C6     C N N 152 
F6H C7     C N N 153 
F6H "C1'"  C N N 154 
F6H "C2'"  C N R 155 
F6H "C3'"  C N S 156 
F6H "F3'"  F N N 157 
F6H "C4'"  C N R 158 
F6H "O4'"  O N N 159 
F6H "C5'"  C N S 160 
F6H "O5'"  O N N 161 
F6H "C6'"  C N R 162 
F6H "O6'"  O N N 163 
F6H "C7'"  C N N 164 
F6H OP1    O N N 165 
F6H OP2    O N N 166 
F6H OP3    O N N 167 
F6H HN3    H N N 168 
F6H H6     H N N 169 
F6H H7     H N N 170 
F6H H7A    H N N 171 
F6H H7B    H N N 172 
F6H "H1'"  H N N 173 
F6H "H1'A" H N N 174 
F6H "H2'"  H N N 175 
F6H "H3'"  H N N 176 
F6H "H4'"  H N N 177 
F6H "HO4'" H N N 178 
F6H "H5'"  H N N 179 
F6H "H6'"  H N N 180 
F6H "H7'"  H N N 181 
F6H "H7'A" H N N 182 
F6H "H7'B" H N N 183 
F6H HOP1   H N N 184 
F6H HOP3   H N N 185 
HOH O      O N N 186 
HOH H1     H N N 187 
HOH H2     H N N 188 
# 
loop_
_chem_comp_bond.comp_id 
_chem_comp_bond.atom_id_1 
_chem_comp_bond.atom_id_2 
_chem_comp_bond.value_order 
_chem_comp_bond.pdbx_aromatic_flag 
_chem_comp_bond.pdbx_stereo_config 
_chem_comp_bond.pdbx_ordinal 
DA  OP3   P      sing N N 1   
DA  OP3   HOP3   sing N N 2   
DA  P     OP1    doub N N 3   
DA  P     OP2    sing N N 4   
DA  P     "O5'"  sing N N 5   
DA  OP2   HOP2   sing N N 6   
DA  "O5'" "C5'"  sing N N 7   
DA  "C5'" "C4'"  sing N N 8   
DA  "C5'" "H5'"  sing N N 9   
DA  "C5'" "H5''" sing N N 10  
DA  "C4'" "O4'"  sing N N 11  
DA  "C4'" "C3'"  sing N N 12  
DA  "C4'" "H4'"  sing N N 13  
DA  "O4'" "C1'"  sing N N 14  
DA  "C3'" "O3'"  sing N N 15  
DA  "C3'" "C2'"  sing N N 16  
DA  "C3'" "H3'"  sing N N 17  
DA  "O3'" "HO3'" sing N N 18  
DA  "C2'" "C1'"  sing N N 19  
DA  "C2'" "H2'"  sing N N 20  
DA  "C2'" "H2''" sing N N 21  
DA  "C1'" N9     sing N N 22  
DA  "C1'" "H1'"  sing N N 23  
DA  N9    C8     sing Y N 24  
DA  N9    C4     sing Y N 25  
DA  C8    N7     doub Y N 26  
DA  C8    H8     sing N N 27  
DA  N7    C5     sing Y N 28  
DA  C5    C6     sing Y N 29  
DA  C5    C4     doub Y N 30  
DA  C6    N6     sing N N 31  
DA  C6    N1     doub Y N 32  
DA  N6    H61    sing N N 33  
DA  N6    H62    sing N N 34  
DA  N1    C2     sing Y N 35  
DA  C2    N3     doub Y N 36  
DA  C2    H2     sing N N 37  
DA  N3    C4     sing Y N 38  
DC  OP3   P      sing N N 39  
DC  OP3   HOP3   sing N N 40  
DC  P     OP1    doub N N 41  
DC  P     OP2    sing N N 42  
DC  P     "O5'"  sing N N 43  
DC  OP2   HOP2   sing N N 44  
DC  "O5'" "C5'"  sing N N 45  
DC  "C5'" "C4'"  sing N N 46  
DC  "C5'" "H5'"  sing N N 47  
DC  "C5'" "H5''" sing N N 48  
DC  "C4'" "O4'"  sing N N 49  
DC  "C4'" "C3'"  sing N N 50  
DC  "C4'" "H4'"  sing N N 51  
DC  "O4'" "C1'"  sing N N 52  
DC  "C3'" "O3'"  sing N N 53  
DC  "C3'" "C2'"  sing N N 54  
DC  "C3'" "H3'"  sing N N 55  
DC  "O3'" "HO3'" sing N N 56  
DC  "C2'" "C1'"  sing N N 57  
DC  "C2'" "H2'"  sing N N 58  
DC  "C2'" "H2''" sing N N 59  
DC  "C1'" N1     sing N N 60  
DC  "C1'" "H1'"  sing N N 61  
DC  N1    C2     sing N N 62  
DC  N1    C6     sing N N 63  
DC  C2    O2     doub N N 64  
DC  C2    N3     sing N N 65  
DC  N3    C4     doub N N 66  
DC  C4    N4     sing N N 67  
DC  C4    C5     sing N N 68  
DC  N4    H41    sing N N 69  
DC  N4    H42    sing N N 70  
DC  C5    C6     doub N N 71  
DC  C5    H5     sing N N 72  
DC  C6    H6     sing N N 73  
DG  OP3   P      sing N N 74  
DG  OP3   HOP3   sing N N 75  
DG  P     OP1    doub N N 76  
DG  P     OP2    sing N N 77  
DG  P     "O5'"  sing N N 78  
DG  OP2   HOP2   sing N N 79  
DG  "O5'" "C5'"  sing N N 80  
DG  "C5'" "C4'"  sing N N 81  
DG  "C5'" "H5'"  sing N N 82  
DG  "C5'" "H5''" sing N N 83  
DG  "C4'" "O4'"  sing N N 84  
DG  "C4'" "C3'"  sing N N 85  
DG  "C4'" "H4'"  sing N N 86  
DG  "O4'" "C1'"  sing N N 87  
DG  "C3'" "O3'"  sing N N 88  
DG  "C3'" "C2'"  sing N N 89  
DG  "C3'" "H3'"  sing N N 90  
DG  "O3'" "HO3'" sing N N 91  
DG  "C2'" "C1'"  sing N N 92  
DG  "C2'" "H2'"  sing N N 93  
DG  "C2'" "H2''" sing N N 94  
DG  "C1'" N9     sing N N 95  
DG  "C1'" "H1'"  sing N N 96  
DG  N9    C8     sing Y N 97  
DG  N9    C4     sing Y N 98  
DG  C8    N7     doub Y N 99  
DG  C8    H8     sing N N 100 
DG  N7    C5     sing Y N 101 
DG  C5    C6     sing N N 102 
DG  C5    C4     doub Y N 103 
DG  C6    O6     doub N N 104 
DG  C6    N1     sing N N 105 
DG  N1    C2     sing N N 106 
DG  N1    H1     sing N N 107 
DG  C2    N2     sing N N 108 
DG  C2    N3     doub N N 109 
DG  N2    H21    sing N N 110 
DG  N2    H22    sing N N 111 
DG  N3    C4     sing N N 112 
DT  OP3   P      sing N N 113 
DT  OP3   HOP3   sing N N 114 
DT  P     OP1    doub N N 115 
DT  P     OP2    sing N N 116 
DT  P     "O5'"  sing N N 117 
DT  OP2   HOP2   sing N N 118 
DT  "O5'" "C5'"  sing N N 119 
DT  "C5'" "C4'"  sing N N 120 
DT  "C5'" "H5'"  sing N N 121 
DT  "C5'" "H5''" sing N N 122 
DT  "C4'" "O4'"  sing N N 123 
DT  "C4'" "C3'"  sing N N 124 
DT  "C4'" "H4'"  sing N N 125 
DT  "O4'" "C1'"  sing N N 126 
DT  "C3'" "O3'"  sing N N 127 
DT  "C3'" "C2'"  sing N N 128 
DT  "C3'" "H3'"  sing N N 129 
DT  "O3'" "HO3'" sing N N 130 
DT  "C2'" "C1'"  sing N N 131 
DT  "C2'" "H2'"  sing N N 132 
DT  "C2'" "H2''" sing N N 133 
DT  "C1'" N1     sing N N 134 
DT  "C1'" "H1'"  sing N N 135 
DT  N1    C2     sing N N 136 
DT  N1    C6     sing N N 137 
DT  C2    O2     doub N N 138 
DT  C2    N3     sing N N 139 
DT  N3    C4     sing N N 140 
DT  N3    H3     sing N N 141 
DT  C4    O4     doub N N 142 
DT  C4    C5     sing N N 143 
DT  C5    C7     sing N N 144 
DT  C5    C6     doub N N 145 
DT  C7    H71    sing N N 146 
DT  C7    H72    sing N N 147 
DT  C7    H73    sing N N 148 
DT  C6    H6     sing N N 149 
F6H OP3   P      sing N N 150 
F6H OP1   P      sing N N 151 
F6H P     "O6'"  sing N N 152 
F6H P     OP2    doub N N 153 
F6H "C2'" N1     sing N N 154 
F6H N1    C6     sing N N 155 
F6H N1    C2     sing N N 156 
F6H C2    O2     doub N N 157 
F6H C2    N3     sing N N 158 
F6H N3    C4     sing N N 159 
F6H N3    HN3    sing N N 160 
F6H C5    C4     sing N N 161 
F6H C4    O4     doub N N 162 
F6H C6    C5     doub N N 163 
F6H C5    C7     sing N N 164 
F6H C6    H6     sing N N 165 
F6H C7    H7     sing N N 166 
F6H C7    H7A    sing N N 167 
F6H C7    H7B    sing N N 168 
F6H "O5'" "C1'"  sing N N 169 
F6H "C1'" "C2'"  sing N N 170 
F6H "C1'" "H1'"  sing N N 171 
F6H "C1'" "H1'A" sing N N 172 
F6H "C2'" "C3'"  sing N N 173 
F6H "C2'" "H2'"  sing N N 174 
F6H "F3'" "C3'"  sing N N 175 
F6H "C4'" "C3'"  sing N N 176 
F6H "C3'" "H3'"  sing N N 177 
F6H "C5'" "C4'"  sing N N 178 
F6H "C4'" "O4'"  sing N N 179 
F6H "C4'" "H4'"  sing N N 180 
F6H "O4'" "HO4'" sing N N 181 
F6H "C6'" "C5'"  sing N N 182 
F6H "O5'" "C5'"  sing N N 183 
F6H "C5'" "H5'"  sing N N 184 
F6H "C7'" "C6'"  sing N N 185 
F6H "C6'" "O6'"  sing N N 186 
F6H "C6'" "H6'"  sing N N 187 
F6H "C7'" "H7'"  sing N N 188 
F6H "C7'" "H7'A" sing N N 189 
F6H "C7'" "H7'B" sing N N 190 
F6H OP1   HOP1   sing N N 191 
F6H OP3   HOP3   sing N N 192 
HOH O     H1     sing N N 193 
HOH O     H2     sing N N 194 
# 
loop_
_ndb_struct_conf_na.entry_id 
_ndb_struct_conf_na.feature 
3V07 'a-form double helix' 
3V07 'internal loop'       
# 
loop_
_ndb_struct_na_base_pair.model_number 
_ndb_struct_na_base_pair.i_label_asym_id 
_ndb_struct_na_base_pair.i_label_comp_id 
_ndb_struct_na_base_pair.i_label_seq_id 
_ndb_struct_na_base_pair.i_symmetry 
_ndb_struct_na_base_pair.j_label_asym_id 
_ndb_struct_na_base_pair.j_label_comp_id 
_ndb_struct_na_base_pair.j_label_seq_id 
_ndb_struct_na_base_pair.j_symmetry 
_ndb_struct_na_base_pair.shear 
_ndb_struct_na_base_pair.stretch 
_ndb_struct_na_base_pair.stagger 
_ndb_struct_na_base_pair.buckle 
_ndb_struct_na_base_pair.propeller 
_ndb_struct_na_base_pair.opening 
_ndb_struct_na_base_pair.pair_number 
_ndb_struct_na_base_pair.pair_name 
_ndb_struct_na_base_pair.i_auth_asym_id 
_ndb_struct_na_base_pair.i_auth_seq_id 
_ndb_struct_na_base_pair.i_PDB_ins_code 
_ndb_struct_na_base_pair.j_auth_asym_id 
_ndb_struct_na_base_pair.j_auth_seq_id 
_ndb_struct_na_base_pair.j_PDB_ins_code 
_ndb_struct_na_base_pair.hbond_type_28 
_ndb_struct_na_base_pair.hbond_type_12 
1 A DG 1  1_555 B DC 10 1_555 -0.168 -0.132 0.000  1.591  -9.566  -1.963 1 A_DG101:DC210_B A 101 ? B 210 ? 19 1 
1 A DC 2  1_555 B DG 9  1_555 0.289  -0.075 -0.116 6.215  -10.276 2.916  2 A_DC102:DG209_B A 102 ? B 209 ? 19 1 
1 A DG 3  1_555 B DC 8  1_555 -0.316 -0.106 -0.012 -6.733 -16.035 1.416  3 A_DG103:DC208_B A 103 ? B 208 ? 19 1 
1 A DT 4  1_555 B DA 7  1_555 -0.161 -0.099 -0.087 -3.714 -16.138 -0.593 4 A_DT104:DA207_B A 104 ? B 207 ? 20 1 
1 A DA 7  1_555 B DT 4  1_555 0.127  -0.154 -0.012 -3.171 -20.171 -0.283 5 A_DA107:DT204_B A 107 ? B 204 ? 20 1 
1 A DC 8  1_555 B DG 3  1_555 0.251  -0.086 0.168  -2.384 -15.850 2.052  6 A_DC108:DG203_B A 108 ? B 203 ? 19 1 
1 A DG 9  1_555 B DC 2  1_555 -0.126 -0.131 -0.004 -4.574 -6.244  -0.153 7 A_DG109:DC202_B A 109 ? B 202 ? 19 1 
1 A DC 10 1_555 B DG 1  1_555 0.229  -0.113 -0.038 4.554  3.863   -1.154 8 A_DC110:DG201_B A 110 ? B 201 ? 19 1 
# 
loop_
_ndb_struct_na_base_pair_step.model_number 
_ndb_struct_na_base_pair_step.i_label_asym_id_1 
_ndb_struct_na_base_pair_step.i_label_comp_id_1 
_ndb_struct_na_base_pair_step.i_label_seq_id_1 
_ndb_struct_na_base_pair_step.i_symmetry_1 
_ndb_struct_na_base_pair_step.j_label_asym_id_1 
_ndb_struct_na_base_pair_step.j_label_comp_id_1 
_ndb_struct_na_base_pair_step.j_label_seq_id_1 
_ndb_struct_na_base_pair_step.j_symmetry_1 
_ndb_struct_na_base_pair_step.i_label_asym_id_2 
_ndb_struct_na_base_pair_step.i_label_comp_id_2 
_ndb_struct_na_base_pair_step.i_label_seq_id_2 
_ndb_struct_na_base_pair_step.i_symmetry_2 
_ndb_struct_na_base_pair_step.j_label_asym_id_2 
_ndb_struct_na_base_pair_step.j_label_comp_id_2 
_ndb_struct_na_base_pair_step.j_label_seq_id_2 
_ndb_struct_na_base_pair_step.j_symmetry_2 
_ndb_struct_na_base_pair_step.shift 
_ndb_struct_na_base_pair_step.slide 
_ndb_struct_na_base_pair_step.rise 
_ndb_struct_na_base_pair_step.tilt 
_ndb_struct_na_base_pair_step.roll 
_ndb_struct_na_base_pair_step.twist 
_ndb_struct_na_base_pair_step.x_displacement 
_ndb_struct_na_base_pair_step.y_displacement 
_ndb_struct_na_base_pair_step.helical_rise 
_ndb_struct_na_base_pair_step.inclination 
_ndb_struct_na_base_pair_step.tip 
_ndb_struct_na_base_pair_step.helical_twist 
_ndb_struct_na_base_pair_step.step_number 
_ndb_struct_na_base_pair_step.step_name 
_ndb_struct_na_base_pair_step.i_auth_asym_id_1 
_ndb_struct_na_base_pair_step.i_auth_seq_id_1 
_ndb_struct_na_base_pair_step.i_PDB_ins_code_1 
_ndb_struct_na_base_pair_step.j_auth_asym_id_1 
_ndb_struct_na_base_pair_step.j_auth_seq_id_1 
_ndb_struct_na_base_pair_step.j_PDB_ins_code_1 
_ndb_struct_na_base_pair_step.i_auth_asym_id_2 
_ndb_struct_na_base_pair_step.i_auth_seq_id_2 
_ndb_struct_na_base_pair_step.i_PDB_ins_code_2 
_ndb_struct_na_base_pair_step.j_auth_asym_id_2 
_ndb_struct_na_base_pair_step.j_auth_seq_id_2 
_ndb_struct_na_base_pair_step.j_PDB_ins_code_2 
1 A DG 1 1_555 B DC 10 1_555 A DC 2  1_555 B DG 9 1_555 0.592  -1.193 3.196 1.652  0.342  37.546 -1.895 -0.708 3.208 0.532  -2.565 
37.583 1 AA_DG101DC102:DG209DC210_BB A 101 ? B 210 ? A 102 ? B 209 ? 
1 A DC 2 1_555 B DG 9  1_555 A DG 3  1_555 B DC 8 1_555 -0.146 -1.896 3.570 -0.974 9.131  27.818 -5.736 0.077  2.822 18.370 1.959  
29.266 2 AA_DC102DG103:DC208DG209_BB A 102 ? B 209 ? A 103 ? B 208 ? 
1 A DG 3 1_555 B DC 8  1_555 A DT 4  1_555 B DA 7 1_555 -1.065 -1.448 3.137 -2.181 4.608  35.483 -2.976 1.436  2.990 7.512  3.555  
35.836 3 AA_DG103DT104:DA207DC208_BB A 103 ? B 208 ? A 104 ? B 207 ? 
1 A DA 7 1_555 B DT 4  1_555 A DC 8  1_555 B DG 3 1_555 0.947  -1.965 3.192 2.241  1.319  33.155 -3.648 -1.290 3.169 2.308  -3.919 
33.254 4 AA_DA107DC108:DG203DT204_BB A 107 ? B 204 ? A 108 ? B 203 ? 
1 A DC 8 1_555 B DG 3  1_555 A DG 9  1_555 B DC 2 1_555 -0.388 -2.041 3.221 1.481  8.179  24.883 -6.455 1.209  2.411 18.340 -3.320 
26.214 5 AA_DC108DG109:DC202DG203_BB A 108 ? B 203 ? A 109 ? B 202 ? 
1 A DG 9 1_555 B DC 2  1_555 A DC 10 1_555 B DG 1 1_555 -0.023 -1.543 3.254 -1.221 -1.903 35.224 -2.261 -0.143 3.329 -3.141 2.015  
35.294 6 AA_DG109DC110:DG201DC202_BB A 109 ? B 202 ? A 110 ? B 201 ? 
# 
_pdbx_entity_nonpoly.entity_id   2 
_pdbx_entity_nonpoly.name        water 
_pdbx_entity_nonpoly.comp_id     HOH 
# 
_pdbx_initial_refinement_model.id               1 
_pdbx_initial_refinement_model.entity_id_list   ? 
_pdbx_initial_refinement_model.type             'experimental model' 
_pdbx_initial_refinement_model.source_name      PDB 
_pdbx_initial_refinement_model.accession_code   3EY2 
_pdbx_initial_refinement_model.details          'PDB ENTRY 3EY2' 
# 
